data_6PRD
# 
_entry.id   6PRD 
# 
_audit_conform.dict_name       mmcif_pdbx.dic 
_audit_conform.dict_version    5.380 
_audit_conform.dict_location   http://mmcif.pdb.org/dictionaries/ascii/mmcif_pdbx.dic 
# 
loop_
_database_2.database_id 
_database_2.database_code 
_database_2.pdbx_database_accession 
_database_2.pdbx_DOI 
PDB   6PRD         pdb_00006prd 10.2210/pdb6prd/pdb 
WWPDB D_1000242902 ?            ?                   
# 
_pdbx_database_status.status_code                     REL 
_pdbx_database_status.status_code_sf                  REL 
_pdbx_database_status.status_code_mr                  ? 
_pdbx_database_status.entry_id                        6PRD 
_pdbx_database_status.recvd_initial_deposition_date   2019-07-10 
_pdbx_database_status.SG_entry                        N 
_pdbx_database_status.deposit_site                    RCSB 
_pdbx_database_status.process_site                    RCSB 
_pdbx_database_status.status_code_cs                  ? 
_pdbx_database_status.status_code_nmr_data            ? 
_pdbx_database_status.methods_development_category    ? 
_pdbx_database_status.pdb_format_compatible           Y 
# 
loop_
_audit_author.name 
_audit_author.pdbx_ordinal 
_audit_author.identifier_ORCID 
'Bourne, C.R.' 1 ? 
'Thomas, L.M.' 2 ? 
# 
_citation.abstract                  ? 
_citation.abstract_id_CAS           ? 
_citation.book_id_ISBN              ? 
_citation.book_publisher            ? 
_citation.book_publisher_city       ? 
_citation.book_title                ? 
_citation.coordinate_linkage        ? 
_citation.country                   FR 
_citation.database_id_Medline       ? 
_citation.details                   ? 
_citation.id                        primary 
_citation.journal_abbrev            Eur.J.Med.Chem. 
_citation.journal_id_ASTM           EJMCA5 
_citation.journal_id_CSD            0493 
_citation.journal_id_ISSN           0223-5234 
_citation.journal_full              ? 
_citation.journal_issue             ? 
_citation.journal_volume            200 
_citation.language                  ? 
_citation.page_first                112412 
_citation.page_last                 112412 
_citation.title                     
'Inhibitor design to target a unique feature in the folate pocket of Staphylococcus aureus dihydrofolate reductase.' 
_citation.year                      2020 
_citation.database_id_CSD           ? 
_citation.pdbx_database_id_DOI      10.1016/j.ejmech.2020.112412 
_citation.pdbx_database_id_PubMed   32502861 
_citation.unpublished_flag          ? 
# 
loop_
_citation_author.citation_id 
_citation_author.name 
_citation_author.ordinal 
_citation_author.identifier_ORCID 
primary 'Muddala, N.P.' 1 ? 
primary 'White, J.C.'   2 ? 
primary 'Nammalwar, B.' 3 ? 
primary 'Pratt, I.'     4 ? 
primary 'Thomas, L.M.'  5 ? 
primary 'Bunce, R.A.'   6 ? 
primary 'Berlin, K.D.'  7 ? 
primary 'Bourne, C.R.'  8 ? 
# 
_cell.angle_alpha                  90.000 
_cell.angle_alpha_esd              ? 
_cell.angle_beta                   90.000 
_cell.angle_beta_esd               ? 
_cell.angle_gamma                  120.000 
_cell.angle_gamma_esd              ? 
_cell.entry_id                     6PRD 
_cell.details                      ? 
_cell.formula_units_Z              ? 
_cell.length_a                     79.062 
_cell.length_a_esd                 ? 
_cell.length_b                     79.062 
_cell.length_b_esd                 ? 
_cell.length_c                     105.511 
_cell.length_c_esd                 ? 
_cell.volume                       ? 
_cell.volume_esd                   ? 
_cell.Z_PDB                        12 
_cell.reciprocal_angle_alpha       ? 
_cell.reciprocal_angle_beta        ? 
_cell.reciprocal_angle_gamma       ? 
_cell.reciprocal_angle_alpha_esd   ? 
_cell.reciprocal_angle_beta_esd    ? 
_cell.reciprocal_angle_gamma_esd   ? 
_cell.reciprocal_length_a          ? 
_cell.reciprocal_length_b          ? 
_cell.reciprocal_length_c          ? 
_cell.reciprocal_length_a_esd      ? 
_cell.reciprocal_length_b_esd      ? 
_cell.reciprocal_length_c_esd      ? 
_cell.pdbx_unique_axis             ? 
# 
_symmetry.entry_id                         6PRD 
_symmetry.cell_setting                     ? 
_symmetry.Int_Tables_number                178 
_symmetry.space_group_name_Hall            ? 
_symmetry.space_group_name_H-M             'P 61 2 2' 
_symmetry.pdbx_full_space_group_name_H-M   ? 
# 
loop_
_entity.id 
_entity.type 
_entity.src_method 
_entity.pdbx_description 
_entity.formula_weight 
_entity.pdbx_number_of_molecules 
_entity.pdbx_ec 
_entity.pdbx_mutation 
_entity.pdbx_fragment 
_entity.details 
1 polymer     man 'Dihydrofolate reductase' 18611.336 1   1.5.1.3 ? ? ? 
2 non-polymer syn GLYCEROL 92.094    2   ?       ? ? ? 
3 non-polymer syn 
;3-{5-[(2,4-diaminopyrimidin-5-yl)methyl]-2,3-dimethoxyphenyl}-1-[(1S)-6,7-dimethoxy-1-(4-methoxyphenyl)-3,4-dihydrophthalazin-2(1H)-yl]propan-1-one
;
614.691   1   ?       ? ? ? 
4 non-polymer syn 'NADP NICOTINAMIDE-ADENINE-DINUCLEOTIDE PHOSPHATE' 743.405   1   ?       ? ? ? 
5 water       nat water 18.015    128 ?       ? ? ? 
# 
_entity_name_com.entity_id   1 
_entity_name_com.name        DHFR 
# 
_entity_poly.entity_id                      1 
_entity_poly.type                           'polypeptide(L)' 
_entity_poly.nstd_linkage                   no 
_entity_poly.nstd_monomer                   no 
_entity_poly.pdbx_seq_one_letter_code       
;TLSILVAHDLQRVIGFENQLPWHLPNDLKHVKKLSTGHTLVMGRKTFESIGKPLPNRRNVVLTSDTSFNVEGVDVIHSIE
DIYQLPGHVFIFGGQTLFEEMIDKVDDMYITVIEGKFRGDTFFPPYTFEDWEVASSVEGKLDEKNTIPHTFLHLIRKKLV
PR
;
_entity_poly.pdbx_seq_one_letter_code_can   
;TLSILVAHDLQRVIGFENQLPWHLPNDLKHVKKLSTGHTLVMGRKTFESIGKPLPNRRNVVLTSDTSFNVEGVDVIHSIE
DIYQLPGHVFIFGGQTLFEEMIDKVDDMYITVIEGKFRGDTFFPPYTFEDWEVASSVEGKLDEKNTIPHTFLHLIRKKLV
PR
;
_entity_poly.pdbx_strand_id                 A 
_entity_poly.pdbx_target_identifier         ? 
# 
loop_
_entity_poly_seq.entity_id 
_entity_poly_seq.num 
_entity_poly_seq.mon_id 
_entity_poly_seq.hetero 
1 1   THR n 
1 2   LEU n 
1 3   SER n 
1 4   ILE n 
1 5   LEU n 
1 6   VAL n 
1 7   ALA n 
1 8   HIS n 
1 9   ASP n 
1 10  LEU n 
1 11  GLN n 
1 12  ARG n 
1 13  VAL n 
1 14  ILE n 
1 15  GLY n 
1 16  PHE n 
1 17  GLU n 
1 18  ASN n 
1 19  GLN n 
1 20  LEU n 
1 21  PRO n 
1 22  TRP n 
1 23  HIS n 
1 24  LEU n 
1 25  PRO n 
1 26  ASN n 
1 27  ASP n 
1 28  LEU n 
1 29  LYS n 
1 30  HIS n 
1 31  VAL n 
1 32  LYS n 
1 33  LYS n 
1 34  LEU n 
1 35  SER n 
1 36  THR n 
1 37  GLY n 
1 38  HIS n 
1 39  THR n 
1 40  LEU n 
1 41  VAL n 
1 42  MET n 
1 43  GLY n 
1 44  ARG n 
1 45  LYS n 
1 46  THR n 
1 47  PHE n 
1 48  GLU n 
1 49  SER n 
1 50  ILE n 
1 51  GLY n 
1 52  LYS n 
1 53  PRO n 
1 54  LEU n 
1 55  PRO n 
1 56  ASN n 
1 57  ARG n 
1 58  ARG n 
1 59  ASN n 
1 60  VAL n 
1 61  VAL n 
1 62  LEU n 
1 63  THR n 
1 64  SER n 
1 65  ASP n 
1 66  THR n 
1 67  SER n 
1 68  PHE n 
1 69  ASN n 
1 70  VAL n 
1 71  GLU n 
1 72  GLY n 
1 73  VAL n 
1 74  ASP n 
1 75  VAL n 
1 76  ILE n 
1 77  HIS n 
1 78  SER n 
1 79  ILE n 
1 80  GLU n 
1 81  ASP n 
1 82  ILE n 
1 83  TYR n 
1 84  GLN n 
1 85  LEU n 
1 86  PRO n 
1 87  GLY n 
1 88  HIS n 
1 89  VAL n 
1 90  PHE n 
1 91  ILE n 
1 92  PHE n 
1 93  GLY n 
1 94  GLY n 
1 95  GLN n 
1 96  THR n 
1 97  LEU n 
1 98  PHE n 
1 99  GLU n 
1 100 GLU n 
1 101 MET n 
1 102 ILE n 
1 103 ASP n 
1 104 LYS n 
1 105 VAL n 
1 106 ASP n 
1 107 ASP n 
1 108 MET n 
1 109 TYR n 
1 110 ILE n 
1 111 THR n 
1 112 VAL n 
1 113 ILE n 
1 114 GLU n 
1 115 GLY n 
1 116 LYS n 
1 117 PHE n 
1 118 ARG n 
1 119 GLY n 
1 120 ASP n 
1 121 THR n 
1 122 PHE n 
1 123 PHE n 
1 124 PRO n 
1 125 PRO n 
1 126 TYR n 
1 127 THR n 
1 128 PHE n 
1 129 GLU n 
1 130 ASP n 
1 131 TRP n 
1 132 GLU n 
1 133 VAL n 
1 134 ALA n 
1 135 SER n 
1 136 SER n 
1 137 VAL n 
1 138 GLU n 
1 139 GLY n 
1 140 LYS n 
1 141 LEU n 
1 142 ASP n 
1 143 GLU n 
1 144 LYS n 
1 145 ASN n 
1 146 THR n 
1 147 ILE n 
1 148 PRO n 
1 149 HIS n 
1 150 THR n 
1 151 PHE n 
1 152 LEU n 
1 153 HIS n 
1 154 LEU n 
1 155 ILE n 
1 156 ARG n 
1 157 LYS n 
1 158 LYS n 
1 159 LEU n 
1 160 VAL n 
1 161 PRO n 
1 162 ARG n 
# 
_entity_src_gen.entity_id                          1 
_entity_src_gen.pdbx_src_id                        1 
_entity_src_gen.pdbx_alt_source_flag               sample 
_entity_src_gen.pdbx_seq_type                      'Biological sequence' 
_entity_src_gen.pdbx_beg_seq_num                   1 
_entity_src_gen.pdbx_end_seq_num                   162 
_entity_src_gen.gene_src_common_name               ? 
_entity_src_gen.gene_src_genus                     ? 
_entity_src_gen.pdbx_gene_src_gene                 folA 
_entity_src_gen.gene_src_species                   ? 
_entity_src_gen.gene_src_strain                    ? 
_entity_src_gen.gene_src_tissue                    ? 
_entity_src_gen.gene_src_tissue_fraction           ? 
_entity_src_gen.gene_src_details                   ? 
_entity_src_gen.pdbx_gene_src_fragment             ? 
_entity_src_gen.pdbx_gene_src_scientific_name      'Staphylococcus aureus' 
_entity_src_gen.pdbx_gene_src_ncbi_taxonomy_id     1280 
_entity_src_gen.pdbx_gene_src_variant              ? 
_entity_src_gen.pdbx_gene_src_cell_line            ? 
_entity_src_gen.pdbx_gene_src_atcc                 ? 
_entity_src_gen.pdbx_gene_src_organ                ? 
_entity_src_gen.pdbx_gene_src_organelle            ? 
_entity_src_gen.pdbx_gene_src_cell                 ? 
_entity_src_gen.pdbx_gene_src_cellular_location    ? 
_entity_src_gen.host_org_common_name               ? 
_entity_src_gen.pdbx_host_org_scientific_name      'Escherichia coli' 
_entity_src_gen.pdbx_host_org_ncbi_taxonomy_id     562 
_entity_src_gen.host_org_genus                     ? 
_entity_src_gen.pdbx_host_org_gene                 ? 
_entity_src_gen.pdbx_host_org_organ                ? 
_entity_src_gen.host_org_species                   ? 
_entity_src_gen.pdbx_host_org_tissue               ? 
_entity_src_gen.pdbx_host_org_tissue_fraction      ? 
_entity_src_gen.pdbx_host_org_strain               ? 
_entity_src_gen.pdbx_host_org_variant              ? 
_entity_src_gen.pdbx_host_org_cell_line            ? 
_entity_src_gen.pdbx_host_org_atcc                 ? 
_entity_src_gen.pdbx_host_org_culture_collection   ? 
_entity_src_gen.pdbx_host_org_cell                 ? 
_entity_src_gen.pdbx_host_org_organelle            ? 
_entity_src_gen.pdbx_host_org_cellular_location    ? 
_entity_src_gen.pdbx_host_org_vector_type          ? 
_entity_src_gen.pdbx_host_org_vector               ? 
_entity_src_gen.host_org_details                   ? 
_entity_src_gen.expression_system_id               ? 
_entity_src_gen.plasmid_name                       ? 
_entity_src_gen.plasmid_details                    ? 
_entity_src_gen.pdbx_description                   ? 
# 
_struct_ref.id                         1 
_struct_ref.db_name                    UNP 
_struct_ref.db_code                    DYR_STAAU 
_struct_ref.pdbx_db_accession          P0A017 
_struct_ref.pdbx_db_isoform            ? 
_struct_ref.entity_id                  1 
_struct_ref.pdbx_seq_one_letter_code   
;TLSILVAHDLQRVIGFENQLPWHLPNDLKHVKKLSTGHTLVMGRKTFESIGKPLPNRRNVVLTSDTSFNVEGVDVIHSIE
DIYQLPGHVFIFGGQTLFEEMIDKVDDMYITVIEGKFRGDTFFPPYTFEDWEVASSVEGKLDEKNTIPHTFLHLIRKK
;
_struct_ref.pdbx_align_begin           2 
# 
_struct_ref_seq.align_id                      1 
_struct_ref_seq.ref_id                        1 
_struct_ref_seq.pdbx_PDB_id_code              6PRD 
_struct_ref_seq.pdbx_strand_id                A 
_struct_ref_seq.seq_align_beg                 1 
_struct_ref_seq.pdbx_seq_align_beg_ins_code   ? 
_struct_ref_seq.seq_align_end                 158 
_struct_ref_seq.pdbx_seq_align_end_ins_code   ? 
_struct_ref_seq.pdbx_db_accession             P0A017 
_struct_ref_seq.db_align_beg                  2 
_struct_ref_seq.pdbx_db_align_beg_ins_code    ? 
_struct_ref_seq.db_align_end                  159 
_struct_ref_seq.pdbx_db_align_end_ins_code    ? 
_struct_ref_seq.pdbx_auth_seq_align_beg       1 
_struct_ref_seq.pdbx_auth_seq_align_end       158 
# 
loop_
_struct_ref_seq_dif.align_id 
_struct_ref_seq_dif.pdbx_pdb_id_code 
_struct_ref_seq_dif.mon_id 
_struct_ref_seq_dif.pdbx_pdb_strand_id 
_struct_ref_seq_dif.seq_num 
_struct_ref_seq_dif.pdbx_pdb_ins_code 
_struct_ref_seq_dif.pdbx_seq_db_name 
_struct_ref_seq_dif.pdbx_seq_db_accession_code 
_struct_ref_seq_dif.db_mon_id 
_struct_ref_seq_dif.pdbx_seq_db_seq_num 
_struct_ref_seq_dif.details 
_struct_ref_seq_dif.pdbx_auth_seq_num 
_struct_ref_seq_dif.pdbx_ordinal 
1 6PRD LEU A 159 ? UNP P0A017 ? ? 'expression tag' 159 1 
1 6PRD VAL A 160 ? UNP P0A017 ? ? 'expression tag' 160 2 
1 6PRD PRO A 161 ? UNP P0A017 ? ? 'expression tag' 161 3 
1 6PRD ARG A 162 ? UNP P0A017 ? ? 'expression tag' 162 4 
# 
loop_
_chem_comp.id 
_chem_comp.type 
_chem_comp.mon_nstd_flag 
_chem_comp.name 
_chem_comp.pdbx_synonyms 
_chem_comp.formula 
_chem_comp.formula_weight 
ALA 'L-peptide linking' y ALANINE ?                                            'C3 H7 N O2'        89.093  
ARG 'L-peptide linking' y ARGININE ?                                            'C6 H15 N4 O2 1'    175.209 
ASN 'L-peptide linking' y ASPARAGINE ?                                            'C4 H8 N2 O3'       132.118 
ASP 'L-peptide linking' y 'ASPARTIC ACID' ?                                            'C4 H7 N O4'        133.103 
GLN 'L-peptide linking' y GLUTAMINE ?                                            'C5 H10 N2 O3'      146.144 
GLU 'L-peptide linking' y 'GLUTAMIC ACID' ?                                            'C5 H9 N O4'        147.129 
GLY 'peptide linking'   y GLYCINE ?                                            'C2 H5 N O2'        75.067  
GOL non-polymer         . GLYCEROL 'GLYCERIN; PROPANE-1,2,3-TRIOL'              'C3 H8 O3'          92.094  
HIS 'L-peptide linking' y HISTIDINE ?                                            'C6 H10 N3 O2 1'    156.162 
HOH non-polymer         . WATER ?                                            'H2 O'              18.015  
ILE 'L-peptide linking' y ISOLEUCINE ?                                            'C6 H13 N O2'       131.173 
LEU 'L-peptide linking' y LEUCINE ?                                            'C6 H13 N O2'       131.173 
LYS 'L-peptide linking' y LYSINE ?                                            'C6 H15 N2 O2 1'    147.195 
MET 'L-peptide linking' y METHIONINE ?                                            'C5 H11 N O2 S'     149.211 
NAP non-polymer         . 'NADP NICOTINAMIDE-ADENINE-DINUCLEOTIDE PHOSPHATE' 
;2'-MONOPHOSPHOADENOSINE 5'-DIPHOSPHORIBOSE
;
'C21 H28 N7 O17 P3' 743.405 
OWG non-polymer         . 
;3-{5-[(2,4-diaminopyrimidin-5-yl)methyl]-2,3-dimethoxyphenyl}-1-[(1S)-6,7-dimethoxy-1-(4-methoxyphenyl)-3,4-dihydrophthalazin-2(1H)-yl]propan-1-one
;
?                                            'C33 H38 N6 O6'     614.691 
PHE 'L-peptide linking' y PHENYLALANINE ?                                            'C9 H11 N O2'       165.189 
PRO 'L-peptide linking' y PROLINE ?                                            'C5 H9 N O2'        115.130 
SER 'L-peptide linking' y SERINE ?                                            'C3 H7 N O3'        105.093 
THR 'L-peptide linking' y THREONINE ?                                            'C4 H9 N O3'        119.119 
TRP 'L-peptide linking' y TRYPTOPHAN ?                                            'C11 H12 N2 O2'     204.225 
TYR 'L-peptide linking' y TYROSINE ?                                            'C9 H11 N O3'       181.189 
VAL 'L-peptide linking' y VALINE ?                                            'C5 H11 N O2'       117.146 
# 
_exptl.absorpt_coefficient_mu     ? 
_exptl.absorpt_correction_T_max   ? 
_exptl.absorpt_correction_T_min   ? 
_exptl.absorpt_correction_type    ? 
_exptl.absorpt_process_details    ? 
_exptl.entry_id                   6PRD 
_exptl.crystals_number            1 
_exptl.details                    ? 
_exptl.method                     'X-RAY DIFFRACTION' 
_exptl.method_details             ? 
# 
_exptl_crystal.colour                      ? 
_exptl_crystal.density_diffrn              ? 
_exptl_crystal.density_Matthews            2.56 
_exptl_crystal.density_method              ? 
_exptl_crystal.density_percent_sol         51.90 
_exptl_crystal.description                 ? 
_exptl_crystal.F_000                       ? 
_exptl_crystal.id                          1 
_exptl_crystal.preparation                 ? 
_exptl_crystal.size_max                    ? 
_exptl_crystal.size_mid                    ? 
_exptl_crystal.size_min                    ? 
_exptl_crystal.size_rad                    ? 
_exptl_crystal.colour_lustre               ? 
_exptl_crystal.colour_modifier             ? 
_exptl_crystal.colour_primary              ? 
_exptl_crystal.density_meas                ? 
_exptl_crystal.density_meas_esd            ? 
_exptl_crystal.density_meas_gt             ? 
_exptl_crystal.density_meas_lt             ? 
_exptl_crystal.density_meas_temp           ? 
_exptl_crystal.density_meas_temp_esd       ? 
_exptl_crystal.density_meas_temp_gt        ? 
_exptl_crystal.density_meas_temp_lt        ? 
_exptl_crystal.pdbx_crystal_image_url      ? 
_exptl_crystal.pdbx_crystal_image_format   ? 
_exptl_crystal.pdbx_mosaicity              ? 
_exptl_crystal.pdbx_mosaicity_esd          ? 
# 
_exptl_crystal_grow.apparatus       ? 
_exptl_crystal_grow.atmosphere      ? 
_exptl_crystal_grow.crystal_id      1 
_exptl_crystal_grow.details         ? 
_exptl_crystal_grow.method          'VAPOR DIFFUSION' 
_exptl_crystal_grow.method_ref      ? 
_exptl_crystal_grow.pH              ? 
_exptl_crystal_grow.pressure        ? 
_exptl_crystal_grow.pressure_esd    ? 
_exptl_crystal_grow.seeding         ? 
_exptl_crystal_grow.seeding_ref     ? 
_exptl_crystal_grow.temp            293 
_exptl_crystal_grow.temp_details    ? 
_exptl_crystal_grow.temp_esd        ? 
_exptl_crystal_grow.time            ? 
_exptl_crystal_grow.pdbx_details    '20%PEG6000, 0.1M MES, 0.15M Na Acetate' 
_exptl_crystal_grow.pdbx_pH_range   ? 
# 
_diffrn.ambient_environment              ? 
_diffrn.ambient_temp                     100 
_diffrn.ambient_temp_details             ? 
_diffrn.ambient_temp_esd                 ? 
_diffrn.crystal_id                       1 
_diffrn.crystal_support                  ? 
_diffrn.crystal_treatment                ? 
_diffrn.details                          ? 
_diffrn.id                               1 
_diffrn.ambient_pressure                 ? 
_diffrn.ambient_pressure_esd             ? 
_diffrn.ambient_pressure_gt              ? 
_diffrn.ambient_pressure_lt              ? 
_diffrn.ambient_temp_gt                  ? 
_diffrn.ambient_temp_lt                  ? 
_diffrn.pdbx_serial_crystal_experiment   N 
# 
_diffrn_detector.details                      'VeriMax HF' 
_diffrn_detector.detector                     PIXEL 
_diffrn_detector.diffrn_id                    1 
_diffrn_detector.type                         'DECTRIS PILATUS 200K' 
_diffrn_detector.area_resol_mean              ? 
_diffrn_detector.dtime                        ? 
_diffrn_detector.pdbx_frames_total            ? 
_diffrn_detector.pdbx_collection_time_total   ? 
_diffrn_detector.pdbx_collection_date         2015-02-23 
_diffrn_detector.pdbx_frequency               ? 
# 
_diffrn_radiation.collimation                      ? 
_diffrn_radiation.diffrn_id                        1 
_diffrn_radiation.filter_edge                      ? 
_diffrn_radiation.inhomogeneity                    ? 
_diffrn_radiation.monochromator                    mirrors 
_diffrn_radiation.polarisn_norm                    ? 
_diffrn_radiation.polarisn_ratio                   ? 
_diffrn_radiation.probe                            ? 
_diffrn_radiation.type                             ? 
_diffrn_radiation.xray_symbol                      ? 
_diffrn_radiation.wavelength_id                    1 
_diffrn_radiation.pdbx_monochromatic_or_laue_m_l   M 
_diffrn_radiation.pdbx_wavelength_list             ? 
_diffrn_radiation.pdbx_wavelength                  ? 
_diffrn_radiation.pdbx_diffrn_protocol             'SINGLE WAVELENGTH' 
_diffrn_radiation.pdbx_analyzer                    ? 
_diffrn_radiation.pdbx_scattering_type             x-ray 
# 
_diffrn_radiation_wavelength.id           1 
_diffrn_radiation_wavelength.wavelength   1.5418 
_diffrn_radiation_wavelength.wt           1.0 
# 
_diffrn_source.current                     ? 
_diffrn_source.details                     ? 
_diffrn_source.diffrn_id                   1 
_diffrn_source.power                       ? 
_diffrn_source.size                        ? 
_diffrn_source.source                      'ROTATING ANODE' 
_diffrn_source.target                      ? 
_diffrn_source.type                        'RIGAKU MICROMAX-007 HF' 
_diffrn_source.voltage                     ? 
_diffrn_source.take-off_angle              ? 
_diffrn_source.pdbx_wavelength_list        1.5418 
_diffrn_source.pdbx_wavelength             ? 
_diffrn_source.pdbx_synchrotron_beamline   ? 
_diffrn_source.pdbx_synchrotron_site       ? 
# 
_reflns.B_iso_Wilson_estimate            25.38 
_reflns.entry_id                         6PRD 
_reflns.data_reduction_details           ? 
_reflns.data_reduction_method            ? 
_reflns.d_resolution_high                2.01 
_reflns.d_resolution_low                 41.8 
_reflns.details                          ? 
_reflns.limit_h_max                      ? 
_reflns.limit_h_min                      ? 
_reflns.limit_k_max                      ? 
_reflns.limit_k_min                      ? 
_reflns.limit_l_max                      ? 
_reflns.limit_l_min                      ? 
_reflns.number_all                       ? 
_reflns.number_obs                       13335 
_reflns.observed_criterion               ? 
_reflns.observed_criterion_F_max         ? 
_reflns.observed_criterion_F_min         ? 
_reflns.observed_criterion_I_max         ? 
_reflns.observed_criterion_I_min         ? 
_reflns.observed_criterion_sigma_F       ? 
_reflns.observed_criterion_sigma_I       ? 
_reflns.percent_possible_obs             98.0 
_reflns.R_free_details                   ? 
_reflns.Rmerge_F_all                     ? 
_reflns.Rmerge_F_obs                     ? 
_reflns.Friedel_coverage                 ? 
_reflns.number_gt                        ? 
_reflns.threshold_expression             ? 
_reflns.pdbx_redundancy                  8.9 
_reflns.pdbx_Rmerge_I_obs                0.062 
_reflns.pdbx_Rmerge_I_all                ? 
_reflns.pdbx_Rsym_value                  ? 
_reflns.pdbx_netI_over_av_sigmaI         ? 
_reflns.pdbx_netI_over_sigmaI            14.1 
_reflns.pdbx_res_netI_over_av_sigmaI_2   ? 
_reflns.pdbx_res_netI_over_sigmaI_2      ? 
_reflns.pdbx_chi_squared                 ? 
_reflns.pdbx_scaling_rejects             ? 
_reflns.pdbx_d_res_high_opt              ? 
_reflns.pdbx_d_res_low_opt               ? 
_reflns.pdbx_d_res_opt_method            ? 
_reflns.phase_calculation_details        ? 
_reflns.pdbx_Rrim_I_all                  ? 
_reflns.pdbx_Rpim_I_all                  ? 
_reflns.pdbx_d_opt                       ? 
_reflns.pdbx_number_measured_all         ? 
_reflns.pdbx_diffrn_id                   1 
_reflns.pdbx_ordinal                     1 
_reflns.pdbx_CC_half                     0.998 
_reflns.pdbx_CC_star                     ? 
_reflns.pdbx_R_split                     ? 
# 
_reflns_shell.d_res_high                  2.01 
_reflns_shell.d_res_low                   2.04 
_reflns_shell.meanI_over_sigI_all         ? 
_reflns_shell.meanI_over_sigI_obs         ? 
_reflns_shell.number_measured_all         ? 
_reflns_shell.number_measured_obs         ? 
_reflns_shell.number_possible             ? 
_reflns_shell.number_unique_all           ? 
_reflns_shell.number_unique_obs           612 
_reflns_shell.percent_possible_all        ? 
_reflns_shell.percent_possible_obs        ? 
_reflns_shell.Rmerge_F_all                ? 
_reflns_shell.Rmerge_F_obs                ? 
_reflns_shell.Rmerge_I_all                ? 
_reflns_shell.Rmerge_I_obs                0.167 
_reflns_shell.meanI_over_sigI_gt          ? 
_reflns_shell.meanI_over_uI_all           ? 
_reflns_shell.meanI_over_uI_gt            ? 
_reflns_shell.number_measured_gt          ? 
_reflns_shell.number_unique_gt            ? 
_reflns_shell.percent_possible_gt         ? 
_reflns_shell.Rmerge_F_gt                 ? 
_reflns_shell.Rmerge_I_gt                 ? 
_reflns_shell.pdbx_redundancy             ? 
_reflns_shell.pdbx_Rsym_value             ? 
_reflns_shell.pdbx_chi_squared            ? 
_reflns_shell.pdbx_netI_over_sigmaI_all   ? 
_reflns_shell.pdbx_netI_over_sigmaI_obs   ? 
_reflns_shell.pdbx_Rrim_I_all             ? 
_reflns_shell.pdbx_Rpim_I_all             ? 
_reflns_shell.pdbx_rejects                ? 
_reflns_shell.pdbx_ordinal                1 
_reflns_shell.pdbx_diffrn_id              1 
_reflns_shell.pdbx_CC_half                0.989 
_reflns_shell.pdbx_CC_star                ? 
_reflns_shell.pdbx_R_split                ? 
# 
_refine.aniso_B[1][1]                            ? 
_refine.aniso_B[1][2]                            ? 
_refine.aniso_B[1][3]                            ? 
_refine.aniso_B[2][2]                            ? 
_refine.aniso_B[2][3]                            ? 
_refine.aniso_B[3][3]                            ? 
_refine.B_iso_max                                75.640 
_refine.B_iso_mean                               28.2300 
_refine.B_iso_min                                11.920 
_refine.correlation_coeff_Fo_to_Fc               ? 
_refine.correlation_coeff_Fo_to_Fc_free          ? 
_refine.details                                  ? 
_refine.diff_density_max                         ? 
_refine.diff_density_max_esd                     ? 
_refine.diff_density_min                         ? 
_refine.diff_density_min_esd                     ? 
_refine.diff_density_rms                         ? 
_refine.diff_density_rms_esd                     ? 
_refine.entry_id                                 6PRD 
_refine.pdbx_refine_id                           'X-RAY DIFFRACTION' 
_refine.ls_abs_structure_details                 ? 
_refine.ls_abs_structure_Flack                   ? 
_refine.ls_abs_structure_Flack_esd               ? 
_refine.ls_abs_structure_Rogers                  ? 
_refine.ls_abs_structure_Rogers_esd              ? 
_refine.ls_d_res_high                            2.0100 
_refine.ls_d_res_low                             41.7900 
_refine.ls_extinction_coef                       ? 
_refine.ls_extinction_coef_esd                   ? 
_refine.ls_extinction_expression                 ? 
_refine.ls_extinction_method                     ? 
_refine.ls_goodness_of_fit_all                   ? 
_refine.ls_goodness_of_fit_all_esd               ? 
_refine.ls_goodness_of_fit_obs                   ? 
_refine.ls_goodness_of_fit_obs_esd               ? 
_refine.ls_hydrogen_treatment                    ? 
_refine.ls_matrix_type                           ? 
_refine.ls_number_constraints                    ? 
_refine.ls_number_parameters                     ? 
_refine.ls_number_reflns_all                     ? 
_refine.ls_number_reflns_obs                     13107 
_refine.ls_number_reflns_R_free                  1305 
_refine.ls_number_reflns_R_work                  11802 
_refine.ls_number_restraints                     ? 
_refine.ls_percent_reflns_obs                    96.6700 
_refine.ls_percent_reflns_R_free                 9.9600 
_refine.ls_R_factor_all                          ? 
_refine.ls_R_factor_obs                          0.1932 
_refine.ls_R_factor_R_free                       0.2262 
_refine.ls_R_factor_R_free_error                 ? 
_refine.ls_R_factor_R_free_error_details         ? 
_refine.ls_R_factor_R_work                       0.1895 
_refine.ls_R_Fsqd_factor_obs                     ? 
_refine.ls_R_I_factor_obs                        ? 
_refine.ls_redundancy_reflns_all                 ? 
_refine.ls_redundancy_reflns_obs                 ? 
_refine.ls_restrained_S_all                      ? 
_refine.ls_restrained_S_obs                      ? 
_refine.ls_shift_over_esd_max                    ? 
_refine.ls_shift_over_esd_mean                   ? 
_refine.ls_structure_factor_coef                 ? 
_refine.ls_weighting_details                     ? 
_refine.ls_weighting_scheme                      ? 
_refine.ls_wR_factor_all                         ? 
_refine.ls_wR_factor_obs                         ? 
_refine.ls_wR_factor_R_free                      ? 
_refine.ls_wR_factor_R_work                      ? 
_refine.occupancy_max                            ? 
_refine.occupancy_min                            ? 
_refine.solvent_model_details                    'FLAT BULK SOLVENT MODEL' 
_refine.solvent_model_param_bsol                 ? 
_refine.solvent_model_param_ksol                 ? 
_refine.pdbx_R_complete                          ? 
_refine.ls_R_factor_gt                           ? 
_refine.ls_goodness_of_fit_gt                    ? 
_refine.ls_goodness_of_fit_ref                   ? 
_refine.ls_shift_over_su_max                     ? 
_refine.ls_shift_over_su_max_lt                  ? 
_refine.ls_shift_over_su_mean                    ? 
_refine.ls_shift_over_su_mean_lt                 ? 
_refine.pdbx_ls_sigma_I                          ? 
_refine.pdbx_ls_sigma_F                          1.330 
_refine.pdbx_ls_sigma_Fsqd                       ? 
_refine.pdbx_data_cutoff_high_absF               ? 
_refine.pdbx_data_cutoff_high_rms_absF           ? 
_refine.pdbx_data_cutoff_low_absF                ? 
_refine.pdbx_isotropic_thermal_model             ? 
_refine.pdbx_ls_cross_valid_method               THROUGHOUT 
_refine.pdbx_method_to_determine_struct          'MOLECULAR REPLACEMENT' 
_refine.pdbx_starting_model                      3M08 
_refine.pdbx_stereochemistry_target_values       ML 
_refine.pdbx_R_Free_selection_details            ? 
_refine.pdbx_stereochem_target_val_spec_case     ? 
_refine.pdbx_overall_ESU_R                       ? 
_refine.pdbx_overall_ESU_R_Free                  ? 
_refine.pdbx_solvent_vdw_probe_radii             1.1100 
_refine.pdbx_solvent_ion_probe_radii             ? 
_refine.pdbx_solvent_shrinkage_radii             0.9000 
_refine.pdbx_real_space_R                        ? 
_refine.pdbx_density_correlation                 ? 
_refine.pdbx_pd_number_of_powder_patterns        ? 
_refine.pdbx_pd_number_of_points                 ? 
_refine.pdbx_pd_meas_number_of_points            ? 
_refine.pdbx_pd_proc_ls_prof_R_factor            ? 
_refine.pdbx_pd_proc_ls_prof_wR_factor           ? 
_refine.pdbx_pd_Marquardt_correlation_coeff      ? 
_refine.pdbx_pd_Fsqrd_R_factor                   ? 
_refine.pdbx_pd_ls_matrix_band_width             ? 
_refine.pdbx_overall_phase_error                 23.1800 
_refine.pdbx_overall_SU_R_free_Cruickshank_DPI   ? 
_refine.pdbx_overall_SU_R_free_Blow_DPI          ? 
_refine.pdbx_overall_SU_R_Blow_DPI               ? 
_refine.pdbx_TLS_residual_ADP_flag               ? 
_refine.pdbx_diffrn_id                           1 
_refine.overall_SU_B                             ? 
_refine.overall_SU_ML                            0.2100 
_refine.overall_SU_R_Cruickshank_DPI             ? 
_refine.overall_SU_R_free                        ? 
_refine.overall_FOM_free_R_set                   ? 
_refine.overall_FOM_work_R_set                   0.8217 
_refine.pdbx_average_fsc_overall                 ? 
_refine.pdbx_average_fsc_work                    ? 
_refine.pdbx_average_fsc_free                    ? 
# 
_refine_hist.pdbx_refine_id                   'X-RAY DIFFRACTION' 
_refine_hist.cycle_id                         final 
_refine_hist.details                          ? 
_refine_hist.d_res_high                       2.0100 
_refine_hist.d_res_low                        41.7900 
_refine_hist.number_atoms_solvent             128 
_refine_hist.number_atoms_total               1547 
_refine_hist.number_reflns_all                ? 
_refine_hist.number_reflns_obs                ? 
_refine_hist.number_reflns_R_free             ? 
_refine_hist.number_reflns_R_work             ? 
_refine_hist.R_factor_all                     ? 
_refine_hist.R_factor_obs                     ? 
_refine_hist.R_factor_R_free                  ? 
_refine_hist.R_factor_R_work                  ? 
_refine_hist.pdbx_number_residues_total       162 
_refine_hist.pdbx_B_iso_mean_ligand           33.92 
_refine_hist.pdbx_B_iso_mean_solvent          35.58 
_refine_hist.pdbx_number_atoms_protein        1314 
_refine_hist.pdbx_number_atoms_nucleic_acid   0 
_refine_hist.pdbx_number_atoms_ligand         105 
_refine_hist.pdbx_number_atoms_lipid          ? 
_refine_hist.pdbx_number_atoms_carb           ? 
_refine_hist.pdbx_pseudo_atom_details         ? 
# 
loop_
_refine_ls_restr.pdbx_refine_id 
_refine_ls_restr.criterion 
_refine_ls_restr.dev_ideal 
_refine_ls_restr.dev_ideal_target 
_refine_ls_restr.number 
_refine_ls_restr.rejects 
_refine_ls_restr.type 
_refine_ls_restr.weight 
_refine_ls_restr.pdbx_restraint_function 
'X-RAY DIFFRACTION' ? 0.004  ? 1483 ? f_bond_d           ? ? 
'X-RAY DIFFRACTION' ? 1.148  ? 2025 ? f_angle_d          ? ? 
'X-RAY DIFFRACTION' ? 0.046  ? 219  ? f_chiral_restr     ? ? 
'X-RAY DIFFRACTION' ? 0.004  ? 248  ? f_plane_restr      ? ? 
'X-RAY DIFFRACTION' ? 19.058 ? 548  ? f_dihedral_angle_d ? ? 
# 
loop_
_refine_ls_shell.pdbx_refine_id 
_refine_ls_shell.d_res_high 
_refine_ls_shell.d_res_low 
_refine_ls_shell.number_reflns_all 
_refine_ls_shell.number_reflns_obs 
_refine_ls_shell.number_reflns_R_free 
_refine_ls_shell.number_reflns_R_work 
_refine_ls_shell.percent_reflns_obs 
_refine_ls_shell.percent_reflns_R_free 
_refine_ls_shell.R_factor_all 
_refine_ls_shell.R_factor_obs 
_refine_ls_shell.R_factor_R_free 
_refine_ls_shell.R_factor_R_free_error 
_refine_ls_shell.R_factor_R_work 
_refine_ls_shell.redundancy_reflns_all 
_refine_ls_shell.redundancy_reflns_obs 
_refine_ls_shell.wR_factor_all 
_refine_ls_shell.wR_factor_obs 
_refine_ls_shell.wR_factor_R_free 
_refine_ls_shell.wR_factor_R_work 
_refine_ls_shell.pdbx_R_complete 
_refine_ls_shell.pdbx_total_number_of_bins_used 
_refine_ls_shell.pdbx_phase_error 
_refine_ls_shell.pdbx_fsc_work 
_refine_ls_shell.pdbx_fsc_free 
'X-RAY DIFFRACTION' 2.01   2.0900 . . 138 1241 94.0000  . . . 0.2994 0.0000 0.2131 . . . . . . . . . . . 
'X-RAY DIFFRACTION' 2.0900 2.1851 . . 137 1240 94.0000  . . . 0.2717 0.0000 0.1910 . . . . . . . . . . . 
'X-RAY DIFFRACTION' 2.1851 2.3003 . . 141 1268 96.0000  . . . 0.2812 0.0000 0.1992 . . . . . . . . . . . 
'X-RAY DIFFRACTION' 2.3003 2.4444 . . 144 1293 98.0000  . . . 0.2892 0.0000 0.2172 . . . . . . . . . . . 
'X-RAY DIFFRACTION' 2.4444 2.6332 . . 143 1293 96.0000  . . . 0.2512 0.0000 0.2191 . . . . . . . . . . . 
'X-RAY DIFFRACTION' 2.6332 2.8981 . . 133 1264 94.0000  . . . 0.2621 0.0000 0.2291 . . . . . . . . . . . 
'X-RAY DIFFRACTION' 2.8981 3.3173 . . 150 1337 98.0000  . . . 0.2329 0.0000 0.1946 . . . . . . . . . . . 
'X-RAY DIFFRACTION' 3.3173 4.1788 . . 154 1382 100.0000 . . . 0.1741 0.0000 0.1500 . . . . . . . . . . . 
'X-RAY DIFFRACTION' 4.1788 41.790 . . 165 1484 100.0000 . . . 0.1988 0.0000 0.1857 . . . . . . . . . . . 
# 
_struct.entry_id                     6PRD 
_struct.title                        
'S. aureus dihydrofolate reductase co-crystallized with para-methoxyphenyl-dimethyoxydihydropthalazine inhibitor and NADP(H)' 
_struct.pdbx_model_details           ? 
_struct.pdbx_formula_weight          ? 
_struct.pdbx_formula_weight_method   ? 
_struct.pdbx_model_type_details      ? 
_struct.pdbx_CASP_flag               N 
# 
_struct_keywords.entry_id        6PRD 
_struct_keywords.text            'DIHYDROFOLATE REDUCTASE, OXIDOREDUCTASE-INHIBITOR complex' 
_struct_keywords.pdbx_keywords   OXIDOREDUCTASE/INHIBITOR 
# 
loop_
_struct_asym.id 
_struct_asym.pdbx_blank_PDB_chainid_flag 
_struct_asym.pdbx_modified 
_struct_asym.entity_id 
_struct_asym.details 
A N N 1 ? 
B N N 2 ? 
C N N 2 ? 
D N N 3 ? 
E N N 4 ? 
F N N 5 ? 
# 
loop_
_struct_conf.conf_type_id 
_struct_conf.id 
_struct_conf.pdbx_PDB_helix_id 
_struct_conf.beg_label_comp_id 
_struct_conf.beg_label_asym_id 
_struct_conf.beg_label_seq_id 
_struct_conf.pdbx_beg_PDB_ins_code 
_struct_conf.end_label_comp_id 
_struct_conf.end_label_asym_id 
_struct_conf.end_label_seq_id 
_struct_conf.pdbx_end_PDB_ins_code 
_struct_conf.beg_auth_comp_id 
_struct_conf.beg_auth_asym_id 
_struct_conf.beg_auth_seq_id 
_struct_conf.end_auth_comp_id 
_struct_conf.end_auth_asym_id 
_struct_conf.end_auth_seq_id 
_struct_conf.pdbx_PDB_helix_class 
_struct_conf.details 
_struct_conf.pdbx_PDB_helix_length 
HELX_P HELX_P1 AA1 LEU A 24 ? THR A 36  ? LEU A 24 THR A 36  1 ? 13 
HELX_P HELX_P2 AA2 ARG A 44 ? GLY A 51  ? ARG A 44 GLY A 51  1 ? 8  
HELX_P HELX_P3 AA3 SER A 78 ? LEU A 85  ? SER A 78 LEU A 85  5 ? 8  
HELX_P HELX_P4 AA4 GLY A 94 ? ILE A 102 ? GLY A 94 ILE A 102 1 ? 9  
# 
_struct_conf_type.id          HELX_P 
_struct_conf_type.criteria    ? 
_struct_conf_type.reference   ? 
# 
_struct_mon_prot_cis.pdbx_id                1 
_struct_mon_prot_cis.label_comp_id          GLY 
_struct_mon_prot_cis.label_seq_id           93 
_struct_mon_prot_cis.label_asym_id          A 
_struct_mon_prot_cis.label_alt_id           . 
_struct_mon_prot_cis.pdbx_PDB_ins_code      ? 
_struct_mon_prot_cis.auth_comp_id           GLY 
_struct_mon_prot_cis.auth_seq_id            93 
_struct_mon_prot_cis.auth_asym_id           A 
_struct_mon_prot_cis.pdbx_label_comp_id_2   GLY 
_struct_mon_prot_cis.pdbx_label_seq_id_2    94 
_struct_mon_prot_cis.pdbx_label_asym_id_2   A 
_struct_mon_prot_cis.pdbx_PDB_ins_code_2    ? 
_struct_mon_prot_cis.pdbx_auth_comp_id_2    GLY 
_struct_mon_prot_cis.pdbx_auth_seq_id_2     94 
_struct_mon_prot_cis.pdbx_auth_asym_id_2    A 
_struct_mon_prot_cis.pdbx_PDB_model_num     1 
_struct_mon_prot_cis.pdbx_omega_angle       -3.52 
# 
loop_
_struct_sheet.id 
_struct_sheet.type 
_struct_sheet.number_strands 
_struct_sheet.details 
AA1 ? 8 ? 
AA2 ? 2 ? 
# 
loop_
_struct_sheet_order.sheet_id 
_struct_sheet_order.range_id_1 
_struct_sheet_order.range_id_2 
_struct_sheet_order.offset 
_struct_sheet_order.sense 
AA1 1 2 ? parallel      
AA1 2 3 ? parallel      
AA1 3 4 ? parallel      
AA1 4 5 ? parallel      
AA1 5 6 ? parallel      
AA1 6 7 ? anti-parallel 
AA1 7 8 ? anti-parallel 
AA2 1 2 ? anti-parallel 
# 
loop_
_struct_sheet_range.sheet_id 
_struct_sheet_range.id 
_struct_sheet_range.beg_label_comp_id 
_struct_sheet_range.beg_label_asym_id 
_struct_sheet_range.beg_label_seq_id 
_struct_sheet_range.pdbx_beg_PDB_ins_code 
_struct_sheet_range.end_label_comp_id 
_struct_sheet_range.end_label_asym_id 
_struct_sheet_range.end_label_seq_id 
_struct_sheet_range.pdbx_end_PDB_ins_code 
_struct_sheet_range.beg_auth_comp_id 
_struct_sheet_range.beg_auth_asym_id 
_struct_sheet_range.beg_auth_seq_id 
_struct_sheet_range.end_auth_comp_id 
_struct_sheet_range.end_auth_asym_id 
_struct_sheet_range.end_auth_seq_id 
AA1 1 VAL A 73  ? ILE A 76  ? VAL A 73  ILE A 76  
AA1 2 ARG A 58  ? LEU A 62  ? ARG A 58  LEU A 62  
AA1 3 THR A 39  ? GLY A 43  ? THR A 39  GLY A 43  
AA1 4 VAL A 89  ? GLY A 93  ? VAL A 89  GLY A 93  
AA1 5 LEU A 2   ? ASP A 9   ? LEU A 2   ASP A 9   
AA1 6 ASP A 107 ? ILE A 113 ? ASP A 107 ILE A 113 
AA1 7 HIS A 149 ? ARG A 156 ? HIS A 149 ARG A 156 
AA1 8 TRP A 131 ? GLU A 138 ? TRP A 131 GLU A 138 
AA2 1 VAL A 13  ? GLY A 15  ? VAL A 13  GLY A 15  
AA2 2 THR A 121 ? PHE A 122 ? THR A 121 PHE A 122 
# 
loop_
_pdbx_struct_sheet_hbond.sheet_id 
_pdbx_struct_sheet_hbond.range_id_1 
_pdbx_struct_sheet_hbond.range_id_2 
_pdbx_struct_sheet_hbond.range_1_label_atom_id 
_pdbx_struct_sheet_hbond.range_1_label_comp_id 
_pdbx_struct_sheet_hbond.range_1_label_asym_id 
_pdbx_struct_sheet_hbond.range_1_label_seq_id 
_pdbx_struct_sheet_hbond.range_1_PDB_ins_code 
_pdbx_struct_sheet_hbond.range_1_auth_atom_id 
_pdbx_struct_sheet_hbond.range_1_auth_comp_id 
_pdbx_struct_sheet_hbond.range_1_auth_asym_id 
_pdbx_struct_sheet_hbond.range_1_auth_seq_id 
_pdbx_struct_sheet_hbond.range_2_label_atom_id 
_pdbx_struct_sheet_hbond.range_2_label_comp_id 
_pdbx_struct_sheet_hbond.range_2_label_asym_id 
_pdbx_struct_sheet_hbond.range_2_label_seq_id 
_pdbx_struct_sheet_hbond.range_2_PDB_ins_code 
_pdbx_struct_sheet_hbond.range_2_auth_atom_id 
_pdbx_struct_sheet_hbond.range_2_auth_comp_id 
_pdbx_struct_sheet_hbond.range_2_auth_asym_id 
_pdbx_struct_sheet_hbond.range_2_auth_seq_id 
AA1 1 2 O ASP A 74  ? O ASP A 74  N ASN A 59  ? N ASN A 59  
AA1 2 3 O VAL A 60  ? O VAL A 60  N LEU A 40  ? N LEU A 40  
AA1 3 4 N THR A 39  ? N THR A 39  O PHE A 90  ? O PHE A 90  
AA1 4 5 O ILE A 91  ? O ILE A 91  N SER A 3   ? N SER A 3   
AA1 5 6 N ILE A 4   ? N ILE A 4   O TYR A 109 ? O TYR A 109 
AA1 6 7 N ILE A 110 ? N ILE A 110 O LEU A 152 ? O LEU A 152 
AA1 7 8 O ILE A 155 ? O ILE A 155 N GLU A 132 ? N GLU A 132 
AA2 1 2 N ILE A 14  ? N ILE A 14  O THR A 121 ? O THR A 121 
# 
loop_
_struct_site.id 
_struct_site.pdbx_evidence_code 
_struct_site.pdbx_auth_asym_id 
_struct_site.pdbx_auth_comp_id 
_struct_site.pdbx_auth_seq_id 
_struct_site.pdbx_auth_ins_code 
_struct_site.pdbx_num_residues 
_struct_site.details 
AC1 Software A GOL 401 ? 8  'binding site for residue GOL A 401' 
AC2 Software A GOL 402 ? 5  'binding site for residue GOL A 402' 
AC3 Software A OWG 403 ? 19 'binding site for residue OWG A 403' 
AC4 Software A NAP 404 ? 32 'binding site for residue NAP A 404' 
# 
loop_
_struct_site_gen.id 
_struct_site_gen.site_id 
_struct_site_gen.pdbx_num_res 
_struct_site_gen.label_comp_id 
_struct_site_gen.label_asym_id 
_struct_site_gen.label_seq_id 
_struct_site_gen.pdbx_auth_ins_code 
_struct_site_gen.auth_comp_id 
_struct_site_gen.auth_asym_id 
_struct_site_gen.auth_seq_id 
_struct_site_gen.label_atom_id 
_struct_site_gen.label_alt_id 
_struct_site_gen.symmetry 
_struct_site_gen.details 
1  AC1 8  ILE A 102 ? ILE A 102 . ? 1_555  ? 
2  AC1 8  ASP A 103 ? ASP A 103 . ? 1_555  ? 
3  AC1 8  PRO A 125 ? PRO A 125 . ? 1_555  ? 
4  AC1 8  TYR A 126 ? TYR A 126 . ? 1_555  ? 
5  AC1 8  THR A 127 ? THR A 127 . ? 1_555  ? 
6  AC1 8  ASP A 130 ? ASP A 130 . ? 1_555  ? 
7  AC1 8  TRP A 131 ? TRP A 131 . ? 1_555  ? 
8  AC1 8  ARG A 156 ? ARG A 156 . ? 1_555  ? 
9  AC2 5  ARG A 12  ? ARG A 12  . ? 1_555  ? 
10 AC2 5  PRO A 125 ? PRO A 125 . ? 1_555  ? 
11 AC2 5  TYR A 126 ? TYR A 126 . ? 1_555  ? 
12 AC2 5  GLU A 132 ? GLU A 132 . ? 5_554  ? 
13 AC2 5  HOH F .   ? HOH A 511 . ? 1_555  ? 
14 AC3 19 LEU A 5   ? LEU A 5   . ? 1_555  ? 
15 AC3 19 VAL A 6   ? VAL A 6   . ? 1_555  ? 
16 AC3 19 ALA A 7   ? ALA A 7   . ? 1_555  ? 
17 AC3 19 LEU A 20  ? LEU A 20  . ? 1_555  ? 
18 AC3 19 PRO A 25  ? PRO A 25  . ? 1_555  ? 
19 AC3 19 ASP A 27  ? ASP A 27  . ? 1_555  ? 
20 AC3 19 LEU A 28  ? LEU A 28  . ? 1_555  ? 
21 AC3 19 LYS A 29  ? LYS A 29  . ? 1_555  ? 
22 AC3 19 VAL A 31  ? VAL A 31  . ? 1_555  ? 
23 AC3 19 LYS A 32  ? LYS A 32  . ? 1_555  ? 
24 AC3 19 SER A 49  ? SER A 49  . ? 1_555  ? 
25 AC3 19 LEU A 54  ? LEU A 54  . ? 1_555  ? 
26 AC3 19 PRO A 55  ? PRO A 55  . ? 1_555  ? 
27 AC3 19 ASN A 56  ? ASN A 56  . ? 1_555  ? 
28 AC3 19 ARG A 57  ? ARG A 57  . ? 1_555  ? 
29 AC3 19 PHE A 92  ? PHE A 92  . ? 1_555  ? 
30 AC3 19 NAP E .   ? NAP A 404 . ? 1_555  ? 
31 AC3 19 HOH F .   ? HOH A 502 . ? 1_555  ? 
32 AC3 19 HOH F .   ? HOH A 557 . ? 1_555  ? 
33 AC4 32 VAL A 6   ? VAL A 6   . ? 1_555  ? 
34 AC4 32 ALA A 7   ? ALA A 7   . ? 1_555  ? 
35 AC4 32 ILE A 14  ? ILE A 14  . ? 1_555  ? 
36 AC4 32 GLY A 15  ? GLY A 15  . ? 1_555  ? 
37 AC4 32 ASN A 18  ? ASN A 18  . ? 1_555  ? 
38 AC4 32 GLN A 19  ? GLN A 19  . ? 1_555  ? 
39 AC4 32 LEU A 20  ? LEU A 20  . ? 1_555  ? 
40 AC4 32 GLY A 43  ? GLY A 43  . ? 1_555  ? 
41 AC4 32 ARG A 44  ? ARG A 44  . ? 1_555  ? 
42 AC4 32 LYS A 45  ? LYS A 45  . ? 1_555  ? 
43 AC4 32 THR A 46  ? THR A 46  . ? 1_555  ? 
44 AC4 32 LEU A 62  ? LEU A 62  . ? 1_555  ? 
45 AC4 32 THR A 63  ? THR A 63  . ? 1_555  ? 
46 AC4 32 SER A 64  ? SER A 64  . ? 1_555  ? 
47 AC4 32 HIS A 77  ? HIS A 77  . ? 1_555  ? 
48 AC4 32 ILE A 79  ? ILE A 79  . ? 1_555  ? 
49 AC4 32 PHE A 92  ? PHE A 92  . ? 1_555  ? 
50 AC4 32 GLY A 93  ? GLY A 93  . ? 1_555  ? 
51 AC4 32 GLY A 94  ? GLY A 94  . ? 1_555  ? 
52 AC4 32 GLN A 95  ? GLN A 95  . ? 1_555  ? 
53 AC4 32 THR A 96  ? THR A 96  . ? 1_555  ? 
54 AC4 32 LEU A 97  ? LEU A 97  . ? 1_555  ? 
55 AC4 32 GLU A 100 ? GLU A 100 . ? 1_555  ? 
56 AC4 32 THR A 121 ? THR A 121 . ? 1_555  ? 
57 AC4 32 OWG D .   ? OWG A 403 . ? 1_555  ? 
58 AC4 32 HOH F .   ? HOH A 510 . ? 1_555  ? 
59 AC4 32 HOH F .   ? HOH A 524 . ? 1_555  ? 
60 AC4 32 HOH F .   ? HOH A 532 . ? 1_555  ? 
61 AC4 32 HOH F .   ? HOH A 542 . ? 10_664 ? 
62 AC4 32 HOH F .   ? HOH A 544 . ? 1_555  ? 
63 AC4 32 HOH F .   ? HOH A 547 . ? 1_555  ? 
64 AC4 32 HOH F .   ? HOH A 579 . ? 1_555  ? 
# 
_atom_sites.entry_id                    6PRD 
_atom_sites.Cartn_transf_matrix[1][1]   ? 
_atom_sites.Cartn_transf_matrix[1][2]   ? 
_atom_sites.Cartn_transf_matrix[1][3]   ? 
_atom_sites.Cartn_transf_matrix[2][1]   ? 
_atom_sites.Cartn_transf_matrix[2][2]   ? 
_atom_sites.Cartn_transf_matrix[2][3]   ? 
_atom_sites.Cartn_transf_matrix[3][1]   ? 
_atom_sites.Cartn_transf_matrix[3][2]   ? 
_atom_sites.Cartn_transf_matrix[3][3]   ? 
_atom_sites.Cartn_transf_vector[1]      ? 
_atom_sites.Cartn_transf_vector[2]      ? 
_atom_sites.Cartn_transf_vector[3]      ? 
_atom_sites.fract_transf_matrix[1][1]   0.00859515 
_atom_sites.fract_transf_matrix[1][2]   0.01180707 
_atom_sites.fract_transf_matrix[1][3]   -0.00014945 
_atom_sites.fract_transf_matrix[2][1]   0.01326543 
_atom_sites.fract_transf_matrix[2][2]   -0.00070002 
_atom_sites.fract_transf_matrix[2][3]   -0.00606995 
_atom_sites.fract_transf_matrix[3][1]   -0.00368259 
_atom_sites.fract_transf_matrix[3][2]   0.00257517 
_atom_sites.fract_transf_matrix[3][3]   -0.00834503 
_atom_sites.fract_transf_vector[1]      0.170141 
_atom_sites.fract_transf_vector[2]      0.391734 
_atom_sites.fract_transf_vector[3]      -0.017705 
_atom_sites.solution_primary            ? 
_atom_sites.solution_secondary          ? 
_atom_sites.solution_hydrogens          ? 
_atom_sites.special_details             ? 
# 
loop_
_atom_type.symbol 
_atom_type.scat_dispersion_real 
_atom_type.scat_dispersion_imag 
_atom_type.scat_Cromer_Mann_a1 
_atom_type.scat_Cromer_Mann_a2 
_atom_type.scat_Cromer_Mann_a3 
_atom_type.scat_Cromer_Mann_a4 
_atom_type.scat_Cromer_Mann_b1 
_atom_type.scat_Cromer_Mann_b2 
_atom_type.scat_Cromer_Mann_b3 
_atom_type.scat_Cromer_Mann_b4 
_atom_type.scat_Cromer_Mann_c 
_atom_type.scat_source 
_atom_type.scat_dispersion_source 
C ? ? 3.54356 2.42580 ? ? 25.62398 1.50364  ? ? 0.0 
;2-Gaussian fit: Grosse-Kunstleve RW, Sauter NK, Adams PD: Newsletter of the IUCr Commission on Crystallographic Computing 2004, 3, 22-31.
;
? 
N ? ? 4.01032 2.96436 ? ? 19.97189 1.75589  ? ? 0.0 
;2-Gaussian fit: Grosse-Kunstleve RW, Sauter NK, Adams PD: Newsletter of the IUCr Commission on Crystallographic Computing 2004, 3, 22-31.
;
? 
O ? ? 4.49882 3.47563 ? ? 15.80542 1.70748  ? ? 0.0 
;2-Gaussian fit: Grosse-Kunstleve RW, Sauter NK, Adams PD: Newsletter of the IUCr Commission on Crystallographic Computing 2004, 3, 22-31.
;
? 
P ? ? 9.51135 5.44231 ? ? 1.42069  35.72801 ? ? 0.0 
;2-Gaussian fit: Grosse-Kunstleve RW, Sauter NK, Adams PD: Newsletter of the IUCr Commission on Crystallographic Computing 2004, 3, 22-31.
;
? 
S ? ? 9.55732 6.39887 ? ? 1.23737  29.19336 ? ? 0.0 
;2-Gaussian fit: Grosse-Kunstleve RW, Sauter NK, Adams PD: Newsletter of the IUCr Commission on Crystallographic Computing 2004, 3, 22-31.
;
? 
# 
loop_
_atom_site.group_PDB 
_atom_site.id 
_atom_site.type_symbol 
_atom_site.label_atom_id 
_atom_site.label_alt_id 
_atom_site.label_comp_id 
_atom_site.label_asym_id 
_atom_site.label_entity_id 
_atom_site.label_seq_id 
_atom_site.pdbx_PDB_ins_code 
_atom_site.Cartn_x 
_atom_site.Cartn_y 
_atom_site.Cartn_z 
_atom_site.occupancy 
_atom_site.B_iso_or_equiv 
_atom_site.pdbx_formal_charge 
_atom_site.auth_seq_id 
_atom_site.auth_comp_id 
_atom_site.auth_asym_id 
_atom_site.auth_atom_id 
_atom_site.pdbx_PDB_model_num 
ATOM   1    N N   . THR A 1 1   ? -7.651  5.498   -12.514 1.00 41.10 ? 1   THR A N   1 
ATOM   2    C CA  . THR A 1 1   ? -8.088  4.883   -11.265 1.00 34.45 ? 1   THR A CA  1 
ATOM   3    C C   . THR A 1 1   ? -6.957  4.864   -10.224 1.00 37.19 ? 1   THR A C   1 
ATOM   4    O O   . THR A 1 1   ? -5.836  4.424   -10.494 1.00 32.37 ? 1   THR A O   1 
ATOM   5    C CB  . THR A 1 1   ? -8.619  3.458   -11.512 1.00 40.30 ? 1   THR A CB  1 
ATOM   6    O OG1 . THR A 1 1   ? -8.905  2.818   -10.261 1.00 44.30 ? 1   THR A OG1 1 
ATOM   7    C CG2 . THR A 1 1   ? -7.613  2.635   -12.297 1.00 42.90 ? 1   THR A CG2 1 
ATOM   8    N N   . LEU A 1 2   ? -7.264  5.359   -9.029  1.00 31.23 ? 2   LEU A N   1 
ATOM   9    C CA  . LEU A 1 2   ? -6.263  5.542   -7.984  1.00 28.22 ? 2   LEU A CA  1 
ATOM   10   C C   . LEU A 1 2   ? -6.593  4.691   -6.761  1.00 26.69 ? 2   LEU A C   1 
ATOM   11   O O   . LEU A 1 2   ? -7.663  4.834   -6.169  1.00 23.66 ? 2   LEU A O   1 
ATOM   12   C CB  . LEU A 1 2   ? -6.179  7.023   -7.612  1.00 25.19 ? 2   LEU A CB  1 
ATOM   13   C CG  . LEU A 1 2   ? -5.205  7.501   -6.540  1.00 32.32 ? 2   LEU A CG  1 
ATOM   14   C CD1 . LEU A 1 2   ? -3.767  7.232   -6.945  1.00 27.92 ? 2   LEU A CD1 1 
ATOM   15   C CD2 . LEU A 1 2   ? -5.427  8.985   -6.291  1.00 27.96 ? 2   LEU A CD2 1 
ATOM   16   N N   . SER A 1 3   ? -5.671  3.807   -6.390  1.00 21.46 ? 3   SER A N   1 
ATOM   17   C CA  . SER A 1 3   ? -5.924  2.836   -5.326  1.00 19.48 ? 3   SER A CA  1 
ATOM   18   C C   . SER A 1 3   ? -4.851  2.848   -4.245  1.00 21.61 ? 3   SER A C   1 
ATOM   19   O O   . SER A 1 3   ? -3.693  3.170   -4.510  1.00 22.19 ? 3   SER A O   1 
ATOM   20   C CB  . SER A 1 3   ? -6.024  1.423   -5.909  1.00 22.52 ? 3   SER A CB  1 
ATOM   21   O OG  . SER A 1 3   ? -7.017  1.342   -6.915  1.00 24.67 ? 3   SER A OG  1 
ATOM   22   N N   . ILE A 1 4   ? -5.248  2.488   -3.028  1.00 17.03 ? 4   ILE A N   1 
ATOM   23   C CA  . ILE A 1 4   ? -4.295  2.204   -1.962  1.00 16.96 ? 4   ILE A CA  1 
ATOM   24   C C   . ILE A 1 4   ? -3.980  0.709   -1.949  1.00 16.63 ? 4   ILE A C   1 
ATOM   25   O O   . ILE A 1 4   ? -4.868  -0.119  -2.153  1.00 17.85 ? 4   ILE A O   1 
ATOM   26   C CB  . ILE A 1 4   ? -4.830  2.659   -0.581  1.00 15.95 ? 4   ILE A CB  1 
ATOM   27   C CG1 . ILE A 1 4   ? -4.523  4.140   -0.365  1.00 16.11 ? 4   ILE A CG1 1 
ATOM   28   C CG2 . ILE A 1 4   ? -4.237  1.824   0.558   1.00 15.53 ? 4   ILE A CG2 1 
ATOM   29   C CD1 . ILE A 1 4   ? -4.833  4.631   1.032   1.00 18.38 ? 4   ILE A CD1 1 
ATOM   30   N N   . LEU A 1 5   ? -2.706  0.373   -1.756  1.00 19.42 ? 5   LEU A N   1 
ATOM   31   C CA  . LEU A 1 5   ? -2.279  -1.013  -1.585  1.00 13.21 ? 5   LEU A CA  1 
ATOM   32   C C   . LEU A 1 5   ? -1.471  -1.136  -0.296  1.00 18.87 ? 5   LEU A C   1 
ATOM   33   O O   . LEU A 1 5   ? -0.416  -0.518  -0.160  1.00 16.55 ? 5   LEU A O   1 
ATOM   34   C CB  . LEU A 1 5   ? -1.454  -1.474  -2.788  1.00 14.51 ? 5   LEU A CB  1 
ATOM   35   C CG  . LEU A 1 5   ? -0.936  -2.912  -2.776  1.00 19.69 ? 5   LEU A CG  1 
ATOM   36   C CD1 . LEU A 1 5   ? -2.086  -3.899  -2.680  1.00 17.18 ? 5   LEU A CD1 1 
ATOM   37   C CD2 . LEU A 1 5   ? -0.085  -3.191  -4.018  1.00 21.24 ? 5   LEU A CD2 1 
ATOM   38   N N   . VAL A 1 6   ? -1.965  -1.927  0.652   1.00 15.47 ? 6   VAL A N   1 
ATOM   39   C CA  . VAL A 1 6   ? -1.369  -1.957  1.984   1.00 14.43 ? 6   VAL A CA  1 
ATOM   40   C C   . VAL A 1 6   ? -1.629  -3.279  2.700   1.00 17.96 ? 6   VAL A C   1 
ATOM   41   O O   . VAL A 1 6   ? -2.628  -3.950  2.445   1.00 15.25 ? 6   VAL A O   1 
ATOM   42   C CB  . VAL A 1 6   ? -1.910  -0.789  2.858   1.00 17.50 ? 6   VAL A CB  1 
ATOM   43   C CG1 . VAL A 1 6   ? -3.404  -0.966  3.124   1.00 12.60 ? 6   VAL A CG1 1 
ATOM   44   C CG2 . VAL A 1 6   ? -1.138  -0.661  4.176   1.00 15.83 ? 6   VAL A CG2 1 
ATOM   45   N N   . ALA A 1 7   ? -0.710  -3.652  3.583   1.00 16.75 ? 7   ALA A N   1 
ATOM   46   C CA  . ALA A 1 7   ? -0.961  -4.686  4.575   1.00 15.19 ? 7   ALA A CA  1 
ATOM   47   C C   . ALA A 1 7   ? -0.854  -4.072  5.971   1.00 20.40 ? 7   ALA A C   1 
ATOM   48   O O   . ALA A 1 7   ? 0.139   -3.410  6.290   1.00 15.76 ? 7   ALA A O   1 
ATOM   49   C CB  . ALA A 1 7   ? 0.019   -5.839  4.416   1.00 17.39 ? 7   ALA A CB  1 
ATOM   50   N N   . HIS A 1 8   ? -1.874  -4.270  6.799   1.00 15.79 ? 8   HIS A N   1 
ATOM   51   C CA  . HIS A 1 8   ? -1.804  -3.794  8.177   1.00 13.85 ? 8   HIS A CA  1 
ATOM   52   C C   . HIS A 1 8   ? -2.363  -4.844  9.120   1.00 16.70 ? 8   HIS A C   1 
ATOM   53   O O   . HIS A 1 8   ? -3.183  -5.672  8.717   1.00 16.30 ? 8   HIS A O   1 
ATOM   54   C CB  . HIS A 1 8   ? -2.529  -2.446  8.341   1.00 13.29 ? 8   HIS A CB  1 
ATOM   55   C CG  . HIS A 1 8   ? -4.029  -2.524  8.297   1.00 12.84 ? 8   HIS A CG  1 
ATOM   56   N ND1 . HIS A 1 8   ? -4.777  -3.172  9.260   1.00 15.08 ? 8   HIS A ND1 1 
ATOM   57   C CD2 . HIS A 1 8   ? -4.922  -1.995  7.428   1.00 13.41 ? 8   HIS A CD2 1 
ATOM   58   C CE1 . HIS A 1 8   ? -6.061  -3.054  8.974   1.00 17.12 ? 8   HIS A CE1 1 
ATOM   59   N NE2 . HIS A 1 8   ? -6.177  -2.345  7.864   1.00 12.70 ? 8   HIS A NE2 1 
ATOM   60   N N   . ASP A 1 9   ? -1.915  -4.822  10.373  1.00 14.95 ? 9   ASP A N   1 
ATOM   61   C CA  . ASP A 1 9   ? -2.333  -5.844  11.322  1.00 12.15 ? 9   ASP A CA  1 
ATOM   62   C C   . ASP A 1 9   ? -3.601  -5.411  12.057  1.00 15.02 ? 9   ASP A C   1 
ATOM   63   O O   . ASP A 1 9   ? -4.237  -4.434  11.672  1.00 12.70 ? 9   ASP A O   1 
ATOM   64   C CB  . ASP A 1 9   ? -1.182  -6.197  12.289  1.00 13.85 ? 9   ASP A CB  1 
ATOM   65   C CG  . ASP A 1 9   ? -0.965  -5.169  13.404  1.00 14.23 ? 9   ASP A CG  1 
ATOM   66   O OD1 . ASP A 1 9   ? -1.586  -4.087  13.406  1.00 15.31 ? 9   ASP A OD1 1 
ATOM   67   O OD2 . ASP A 1 9   ? -0.138  -5.461  14.296  1.00 15.58 ? 9   ASP A OD2 1 
ATOM   68   N N   . LEU A 1 10  ? -3.971  -6.144  13.104  1.00 15.28 ? 10  LEU A N   1 
ATOM   69   C CA  . LEU A 1 10  ? -5.238  -5.905  13.791  1.00 15.49 ? 10  LEU A CA  1 
ATOM   70   C C   . LEU A 1 10  ? -5.296  -4.538  14.465  1.00 19.44 ? 10  LEU A C   1 
ATOM   71   O O   . LEU A 1 10  ? -6.370  -4.065  14.826  1.00 17.54 ? 10  LEU A O   1 
ATOM   72   C CB  . LEU A 1 10  ? -5.489  -7.001  14.823  1.00 15.26 ? 10  LEU A CB  1 
ATOM   73   C CG  . LEU A 1 10  ? -5.699  -8.380  14.202  1.00 17.42 ? 10  LEU A CG  1 
ATOM   74   C CD1 . LEU A 1 10  ? -5.602  -9.468  15.257  1.00 19.69 ? 10  LEU A CD1 1 
ATOM   75   C CD2 . LEU A 1 10  ? -7.039  -8.426  13.475  1.00 20.26 ? 10  LEU A CD2 1 
ATOM   76   N N   . GLN A 1 11  ? -4.138  -3.908  14.628  1.00 15.22 ? 11  GLN A N   1 
ATOM   77   C CA  . GLN A 1 11  ? -4.068  -2.590  15.249  1.00 19.25 ? 11  GLN A CA  1 
ATOM   78   C C   . GLN A 1 11  ? -3.622  -1.528  14.242  1.00 17.90 ? 11  GLN A C   1 
ATOM   79   O O   . GLN A 1 11  ? -3.297  -0.400  14.618  1.00 16.28 ? 11  GLN A O   1 
ATOM   80   C CB  . GLN A 1 11  ? -3.129  -2.640  16.454  1.00 21.12 ? 11  GLN A CB  1 
ATOM   81   C CG  . GLN A 1 11  ? -3.437  -3.820  17.368  1.00 29.72 ? 11  GLN A CG  1 
ATOM   82   C CD  . GLN A 1 11  ? -2.803  -3.705  18.737  1.00 37.43 ? 11  GLN A CD  1 
ATOM   83   O OE1 . GLN A 1 11  ? -1.579  -3.741  18.873  1.00 33.14 ? 11  GLN A OE1 1 
ATOM   84   N NE2 . GLN A 1 11  ? -3.638  -3.586  19.767  1.00 33.42 ? 11  GLN A NE2 1 
ATOM   85   N N   . ARG A 1 12  ? -3.637  -1.914  12.966  1.00 17.09 ? 12  ARG A N   1 
ATOM   86   C CA  . ARG A 1 12  ? -3.241  -1.085  11.820  1.00 15.43 ? 12  ARG A CA  1 
ATOM   87   C C   . ARG A 1 12  ? -1.743  -0.764  11.751  1.00 15.24 ? 12  ARG A C   1 
ATOM   88   O O   . ARG A 1 12  ? -1.342  0.173   11.065  1.00 13.92 ? 12  ARG A O   1 
ATOM   89   C CB  . ARG A 1 12  ? -4.033  0.220   11.784  1.00 12.86 ? 12  ARG A CB  1 
ATOM   90   C CG  . ARG A 1 12  ? -5.411  0.089   11.144  1.00 20.32 ? 12  ARG A CG  1 
ATOM   91   C CD  . ARG A 1 12  ? -6.170  1.407   11.215  1.00 18.27 ? 12  ARG A CD  1 
ATOM   92   N NE  . ARG A 1 12  ? -6.523  1.741   12.590  1.00 15.84 ? 12  ARG A NE  1 
ATOM   93   C CZ  . ARG A 1 12  ? -5.844  2.577   13.369  1.00 23.67 ? 12  ARG A CZ  1 
ATOM   94   N NH1 . ARG A 1 12  ? -4.754  3.197   12.916  1.00 14.86 ? 12  ARG A NH1 1 
ATOM   95   N NH2 . ARG A 1 12  ? -6.265  2.799   14.609  1.00 23.40 ? 12  ARG A NH2 1 
ATOM   96   N N   . VAL A 1 13  ? -0.920  -1.549  12.436  1.00 15.55 ? 13  VAL A N   1 
ATOM   97   C CA  . VAL A 1 13  ? 0.524   -1.466  12.240  1.00 13.86 ? 13  VAL A CA  1 
ATOM   98   C C   . VAL A 1 13  ? 0.861   -1.817  10.792  1.00 18.00 ? 13  VAL A C   1 
ATOM   99   O O   . VAL A 1 13  ? 0.322   -2.782  10.251  1.00 13.53 ? 13  VAL A O   1 
ATOM   100  C CB  . VAL A 1 13  ? 1.282   -2.415  13.191  1.00 18.59 ? 13  VAL A CB  1 
ATOM   101  C CG1 . VAL A 1 13  ? 2.734   -2.600  12.737  1.00 15.74 ? 13  VAL A CG1 1 
ATOM   102  C CG2 . VAL A 1 13  ? 1.216   -1.904  14.622  1.00 17.84 ? 13  VAL A CG2 1 
ATOM   103  N N   . ILE A 1 14  ? 1.734   -1.037  10.159  1.00 13.00 ? 14  ILE A N   1 
ATOM   104  C CA  . ILE A 1 14  ? 2.203   -1.372  8.813   1.00 12.41 ? 14  ILE A CA  1 
ATOM   105  C C   . ILE A 1 14  ? 3.727   -1.551  8.742   1.00 18.94 ? 14  ILE A C   1 
ATOM   106  O O   . ILE A 1 14  ? 4.247   -2.135  7.788   1.00 15.97 ? 14  ILE A O   1 
ATOM   107  C CB  . ILE A 1 14  ? 1.785   -0.305  7.780   1.00 15.00 ? 14  ILE A CB  1 
ATOM   108  C CG1 . ILE A 1 14  ? 2.442   1.046   8.101   1.00 18.48 ? 14  ILE A CG1 1 
ATOM   109  C CG2 . ILE A 1 14  ? 0.259   -0.188  7.716   1.00 13.10 ? 14  ILE A CG2 1 
ATOM   110  C CD1 . ILE A 1 14  ? 2.283   2.088   7.010   1.00 18.29 ? 14  ILE A CD1 1 
ATOM   111  N N   . GLY A 1 15  ? 4.449   -1.064  9.744   1.00 18.79 ? 15  GLY A N   1 
ATOM   112  C CA  . GLY A 1 15  ? 5.899   -1.153  9.693   1.00 19.11 ? 15  GLY A CA  1 
ATOM   113  C C   . GLY A 1 15  ? 6.577   -1.092  11.042  1.00 18.84 ? 15  GLY A C   1 
ATOM   114  O O   . GLY A 1 15  ? 5.998   -0.638  12.027  1.00 14.34 ? 15  GLY A O   1 
ATOM   115  N N   . PHE A 1 16  ? 7.809   -1.583  11.084  1.00 16.25 ? 16  PHE A N   1 
ATOM   116  C CA  . PHE A 1 16  ? 8.660   -1.421  12.252  1.00 18.78 ? 16  PHE A CA  1 
ATOM   117  C C   . PHE A 1 16  ? 10.111  -1.287  11.807  1.00 20.24 ? 16  PHE A C   1 
ATOM   118  O O   . PHE A 1 16  ? 10.636  -2.157  11.113  1.00 19.09 ? 16  PHE A O   1 
ATOM   119  C CB  . PHE A 1 16  ? 8.506   -2.592  13.227  1.00 15.52 ? 16  PHE A CB  1 
ATOM   120  C CG  . PHE A 1 16  ? 9.321   -2.439  14.482  1.00 21.75 ? 16  PHE A CG  1 
ATOM   121  C CD1 . PHE A 1 16  ? 9.057   -1.407  15.372  1.00 19.58 ? 16  PHE A CD1 1 
ATOM   122  C CD2 . PHE A 1 16  ? 10.363  -3.310  14.763  1.00 20.64 ? 16  PHE A CD2 1 
ATOM   123  C CE1 . PHE A 1 16  ? 9.811   -1.255  16.525  1.00 23.10 ? 16  PHE A CE1 1 
ATOM   124  C CE2 . PHE A 1 16  ? 11.118  -3.162  15.914  1.00 23.66 ? 16  PHE A CE2 1 
ATOM   125  C CZ  . PHE A 1 16  ? 10.841  -2.135  16.799  1.00 25.05 ? 16  PHE A CZ  1 
ATOM   126  N N   . GLU A 1 17  ? 10.739  -0.187  12.211  1.00 20.60 ? 17  GLU A N   1 
ATOM   127  C CA  . GLU A 1 17  ? 12.126  0.102   11.859  1.00 20.02 ? 17  GLU A CA  1 
ATOM   128  C C   . GLU A 1 17  ? 12.357  -0.021  10.358  1.00 20.41 ? 17  GLU A C   1 
ATOM   129  O O   . GLU A 1 17  ? 13.298  -0.678  9.908   1.00 24.58 ? 17  GLU A O   1 
ATOM   130  C CB  . GLU A 1 17  ? 13.072  -0.809  12.644  1.00 18.42 ? 17  GLU A CB  1 
ATOM   131  C CG  . GLU A 1 17  ? 13.185  -0.396  14.108  1.00 25.54 ? 17  GLU A CG  1 
ATOM   132  C CD  . GLU A 1 17  ? 14.014  -1.351  14.944  1.00 29.92 ? 17  GLU A CD  1 
ATOM   133  O OE1 . GLU A 1 17  ? 14.313  -2.468  14.472  1.00 31.85 ? 17  GLU A OE1 1 
ATOM   134  O OE2 . GLU A 1 17  ? 14.360  -0.977  16.086  1.00 28.98 ? 17  GLU A OE2 1 
ATOM   135  N N   . ASN A 1 18  ? 11.465  0.614   9.602   1.00 23.46 ? 18  ASN A N   1 
ATOM   136  C CA  . ASN A 1 18  ? 11.548  0.703   8.146   1.00 29.80 ? 18  ASN A CA  1 
ATOM   137  C C   . ASN A 1 18  ? 11.510  -0.651  7.445   1.00 27.98 ? 18  ASN A C   1 
ATOM   138  O O   . ASN A 1 18  ? 12.035  -0.802  6.342   1.00 30.12 ? 18  ASN A O   1 
ATOM   139  C CB  . ASN A 1 18  ? 12.807  1.472   7.741   1.00 24.36 ? 18  ASN A CB  1 
ATOM   140  C CG  . ASN A 1 18  ? 12.776  2.914   8.208   1.00 40.96 ? 18  ASN A CG  1 
ATOM   141  O OD1 . ASN A 1 18  ? 11.847  3.662   7.892   1.00 42.27 ? 18  ASN A OD1 1 
ATOM   142  N ND2 . ASN A 1 18  ? 13.791  3.311   8.968   1.00 43.23 ? 18  ASN A ND2 1 
ATOM   143  N N   . GLN A 1 19  ? 10.882  -1.629  8.091   1.00 23.21 ? 19  GLN A N   1 
ATOM   144  C CA  . GLN A 1 19  ? 10.643  -2.940  7.489   1.00 21.23 ? 19  GLN A CA  1 
ATOM   145  C C   . GLN A 1 19  ? 9.216   -3.406  7.764   1.00 18.52 ? 19  GLN A C   1 
ATOM   146  O O   . GLN A 1 19  ? 8.540   -2.871  8.644   1.00 17.86 ? 19  GLN A O   1 
ATOM   147  C CB  . GLN A 1 19  ? 11.619  -3.982  8.031   1.00 22.16 ? 19  GLN A CB  1 
ATOM   148  C CG  . GLN A 1 19  ? 13.077  -3.733  7.706   1.00 33.44 ? 19  GLN A CG  1 
ATOM   149  C CD  . GLN A 1 19  ? 13.963  -4.859  8.203   1.00 46.99 ? 19  GLN A CD  1 
ATOM   150  O OE1 . GLN A 1 19  ? 14.981  -4.623  8.855   1.00 57.31 ? 19  GLN A OE1 1 
ATOM   151  N NE2 . GLN A 1 19  ? 13.576  -6.096  7.900   1.00 49.10 ? 19  GLN A NE2 1 
ATOM   152  N N   . LEU A 1 20  ? 8.760   -4.406  7.016   1.00 19.74 ? 20  LEU A N   1 
ATOM   153  C CA  . LEU A 1 20  ? 7.515   -5.089  7.358   1.00 20.45 ? 20  LEU A CA  1 
ATOM   154  C C   . LEU A 1 20  ? 7.740   -5.869  8.644   1.00 17.81 ? 20  LEU A C   1 
ATOM   155  O O   . LEU A 1 20  ? 8.753   -6.555  8.777   1.00 20.44 ? 20  LEU A O   1 
ATOM   156  C CB  . LEU A 1 20  ? 7.070   -6.033  6.235   1.00 22.09 ? 20  LEU A CB  1 
ATOM   157  C CG  . LEU A 1 20  ? 6.783   -5.441  4.854   1.00 22.87 ? 20  LEU A CG  1 
ATOM   158  C CD1 . LEU A 1 20  ? 6.446   -6.557  3.858   1.00 15.68 ? 20  LEU A CD1 1 
ATOM   159  C CD2 . LEU A 1 20  ? 5.660   -4.418  4.926   1.00 19.86 ? 20  LEU A CD2 1 
ATOM   160  N N   . PRO A 1 21  ? 6.812   -5.761  9.605   1.00 22.32 ? 21  PRO A N   1 
ATOM   161  C CA  . PRO A 1 21  ? 6.957   -6.505  10.862  1.00 22.18 ? 21  PRO A CA  1 
ATOM   162  C C   . PRO A 1 21  ? 6.800   -8.015  10.682  1.00 21.12 ? 21  PRO A C   1 
ATOM   163  O O   . PRO A 1 21  ? 7.264   -8.782  11.526  1.00 21.46 ? 21  PRO A O   1 
ATOM   164  C CB  . PRO A 1 21  ? 5.824   -5.942  11.741  1.00 20.56 ? 21  PRO A CB  1 
ATOM   165  C CG  . PRO A 1 21  ? 5.470   -4.625  11.116  1.00 19.73 ? 21  PRO A CG  1 
ATOM   166  C CD  . PRO A 1 21  ? 5.661   -4.843  9.646   1.00 22.70 ? 21  PRO A CD  1 
ATOM   167  N N   . TRP A 1 22  ? 6.164   -8.432  9.593   1.00 19.45 ? 22  TRP A N   1 
ATOM   168  C CA  . TRP A 1 22  ? 5.874   -9.846  9.365   1.00 19.45 ? 22  TRP A CA  1 
ATOM   169  C C   . TRP A 1 22  ? 6.650   -10.422 8.186   1.00 22.00 ? 22  TRP A C   1 
ATOM   170  O O   . TRP A 1 22  ? 7.041   -9.700  7.271   1.00 18.06 ? 22  TRP A O   1 
ATOM   171  C CB  . TRP A 1 22  ? 4.380   -10.049 9.113   1.00 15.75 ? 22  TRP A CB  1 
ATOM   172  C CG  . TRP A 1 22  ? 3.817   -8.988  8.235   1.00 18.70 ? 22  TRP A CG  1 
ATOM   173  C CD1 . TRP A 1 22  ? 3.860   -8.941  6.871   1.00 15.75 ? 22  TRP A CD1 1 
ATOM   174  C CD2 . TRP A 1 22  ? 3.140   -7.802  8.658   1.00 17.80 ? 22  TRP A CD2 1 
ATOM   175  N NE1 . TRP A 1 22  ? 3.250   -7.797  6.420   1.00 17.76 ? 22  TRP A NE1 1 
ATOM   176  C CE2 . TRP A 1 22  ? 2.795   -7.082  7.499   1.00 16.90 ? 22  TRP A CE2 1 
ATOM   177  C CE3 . TRP A 1 22  ? 2.784   -7.282  9.907   1.00 17.56 ? 22  TRP A CE3 1 
ATOM   178  C CZ2 . TRP A 1 22  ? 2.112   -5.872  7.549   1.00 18.35 ? 22  TRP A CZ2 1 
ATOM   179  C CZ3 . TRP A 1 22  ? 2.108   -6.082  9.957   1.00 15.26 ? 22  TRP A CZ3 1 
ATOM   180  C CH2 . TRP A 1 22  ? 1.781   -5.387  8.786   1.00 17.03 ? 22  TRP A CH2 1 
ATOM   181  N N   . HIS A 1 23  ? 6.858   -11.731 8.216   1.00 23.46 ? 23  HIS A N   1 
ATOM   182  C CA  . HIS A 1 23  ? 7.356   -12.445 7.052   1.00 25.72 ? 23  HIS A CA  1 
ATOM   183  C C   . HIS A 1 23  ? 6.209   -13.257 6.465   1.00 23.18 ? 23  HIS A C   1 
ATOM   184  O O   . HIS A 1 23  ? 5.792   -14.264 7.037   1.00 22.79 ? 23  HIS A O   1 
ATOM   185  C CB  . HIS A 1 23  ? 8.533   -13.350 7.414   1.00 25.56 ? 23  HIS A CB  1 
ATOM   186  C CG  . HIS A 1 23  ? 8.972   -14.238 6.294   1.00 37.94 ? 23  HIS A CG  1 
ATOM   187  N ND1 . HIS A 1 23  ? 9.720   -13.779 5.231   1.00 41.61 ? 23  HIS A ND1 1 
ATOM   188  C CD2 . HIS A 1 23  ? 8.756   -15.555 6.060   1.00 39.88 ? 23  HIS A CD2 1 
ATOM   189  C CE1 . HIS A 1 23  ? 9.954   -14.775 4.396   1.00 39.40 ? 23  HIS A CE1 1 
ATOM   190  N NE2 . HIS A 1 23  ? 9.378   -15.865 4.875   1.00 41.01 ? 23  HIS A NE2 1 
ATOM   191  N N   . LEU A 1 24  ? 5.688   -12.807 5.330   1.00 17.07 ? 24  LEU A N   1 
ATOM   192  C CA  . LEU A 1 24  ? 4.526   -13.449 4.731   1.00 22.12 ? 24  LEU A CA  1 
ATOM   193  C C   . LEU A 1 24  ? 4.625   -13.427 3.210   1.00 23.77 ? 24  LEU A C   1 
ATOM   194  O O   . LEU A 1 24  ? 4.113   -12.510 2.569   1.00 19.53 ? 24  LEU A O   1 
ATOM   195  C CB  . LEU A 1 24  ? 3.239   -12.757 5.193   1.00 16.99 ? 24  LEU A CB  1 
ATOM   196  C CG  . LEU A 1 24  ? 1.912   -13.441 4.851   1.00 21.16 ? 24  LEU A CG  1 
ATOM   197  C CD1 . LEU A 1 24  ? 1.858   -14.851 5.434   1.00 23.54 ? 24  LEU A CD1 1 
ATOM   198  C CD2 . LEU A 1 24  ? 0.742   -12.609 5.347   1.00 18.62 ? 24  LEU A CD2 1 
ATOM   199  N N   . PRO A 1 25  ? 5.299   -14.439 2.630   1.00 27.93 ? 25  PRO A N   1 
ATOM   200  C CA  . PRO A 1 25  ? 5.520   -14.570 1.184   1.00 26.42 ? 25  PRO A CA  1 
ATOM   201  C C   . PRO A 1 25  ? 4.253   -14.417 0.338   1.00 20.54 ? 25  PRO A C   1 
ATOM   202  O O   . PRO A 1 25  ? 4.293   -13.772 -0.712  1.00 22.25 ? 25  PRO A O   1 
ATOM   203  C CB  . PRO A 1 25  ? 6.082   -15.990 1.052   1.00 23.76 ? 25  PRO A CB  1 
ATOM   204  C CG  . PRO A 1 25  ? 6.813   -16.201 2.327   1.00 32.02 ? 25  PRO A CG  1 
ATOM   205  C CD  . PRO A 1 25  ? 5.967   -15.518 3.381   1.00 26.43 ? 25  PRO A CD  1 
ATOM   206  N N   A ASN A 1 26  ? 3.154   -15.003 0.805   0.51 21.66 ? 26  ASN A N   1 
ATOM   207  N N   B ASN A 1 26  ? 3.145   -14.997 0.791   0.49 21.65 ? 26  ASN A N   1 
ATOM   208  C CA  A ASN A 1 26  ? 1.884   -14.979 0.085   0.51 23.14 ? 26  ASN A CA  1 
ATOM   209  C CA  B ASN A 1 26  ? 1.903   -14.970 0.020   0.49 23.14 ? 26  ASN A CA  1 
ATOM   210  C C   A ASN A 1 26  ? 1.408   -13.564 -0.213  0.51 22.60 ? 26  ASN A C   1 
ATOM   211  C C   B ASN A 1 26  ? 1.375   -13.558 -0.210  0.49 22.50 ? 26  ASN A C   1 
ATOM   212  O O   A ASN A 1 26  ? 0.812   -13.308 -1.260  0.51 23.50 ? 26  ASN A O   1 
ATOM   213  O O   B ASN A 1 26  ? 0.710   -13.295 -1.213  0.49 23.47 ? 26  ASN A O   1 
ATOM   214  C CB  A ASN A 1 26  ? 0.810   -15.725 0.882   0.51 23.39 ? 26  ASN A CB  1 
ATOM   215  C CB  B ASN A 1 26  ? 0.828   -15.818 0.703   0.49 23.52 ? 26  ASN A CB  1 
ATOM   216  C CG  A ASN A 1 26  ? -0.403  -16.072 0.043   0.51 24.27 ? 26  ASN A CG  1 
ATOM   217  C CG  B ASN A 1 26  ? 0.971   -17.299 0.396   0.49 27.65 ? 26  ASN A CG  1 
ATOM   218  O OD1 A ASN A 1 26  ? -0.295  -16.292 -1.163  0.51 35.59 ? 26  ASN A OD1 1 
ATOM   219  O OD1 B ASN A 1 26  ? 1.896   -17.714 -0.303  0.49 35.59 ? 26  ASN A OD1 1 
ATOM   220  N ND2 A ASN A 1 26  ? -1.569  -16.122 0.678   0.51 19.99 ? 26  ASN A ND2 1 
ATOM   221  N ND2 B ASN A 1 26  ? 0.049   -18.104 0.915   0.49 22.72 ? 26  ASN A ND2 1 
ATOM   222  N N   . ASP A 1 27  ? 1.670   -12.647 0.711   1.00 18.31 ? 27  ASP A N   1 
ATOM   223  C CA  . ASP A 1 27  ? 1.216   -11.274 0.552   1.00 23.17 ? 27  ASP A CA  1 
ATOM   224  C C   . ASP A 1 27  ? 2.069   -10.531 -0.464  1.00 17.41 ? 27  ASP A C   1 
ATOM   225  O O   . ASP A 1 27  ? 1.580   -9.654  -1.166  1.00 19.60 ? 27  ASP A O   1 
ATOM   226  C CB  . ASP A 1 27  ? 1.218   -10.521 1.882   1.00 19.45 ? 27  ASP A CB  1 
ATOM   227  C CG  . ASP A 1 27  ? 0.529   -9.177  1.773   1.00 24.91 ? 27  ASP A CG  1 
ATOM   228  O OD1 . ASP A 1 27  ? -0.590  -9.137  1.222   1.00 25.70 ? 27  ASP A OD1 1 
ATOM   229  O OD2 . ASP A 1 27  ? 1.108   -8.162  2.207   1.00 24.57 ? 27  ASP A OD2 1 
ATOM   230  N N   . LEU A 1 28  ? 3.348   -10.878 -0.540  1.00 22.07 ? 28  LEU A N   1 
ATOM   231  C CA  . LEU A 1 28  ? 4.214   -10.266 -1.539  1.00 23.59 ? 28  LEU A CA  1 
ATOM   232  C C   . LEU A 1 28  ? 3.821   -10.760 -2.928  1.00 23.00 ? 28  LEU A C   1 
ATOM   233  O O   . LEU A 1 28  ? 3.933   -10.027 -3.908  1.00 27.44 ? 28  LEU A O   1 
ATOM   234  C CB  . LEU A 1 28  ? 5.687   -10.562 -1.246  1.00 22.99 ? 28  LEU A CB  1 
ATOM   235  C CG  . LEU A 1 28  ? 6.179   -10.004 0.095   1.00 29.05 ? 28  LEU A CG  1 
ATOM   236  C CD1 . LEU A 1 28  ? 7.695   -10.076 0.208   1.00 34.99 ? 28  LEU A CD1 1 
ATOM   237  C CD2 . LEU A 1 28  ? 5.676   -8.584  0.329   1.00 23.89 ? 28  LEU A CD2 1 
ATOM   238  N N   . LYS A 1 29  ? 3.355   -12.004 -3.005  1.00 24.42 ? 29  LYS A N   1 
ATOM   239  C CA  . LYS A 1 29  ? 2.802   -12.537 -4.249  1.00 23.19 ? 29  LYS A CA  1 
ATOM   240  C C   . LYS A 1 29  ? 1.523   -11.791 -4.619  1.00 24.92 ? 29  LYS A C   1 
ATOM   241  O O   . LYS A 1 29  ? 1.271   -11.510 -5.790  1.00 25.78 ? 29  LYS A O   1 
ATOM   242  C CB  . LYS A 1 29  ? 2.522   -14.036 -4.127  1.00 25.01 ? 29  LYS A CB  1 
ATOM   243  C CG  . LYS A 1 29  ? 3.765   -14.907 -4.035  1.00 31.94 ? 29  LYS A CG  1 
ATOM   244  C CD  . LYS A 1 29  ? 4.699   -14.664 -5.211  1.00 45.25 ? 29  LYS A CD  1 
ATOM   245  C CE  . LYS A 1 29  ? 4.628   -15.779 -6.243  1.00 55.91 ? 29  LYS A CE  1 
ATOM   246  N NZ  . LYS A 1 29  ? 5.582   -15.537 -7.364  1.00 53.72 ? 29  LYS A NZ  1 
ATOM   247  N N   . HIS A 1 30  ? 0.717   -11.485 -3.607  1.00 20.97 ? 30  HIS A N   1 
ATOM   248  C CA  . HIS A 1 30  ? -0.500  -10.701 -3.780  1.00 24.94 ? 30  HIS A CA  1 
ATOM   249  C C   . HIS A 1 30  ? -0.176  -9.333  -4.380  1.00 21.48 ? 30  HIS A C   1 
ATOM   250  O O   . HIS A 1 30  ? -0.804  -8.900  -5.349  1.00 20.60 ? 30  HIS A O   1 
ATOM   251  C CB  . HIS A 1 30  ? -1.218  -10.553 -2.435  1.00 19.58 ? 30  HIS A CB  1 
ATOM   252  C CG  . HIS A 1 30  ? -2.471  -9.735  -2.495  1.00 23.66 ? 30  HIS A CG  1 
ATOM   253  N ND1 . HIS A 1 30  ? -3.626  -10.184 -3.101  1.00 27.26 ? 30  HIS A ND1 1 
ATOM   254  C CD2 . HIS A 1 30  ? -2.760  -8.511  -1.997  1.00 22.97 ? 30  HIS A CD2 1 
ATOM   255  C CE1 . HIS A 1 30  ? -4.568  -9.264  -2.988  1.00 22.77 ? 30  HIS A CE1 1 
ATOM   256  N NE2 . HIS A 1 30  ? -4.070  -8.240  -2.316  1.00 25.20 ? 30  HIS A NE2 1 
ATOM   257  N N   . VAL A 1 31  ? 0.817   -8.665  -3.803  1.00 21.76 ? 31  VAL A N   1 
ATOM   258  C CA  . VAL A 1 31  ? 1.280   -7.375  -4.300  1.00 17.80 ? 31  VAL A CA  1 
ATOM   259  C C   . VAL A 1 31  ? 1.742   -7.478  -5.749  1.00 25.81 ? 31  VAL A C   1 
ATOM   260  O O   . VAL A 1 31  ? 1.396   -6.640  -6.586  1.00 21.93 ? 31  VAL A O   1 
ATOM   261  C CB  . VAL A 1 31  ? 2.435   -6.829  -3.435  1.00 19.79 ? 31  VAL A CB  1 
ATOM   262  C CG1 . VAL A 1 31  ? 3.153   -5.687  -4.144  1.00 24.43 ? 31  VAL A CG1 1 
ATOM   263  C CG2 . VAL A 1 31  ? 1.910   -6.384  -2.083  1.00 21.59 ? 31  VAL A CG2 1 
ATOM   264  N N   . LYS A 1 32  ? 2.522   -8.518  -6.030  1.00 27.12 ? 32  LYS A N   1 
ATOM   265  C CA  . LYS A 1 32  ? 3.051   -8.756  -7.367  1.00 25.99 ? 32  LYS A CA  1 
ATOM   266  C C   . LYS A 1 32  ? 1.925   -8.911  -8.383  1.00 23.18 ? 32  LYS A C   1 
ATOM   267  O O   . LYS A 1 32  ? 1.967   -8.311  -9.455  1.00 28.67 ? 32  LYS A O   1 
ATOM   268  C CB  . LYS A 1 32  ? 3.953   -9.996  -7.369  1.00 27.94 ? 32  LYS A CB  1 
ATOM   269  C CG  . LYS A 1 32  ? 4.511   -10.387 -8.733  1.00 33.78 ? 32  LYS A CG  1 
ATOM   270  C CD  . LYS A 1 32  ? 5.504   -11.534 -8.592  1.00 42.80 ? 32  LYS A CD  1 
ATOM   271  C CE  . LYS A 1 32  ? 5.881   -12.140 -9.937  1.00 57.22 ? 32  LYS A CE  1 
ATOM   272  N NZ  . LYS A 1 32  ? 5.360   -13.528 -10.103 1.00 40.73 ? 32  LYS A NZ  1 
ATOM   273  N N   . LYS A 1 33  ? 0.911   -9.696  -8.037  1.00 27.77 ? 33  LYS A N   1 
ATOM   274  C CA  . LYS A 1 33  ? -0.203  -9.933  -8.952  1.00 29.40 ? 33  LYS A CA  1 
ATOM   275  C C   . LYS A 1 33  ? -1.043  -8.677  -9.212  1.00 31.29 ? 33  LYS A C   1 
ATOM   276  O O   . LYS A 1 33  ? -1.438  -8.420  -10.347 1.00 27.52 ? 33  LYS A O   1 
ATOM   277  C CB  . LYS A 1 33  ? -1.099  -11.056 -8.424  1.00 30.68 ? 33  LYS A CB  1 
ATOM   278  C CG  . LYS A 1 33  ? -0.499  -12.444 -8.590  1.00 42.71 ? 33  LYS A CG  1 
ATOM   279  C CD  . LYS A 1 33  ? -1.580  -13.513 -8.643  1.00 61.08 ? 33  LYS A CD  1 
ATOM   280  C CE  . LYS A 1 33  ? -1.098  -14.745 -9.402  1.00 65.17 ? 33  LYS A CE  1 
ATOM   281  N NZ  . LYS A 1 33  ? -1.207  -14.568 -10.880 1.00 54.94 ? 33  LYS A NZ  1 
ATOM   282  N N   . LEU A 1 34  ? -1.314  -7.896  -8.171  1.00 25.96 ? 34  LEU A N   1 
ATOM   283  C CA  . LEU A 1 34  ? -2.139  -6.698  -8.324  1.00 25.73 ? 34  LEU A CA  1 
ATOM   284  C C   . LEU A 1 34  ? -1.440  -5.565  -9.078  1.00 26.39 ? 34  LEU A C   1 
ATOM   285  O O   . LEU A 1 34  ? -2.067  -4.862  -9.872  1.00 25.34 ? 34  LEU A O   1 
ATOM   286  C CB  . LEU A 1 34  ? -2.593  -6.170  -6.958  1.00 23.68 ? 34  LEU A CB  1 
ATOM   287  C CG  . LEU A 1 34  ? -3.780  -6.830  -6.261  1.00 31.13 ? 34  LEU A CG  1 
ATOM   288  C CD1 . LEU A 1 34  ? -3.976  -6.219  -4.881  1.00 25.97 ? 34  LEU A CD1 1 
ATOM   289  C CD2 . LEU A 1 34  ? -5.041  -6.682  -7.102  1.00 27.08 ? 34  LEU A CD2 1 
ATOM   290  N N   . SER A 1 35  ? -0.147  -5.383  -8.825  1.00 20.02 ? 35  SER A N   1 
ATOM   291  C CA  . SER A 1 35  ? 0.543   -4.182  -9.284  1.00 24.62 ? 35  SER A CA  1 
ATOM   292  C C   . SER A 1 35  ? 1.345   -4.359  -10.574 1.00 26.16 ? 35  SER A C   1 
ATOM   293  O O   . SER A 1 35  ? 1.747   -3.371  -11.188 1.00 24.93 ? 35  SER A O   1 
ATOM   294  C CB  . SER A 1 35  ? 1.472   -3.668  -8.184  1.00 27.72 ? 35  SER A CB  1 
ATOM   295  O OG  . SER A 1 35  ? 2.480   -4.619  -7.885  1.00 31.23 ? 35  SER A OG  1 
ATOM   296  N N   . THR A 1 36  ? 1.581   -5.604  -10.982 1.00 32.41 ? 36  THR A N   1 
ATOM   297  C CA  . THR A 1 36  ? 2.343   -5.861  -12.205 1.00 33.38 ? 36  THR A CA  1 
ATOM   298  C C   . THR A 1 36  ? 1.645   -5.245  -13.415 1.00 31.05 ? 36  THR A C   1 
ATOM   299  O O   . THR A 1 36  ? 0.443   -5.422  -13.607 1.00 27.88 ? 36  THR A O   1 
ATOM   300  C CB  . THR A 1 36  ? 2.546   -7.370  -12.446 1.00 38.98 ? 36  THR A CB  1 
ATOM   301  O OG1 . THR A 1 36  ? 3.307   -7.931  -11.370 1.00 37.87 ? 36  THR A OG1 1 
ATOM   302  C CG2 . THR A 1 36  ? 3.291   -7.609  -13.754 1.00 35.24 ? 36  THR A CG2 1 
ATOM   303  N N   . GLY A 1 37  ? 2.406   -4.505  -14.217 1.00 32.21 ? 37  GLY A N   1 
ATOM   304  C CA  . GLY A 1 37  ? 1.864   -3.852  -15.394 1.00 28.64 ? 37  GLY A CA  1 
ATOM   305  C C   . GLY A 1 37  ? 1.259   -2.497  -15.086 1.00 32.65 ? 37  GLY A C   1 
ATOM   306  O O   . GLY A 1 37  ? 0.726   -1.830  -15.973 1.00 31.90 ? 37  GLY A O   1 
ATOM   307  N N   . HIS A 1 38  ? 1.344   -2.085  -13.826 1.00 30.99 ? 38  HIS A N   1 
ATOM   308  C CA  . HIS A 1 38  ? 0.744   -0.827  -13.392 1.00 27.30 ? 38  HIS A CA  1 
ATOM   309  C C   . HIS A 1 38  ? 1.779   0.063   -12.704 1.00 26.08 ? 38  HIS A C   1 
ATOM   310  O O   . HIS A 1 38  ? 2.981   -0.169  -12.828 1.00 30.43 ? 38  HIS A O   1 
ATOM   311  C CB  . HIS A 1 38  ? -0.444  -1.109  -12.472 1.00 23.79 ? 38  HIS A CB  1 
ATOM   312  C CG  . HIS A 1 38  ? -1.476  -2.003  -13.091 1.00 29.69 ? 38  HIS A CG  1 
ATOM   313  N ND1 . HIS A 1 38  ? -2.178  -1.653  -14.223 1.00 31.92 ? 38  HIS A ND1 1 
ATOM   314  C CD2 . HIS A 1 38  ? -1.899  -3.245  -12.753 1.00 31.01 ? 38  HIS A CD2 1 
ATOM   315  C CE1 . HIS A 1 38  ? -3.005  -2.633  -14.548 1.00 31.36 ? 38  HIS A CE1 1 
ATOM   316  N NE2 . HIS A 1 38  ? -2.853  -3.611  -13.674 1.00 31.03 ? 38  HIS A NE2 1 
ATOM   317  N N   . THR A 1 39  ? 1.314   1.083   -11.988 1.00 22.26 ? 39  THR A N   1 
ATOM   318  C CA  . THR A 1 39  ? 2.218   2.060   -11.387 1.00 29.01 ? 39  THR A CA  1 
ATOM   319  C C   . THR A 1 39  ? 2.177   2.054   -9.858  1.00 32.49 ? 39  THR A C   1 
ATOM   320  O O   . THR A 1 39  ? 1.104   2.030   -9.249  1.00 25.38 ? 39  THR A O   1 
ATOM   321  C CB  . THR A 1 39  ? 1.902   3.485   -11.886 1.00 31.28 ? 39  THR A CB  1 
ATOM   322  O OG1 . THR A 1 39  ? 2.094   3.547   -13.303 1.00 32.42 ? 39  THR A OG1 1 
ATOM   323  C CG2 . THR A 1 39  ? 2.808   4.507   -11.221 1.00 29.23 ? 39  THR A CG2 1 
ATOM   324  N N   . LEU A 1 40  ? 3.359   2.070   -9.250  1.00 26.30 ? 40  LEU A N   1 
ATOM   325  C CA  . LEU A 1 40  ? 3.489   2.196   -7.804  1.00 22.74 ? 40  LEU A CA  1 
ATOM   326  C C   . LEU A 1 40  ? 4.005   3.576   -7.421  1.00 23.96 ? 40  LEU A C   1 
ATOM   327  O O   . LEU A 1 40  ? 5.026   4.027   -7.930  1.00 24.79 ? 40  LEU A O   1 
ATOM   328  C CB  . LEU A 1 40  ? 4.427   1.126   -7.244  1.00 24.90 ? 40  LEU A CB  1 
ATOM   329  C CG  . LEU A 1 40  ? 4.036   -0.338  -7.416  1.00 25.42 ? 40  LEU A CG  1 
ATOM   330  C CD1 . LEU A 1 40  ? 5.054   -1.219  -6.719  1.00 32.14 ? 40  LEU A CD1 1 
ATOM   331  C CD2 . LEU A 1 40  ? 2.652   -0.572  -6.851  1.00 26.38 ? 40  LEU A CD2 1 
ATOM   332  N N   . VAL A 1 41  ? 3.287   4.244   -6.526  1.00 22.28 ? 41  VAL A N   1 
ATOM   333  C CA  . VAL A 1 41  ? 3.751   5.496   -5.946  1.00 23.20 ? 41  VAL A CA  1 
ATOM   334  C C   . VAL A 1 41  ? 4.087   5.273   -4.480  1.00 27.63 ? 41  VAL A C   1 
ATOM   335  O O   . VAL A 1 41  ? 3.247   4.804   -3.712  1.00 20.34 ? 41  VAL A O   1 
ATOM   336  C CB  . VAL A 1 41  ? 2.700   6.613   -6.068  1.00 26.30 ? 41  VAL A CB  1 
ATOM   337  C CG1 . VAL A 1 41  ? 3.151   7.854   -5.306  1.00 25.03 ? 41  VAL A CG1 1 
ATOM   338  C CG2 . VAL A 1 41  ? 2.443   6.939   -7.522  1.00 23.23 ? 41  VAL A CG2 1 
ATOM   339  N N   . MET A 1 42  ? 5.314   5.602   -4.094  1.00 19.39 ? 42  MET A N   1 
ATOM   340  C CA  . MET A 1 42  ? 5.752   5.394   -2.720  1.00 20.36 ? 42  MET A CA  1 
ATOM   341  C C   . MET A 1 42  ? 6.600   6.558   -2.223  1.00 23.67 ? 42  MET A C   1 
ATOM   342  O O   . MET A 1 42  ? 7.227   7.260   -3.014  1.00 23.76 ? 42  MET A O   1 
ATOM   343  C CB  . MET A 1 42  ? 6.538   4.083   -2.600  1.00 21.30 ? 42  MET A CB  1 
ATOM   344  C CG  . MET A 1 42  ? 7.935   4.135   -3.197  1.00 23.22 ? 42  MET A CG  1 
ATOM   345  S SD  . MET A 1 42  ? 8.638   2.497   -3.485  1.00 27.01 ? 42  MET A SD  1 
ATOM   346  C CE  . MET A 1 42  ? 7.786   2.015   -4.986  1.00 29.94 ? 42  MET A CE  1 
ATOM   347  N N   . GLY A 1 43  ? 6.602   6.763   -0.909  1.00 22.11 ? 43  GLY A N   1 
ATOM   348  C CA  . GLY A 1 43  ? 7.431   7.783   -0.294  1.00 22.68 ? 43  GLY A CA  1 
ATOM   349  C C   . GLY A 1 43  ? 8.885   7.350   -0.272  1.00 21.74 ? 43  GLY A C   1 
ATOM   350  O O   . GLY A 1 43  ? 9.197   6.182   -0.497  1.00 18.50 ? 43  GLY A O   1 
ATOM   351  N N   . ARG A 1 44  ? 9.776   8.294   0.005   1.00 28.58 ? 44  ARG A N   1 
ATOM   352  C CA  . ARG A 1 44  ? 11.211  8.043   -0.071  1.00 23.20 ? 44  ARG A CA  1 
ATOM   353  C C   . ARG A 1 44  ? 11.669  6.926   0.871   1.00 24.69 ? 44  ARG A C   1 
ATOM   354  O O   . ARG A 1 44  ? 12.470  6.075   0.484   1.00 25.26 ? 44  ARG A O   1 
ATOM   355  C CB  . ARG A 1 44  ? 11.978  9.336   0.225   1.00 29.00 ? 44  ARG A CB  1 
ATOM   356  C CG  . ARG A 1 44  ? 13.479  9.243   0.027   1.00 28.82 ? 44  ARG A CG  1 
ATOM   357  C CD  . ARG A 1 44  ? 14.200  8.966   1.337   1.00 30.41 ? 44  ARG A CD  1 
ATOM   358  N NE  . ARG A 1 44  ? 13.944  9.981   2.353   1.00 30.25 ? 44  ARG A NE  1 
ATOM   359  C CZ  . ARG A 1 44  ? 14.270  9.846   3.635   1.00 29.97 ? 44  ARG A CZ  1 
ATOM   360  N NH1 . ARG A 1 44  ? 14.856  8.735   4.063   1.00 35.68 ? 44  ARG A NH1 1 
ATOM   361  N NH2 . ARG A 1 44  ? 14.003  10.820  4.494   1.00 31.54 ? 44  ARG A NH2 1 
ATOM   362  N N   . LYS A 1 45  ? 11.162  6.924   2.101   1.00 29.60 ? 45  LYS A N   1 
ATOM   363  C CA  . LYS A 1 45  ? 11.578  5.929   3.088   1.00 26.29 ? 45  LYS A CA  1 
ATOM   364  C C   . LYS A 1 45  ? 11.140  4.519   2.703   1.00 23.97 ? 45  LYS A C   1 
ATOM   365  O O   . LYS A 1 45  ? 11.888  3.557   2.887   1.00 24.38 ? 45  LYS A O   1 
ATOM   366  C CB  . LYS A 1 45  ? 11.035  6.283   4.474   1.00 28.55 ? 45  LYS A CB  1 
ATOM   367  C CG  . LYS A 1 45  ? 11.581  7.583   5.041   1.00 29.48 ? 45  LYS A CG  1 
ATOM   368  C CD  . LYS A 1 45  ? 10.977  7.879   6.404   1.00 35.43 ? 45  LYS A CD  1 
ATOM   369  C CE  . LYS A 1 45  ? 11.864  8.807   7.213   1.00 34.86 ? 45  LYS A CE  1 
ATOM   370  N NZ  . LYS A 1 45  ? 11.339  9.009   8.592   1.00 35.42 ? 45  LYS A NZ  1 
ATOM   371  N N   . THR A 1 46  ? 9.929   4.397   2.171   1.00 22.76 ? 46  THR A N   1 
ATOM   372  C CA  . THR A 1 46  ? 9.449   3.107   1.691   1.00 23.55 ? 46  THR A CA  1 
ATOM   373  C C   . THR A 1 46  ? 10.352  2.572   0.581   1.00 23.13 ? 46  THR A C   1 
ATOM   374  O O   . THR A 1 46  ? 10.685  1.383   0.558   1.00 23.43 ? 46  THR A O   1 
ATOM   375  C CB  . THR A 1 46  ? 8.000   3.198   1.181   1.00 23.52 ? 46  THR A CB  1 
ATOM   376  O OG1 . THR A 1 46  ? 7.127   3.478   2.283   1.00 22.15 ? 46  THR A OG1 1 
ATOM   377  C CG2 . THR A 1 46  ? 7.576   1.893   0.527   1.00 22.33 ? 46  THR A CG2 1 
ATOM   378  N N   . PHE A 1 47  ? 10.761  3.446   -0.333  1.00 23.09 ? 47  PHE A N   1 
ATOM   379  C CA  . PHE A 1 47  ? 11.643  3.013   -1.408  1.00 27.71 ? 47  PHE A CA  1 
ATOM   380  C C   . PHE A 1 47  ? 12.968  2.485   -0.881  1.00 23.58 ? 47  PHE A C   1 
ATOM   381  O O   . PHE A 1 47  ? 13.450  1.445   -1.324  1.00 26.35 ? 47  PHE A O   1 
ATOM   382  C CB  . PHE A 1 47  ? 11.935  4.137   -2.396  1.00 25.82 ? 47  PHE A CB  1 
ATOM   383  C CG  . PHE A 1 47  ? 12.993  3.770   -3.398  1.00 27.50 ? 47  PHE A CG  1 
ATOM   384  C CD1 . PHE A 1 47  ? 12.723  2.848   -4.395  1.00 32.42 ? 47  PHE A CD1 1 
ATOM   385  C CD2 . PHE A 1 47  ? 14.270  4.302   -3.313  1.00 33.41 ? 47  PHE A CD2 1 
ATOM   386  C CE1 . PHE A 1 47  ? 13.692  2.483   -5.307  1.00 36.32 ? 47  PHE A CE1 1 
ATOM   387  C CE2 . PHE A 1 47  ? 15.247  3.941   -4.222  1.00 30.82 ? 47  PHE A CE2 1 
ATOM   388  C CZ  . PHE A 1 47  ? 14.957  3.032   -5.221  1.00 32.60 ? 47  PHE A CZ  1 
ATOM   389  N N   . GLU A 1 48  ? 13.560  3.208   0.061   1.00 27.49 ? 48  GLU A N   1 
ATOM   390  C CA  A GLU A 1 48  ? 14.861  2.816   0.585   0.53 27.30 ? 48  GLU A CA  1 
ATOM   391  C CA  B GLU A 1 48  ? 14.859  2.836   0.611   0.47 27.33 ? 48  GLU A CA  1 
ATOM   392  C C   . GLU A 1 48  ? 14.775  1.534   1.397   1.00 27.77 ? 48  GLU A C   1 
ATOM   393  O O   . GLU A 1 48  ? 15.764  0.818   1.539   1.00 26.87 ? 48  GLU A O   1 
ATOM   394  C CB  A GLU A 1 48  ? 15.455  3.941   1.422   0.53 29.61 ? 48  GLU A CB  1 
ATOM   395  C CB  B GLU A 1 48  ? 15.411  3.953   1.502   0.47 29.64 ? 48  GLU A CB  1 
ATOM   396  C CG  A GLU A 1 48  ? 16.283  4.899   0.599   0.53 31.83 ? 48  GLU A CG  1 
ATOM   397  C CG  B GLU A 1 48  ? 15.786  5.228   0.753   0.47 30.40 ? 48  GLU A CG  1 
ATOM   398  C CD  A GLU A 1 48  ? 16.250  6.300   1.145   0.53 33.86 ? 48  GLU A CD  1 
ATOM   399  C CD  B GLU A 1 48  ? 16.854  5.005   -0.307  0.47 33.12 ? 48  GLU A CD  1 
ATOM   400  O OE1 A GLU A 1 48  ? 15.755  6.477   2.277   0.53 34.62 ? 48  GLU A OE1 1 
ATOM   401  O OE1 B GLU A 1 48  ? 17.627  4.030   -0.192  0.47 32.56 ? 48  GLU A OE1 1 
ATOM   402  O OE2 A GLU A 1 48  ? 16.733  7.221   0.452   0.53 31.13 ? 48  GLU A OE2 1 
ATOM   403  O OE2 B GLU A 1 48  ? 16.923  5.811   -1.259  0.47 31.38 ? 48  GLU A OE2 1 
ATOM   404  N N   . SER A 1 49  ? 13.589  1.238   1.912   1.00 29.31 ? 49  SER A N   1 
ATOM   405  C CA  . SER A 1 49  ? 13.380  -0.014  2.615   1.00 26.68 ? 49  SER A CA  1 
ATOM   406  C C   . SER A 1 49  ? 13.504  -1.171  1.634   1.00 29.26 ? 49  SER A C   1 
ATOM   407  O O   . SER A 1 49  ? 14.149  -2.179  1.923   1.00 30.58 ? 49  SER A O   1 
ATOM   408  C CB  . SER A 1 49  ? 12.013  -0.043  3.295   1.00 30.35 ? 49  SER A CB  1 
ATOM   409  O OG  . SER A 1 49  ? 11.747  -1.344  3.791   1.00 34.42 ? 49  SER A OG  1 
ATOM   410  N N   . ILE A 1 50  ? 12.879  -1.017  0.471   1.00 26.17 ? 50  ILE A N   1 
ATOM   411  C CA  . ILE A 1 50  ? 12.956  -2.028  -0.580  1.00 27.91 ? 50  ILE A CA  1 
ATOM   412  C C   . ILE A 1 50  ? 14.335  -1.999  -1.246  1.00 28.15 ? 50  ILE A C   1 
ATOM   413  O O   . ILE A 1 50  ? 14.862  -3.038  -1.640  1.00 36.61 ? 50  ILE A O   1 
ATOM   414  C CB  . ILE A 1 50  ? 11.851  -1.827  -1.638  1.00 27.94 ? 50  ILE A CB  1 
ATOM   415  C CG1 . ILE A 1 50  ? 10.476  -1.829  -0.967  1.00 26.15 ? 50  ILE A CG1 1 
ATOM   416  C CG2 . ILE A 1 50  ? 11.898  -2.922  -2.691  1.00 32.68 ? 50  ILE A CG2 1 
ATOM   417  C CD1 . ILE A 1 50  ? 9.359   -1.404  -1.884  1.00 32.64 ? 50  ILE A CD1 1 
ATOM   418  N N   . GLY A 1 51  ? 14.919  -0.809  -1.359  1.00 30.26 ? 51  GLY A N   1 
ATOM   419  C CA  . GLY A 1 51  ? 16.285  -0.669  -1.841  1.00 34.23 ? 51  GLY A CA  1 
ATOM   420  C C   . GLY A 1 51  ? 16.421  -0.602  -3.351  1.00 40.62 ? 51  GLY A C   1 
ATOM   421  O O   . GLY A 1 51  ? 17.274  0.114   -3.878  1.00 39.24 ? 51  GLY A O   1 
ATOM   422  N N   . LYS A 1 52  ? 15.577  -1.358  -4.046  1.00 36.29 ? 52  LYS A N   1 
ATOM   423  C CA  . LYS A 1 52  ? 15.571  -1.386  -5.504  1.00 40.71 ? 52  LYS A CA  1 
ATOM   424  C C   . LYS A 1 52  ? 14.153  -1.206  -6.029  1.00 39.74 ? 52  LYS A C   1 
ATOM   425  O O   . LYS A 1 52  ? 13.189  -1.436  -5.298  1.00 35.75 ? 52  LYS A O   1 
ATOM   426  C CB  . LYS A 1 52  ? 16.153  -2.703  -6.018  1.00 45.67 ? 52  LYS A CB  1 
ATOM   427  C CG  . LYS A 1 52  ? 17.651  -2.868  -5.831  1.00 52.27 ? 52  LYS A CG  1 
ATOM   428  C CD  . LYS A 1 52  ? 18.080  -4.330  -5.978  1.00 54.18 ? 52  LYS A CD  1 
ATOM   429  C CE  . LYS A 1 52  ? 17.455  -5.011  -7.197  1.00 62.78 ? 52  LYS A CE  1 
ATOM   430  N NZ  . LYS A 1 52  ? 16.134  -5.655  -6.917  1.00 64.37 ? 52  LYS A NZ  1 
ATOM   431  N N   . PRO A 1 53  ? 14.011  -0.794  -7.299  1.00 37.68 ? 53  PRO A N   1 
ATOM   432  C CA  . PRO A 1 53  ? 12.653  -0.745  -7.850  1.00 33.65 ? 53  PRO A CA  1 
ATOM   433  C C   . PRO A 1 53  ? 12.113  -2.152  -8.080  1.00 30.75 ? 53  PRO A C   1 
ATOM   434  O O   . PRO A 1 53  ? 12.889  -3.070  -8.342  1.00 30.69 ? 53  PRO A O   1 
ATOM   435  C CB  . PRO A 1 53  ? 12.826  -0.001  -9.182  1.00 38.08 ? 53  PRO A CB  1 
ATOM   436  C CG  . PRO A 1 53  ? 14.247  0.497   -9.203  1.00 36.95 ? 53  PRO A CG  1 
ATOM   437  C CD  . PRO A 1 53  ? 15.023  -0.378  -8.283  1.00 37.02 ? 53  PRO A CD  1 
ATOM   438  N N   . LEU A 1 54  ? 10.801  -2.322  -7.968  1.00 31.73 ? 54  LEU A N   1 
ATOM   439  C CA  . LEU A 1 54  ? 10.186  -3.611  -8.248  1.00 34.46 ? 54  LEU A CA  1 
ATOM   440  C C   . LEU A 1 54  ? 10.027  -3.779  -9.752  1.00 34.45 ? 54  LEU A C   1 
ATOM   441  O O   . LEU A 1 54  ? 9.597   -2.853  -10.441 1.00 31.27 ? 54  LEU A O   1 
ATOM   442  C CB  . LEU A 1 54  ? 8.839   -3.742  -7.536  1.00 33.25 ? 54  LEU A CB  1 
ATOM   443  C CG  . LEU A 1 54  ? 8.897   -3.582  -6.016  1.00 32.10 ? 54  LEU A CG  1 
ATOM   444  C CD1 . LEU A 1 54  ? 7.525   -3.780  -5.396  1.00 42.08 ? 54  LEU A CD1 1 
ATOM   445  C CD2 . LEU A 1 54  ? 9.908   -4.552  -5.424  1.00 39.80 ? 54  LEU A CD2 1 
ATOM   446  N N   . PRO A 1 55  ? 10.384  -4.963  -10.268 1.00 43.10 ? 55  PRO A N   1 
ATOM   447  C CA  . PRO A 1 55  ? 10.415  -5.210  -11.712 1.00 37.95 ? 55  PRO A CA  1 
ATOM   448  C C   . PRO A 1 55  ? 9.036   -5.198  -12.359 1.00 39.26 ? 55  PRO A C   1 
ATOM   449  O O   . PRO A 1 55  ? 8.035   -5.454  -11.685 1.00 40.32 ? 55  PRO A O   1 
ATOM   450  C CB  . PRO A 1 55  ? 11.044  -6.607  -11.820 1.00 42.39 ? 55  PRO A CB  1 
ATOM   451  C CG  . PRO A 1 55  ? 11.665  -6.873  -10.486 1.00 38.39 ? 55  PRO A CG  1 
ATOM   452  C CD  . PRO A 1 55  ? 10.830  -6.136  -9.500  1.00 46.01 ? 55  PRO A CD  1 
ATOM   453  N N   . ASN A 1 56  ? 9.006   -4.882  -13.653 1.00 43.24 ? 56  ASN A N   1 
ATOM   454  C CA  . ASN A 1 56  ? 7.826   -5.058  -14.498 1.00 42.07 ? 56  ASN A CA  1 
ATOM   455  C C   . ASN A 1 56  ? 6.657   -4.157  -14.112 1.00 41.93 ? 56  ASN A C   1 
ATOM   456  O O   . ASN A 1 56  ? 5.494   -4.549  -14.215 1.00 38.20 ? 56  ASN A O   1 
ATOM   457  C CB  . ASN A 1 56  ? 7.394   -6.525  -14.472 1.00 41.36 ? 56  ASN A CB  1 
ATOM   458  C CG  . ASN A 1 56  ? 8.569   -7.472  -14.620 1.00 43.17 ? 56  ASN A CG  1 
ATOM   459  O OD1 . ASN A 1 56  ? 9.517   -7.192  -15.355 1.00 52.06 ? 56  ASN A OD1 1 
ATOM   460  N ND2 . ASN A 1 56  ? 8.525   -8.590  -13.904 1.00 38.25 ? 56  ASN A ND2 1 
ATOM   461  N N   . ARG A 1 57  ? 6.986   -2.944  -13.680 1.00 38.29 ? 57  ARG A N   1 
ATOM   462  C CA  . ARG A 1 57  ? 5.994   -1.939  -13.319 1.00 34.62 ? 57  ARG A CA  1 
ATOM   463  C C   . ARG A 1 57  ? 6.681   -0.592  -13.136 1.00 32.21 ? 57  ARG A C   1 
ATOM   464  O O   . ARG A 1 57  ? 7.876   -0.536  -12.848 1.00 31.58 ? 57  ARG A O   1 
ATOM   465  C CB  . ARG A 1 57  ? 5.256   -2.333  -12.039 1.00 37.19 ? 57  ARG A CB  1 
ATOM   466  C CG  . ARG A 1 57  ? 6.094   -2.172  -10.787 1.00 30.72 ? 57  ARG A CG  1 
ATOM   467  C CD  . ARG A 1 57  ? 5.601   -3.065  -9.671  1.00 36.57 ? 57  ARG A CD  1 
ATOM   468  N NE  . ARG A 1 57  ? 5.741   -4.476  -10.002 1.00 36.79 ? 57  ARG A NE  1 
ATOM   469  C CZ  . ARG A 1 57  ? 5.703   -5.457  -9.107  1.00 47.20 ? 57  ARG A CZ  1 
ATOM   470  N NH1 . ARG A 1 57  ? 5.535   -5.180  -7.820  1.00 39.09 ? 57  ARG A NH1 1 
ATOM   471  N NH2 . ARG A 1 57  ? 5.835   -6.716  -9.498  1.00 45.77 ? 57  ARG A NH2 1 
ATOM   472  N N   . ARG A 1 58  ? 5.931   0.491   -13.299 1.00 28.72 ? 58  ARG A N   1 
ATOM   473  C CA  . ARG A 1 58  ? 6.491   1.818   -13.090 1.00 27.42 ? 58  ARG A CA  1 
ATOM   474  C C   . ARG A 1 58  ? 6.640   2.117   -11.602 1.00 32.56 ? 58  ARG A C   1 
ATOM   475  O O   . ARG A 1 58  ? 5.664   2.095   -10.849 1.00 28.91 ? 58  ARG A O   1 
ATOM   476  C CB  . ARG A 1 58  ? 5.622   2.886   -13.756 1.00 32.85 ? 58  ARG A CB  1 
ATOM   477  C CG  . ARG A 1 58  ? 6.247   4.272   -13.755 1.00 32.09 ? 58  ARG A CG  1 
ATOM   478  C CD  . ARG A 1 58  ? 5.321   5.308   -14.371 1.00 30.13 ? 58  ARG A CD  1 
ATOM   479  N NE  . ARG A 1 58  ? 5.999   6.583   -14.587 1.00 37.99 ? 58  ARG A NE  1 
ATOM   480  C CZ  . ARG A 1 58  ? 5.421   7.658   -15.112 1.00 32.66 ? 58  ARG A CZ  1 
ATOM   481  N NH1 . ARG A 1 58  ? 4.148   7.617   -15.480 1.00 32.07 ? 58  ARG A NH1 1 
ATOM   482  N NH2 . ARG A 1 58  ? 6.116   8.773   -15.275 1.00 39.64 ? 58  ARG A NH2 1 
ATOM   483  N N   . ASN A 1 59  ? 7.872   2.388   -11.183 1.00 26.61 ? 59  ASN A N   1 
ATOM   484  C CA  . ASN A 1 59  ? 8.142   2.803   -9.813  1.00 28.22 ? 59  ASN A CA  1 
ATOM   485  C C   . ASN A 1 59  ? 8.255   4.312   -9.715  1.00 32.82 ? 59  ASN A C   1 
ATOM   486  O O   . ASN A 1 59  ? 9.120   4.921   -10.346 1.00 28.35 ? 59  ASN A O   1 
ATOM   487  C CB  . ASN A 1 59  ? 9.421   2.151   -9.284  1.00 26.82 ? 59  ASN A CB  1 
ATOM   488  C CG  . ASN A 1 59  ? 9.272   0.660   -9.072  1.00 31.91 ? 59  ASN A CG  1 
ATOM   489  O OD1 . ASN A 1 59  ? 9.227   0.188   -7.936  1.00 27.26 ? 59  ASN A OD1 1 
ATOM   490  N ND2 . ASN A 1 59  ? 9.202   -0.092  -10.165 1.00 29.02 ? 59  ASN A ND2 1 
ATOM   491  N N   . VAL A 1 60  ? 7.374   4.915   -8.924  1.00 22.38 ? 60  VAL A N   1 
ATOM   492  C CA  . VAL A 1 60  ? 7.395   6.357   -8.722  1.00 22.18 ? 60  VAL A CA  1 
ATOM   493  C C   . VAL A 1 60  ? 7.648   6.681   -7.254  1.00 29.81 ? 60  VAL A C   1 
ATOM   494  O O   . VAL A 1 60  ? 6.938   6.201   -6.367  1.00 22.94 ? 60  VAL A O   1 
ATOM   495  C CB  . VAL A 1 60  ? 6.084   7.012   -9.185  1.00 24.96 ? 60  VAL A CB  1 
ATOM   496  C CG1 . VAL A 1 60  ? 6.092   8.500   -8.882  1.00 24.12 ? 60  VAL A CG1 1 
ATOM   497  C CG2 . VAL A 1 60  ? 5.866   6.762   -10.673 1.00 21.85 ? 60  VAL A CG2 1 
ATOM   498  N N   . VAL A 1 61  ? 8.671   7.491   -7.004  1.00 28.81 ? 61  VAL A N   1 
ATOM   499  C CA  . VAL A 1 61  ? 9.045   7.841   -5.640  1.00 24.34 ? 61  VAL A CA  1 
ATOM   500  C C   . VAL A 1 61  ? 8.812   9.321   -5.361  1.00 26.83 ? 61  VAL A C   1 
ATOM   501  O O   . VAL A 1 61  ? 9.269   10.186  -6.107  1.00 29.28 ? 61  VAL A O   1 
ATOM   502  C CB  . VAL A 1 61  ? 10.518  7.491   -5.356  1.00 24.57 ? 61  VAL A CB  1 
ATOM   503  C CG1 . VAL A 1 61  ? 10.949  8.047   -4.015  1.00 25.04 ? 61  VAL A CG1 1 
ATOM   504  C CG2 . VAL A 1 61  ? 10.716  5.984   -5.385  1.00 25.39 ? 61  VAL A CG2 1 
ATOM   505  N N   . LEU A 1 62  ? 8.088   9.598   -4.281  1.00 25.92 ? 62  LEU A N   1 
ATOM   506  C CA  . LEU A 1 62  ? 7.827   10.964  -3.846  1.00 24.27 ? 62  LEU A CA  1 
ATOM   507  C C   . LEU A 1 62  ? 8.843   11.401  -2.793  1.00 25.87 ? 62  LEU A C   1 
ATOM   508  O O   . LEU A 1 62  ? 9.007   10.751  -1.761  1.00 21.90 ? 62  LEU A O   1 
ATOM   509  C CB  . LEU A 1 62  ? 6.402   11.083  -3.301  1.00 27.66 ? 62  LEU A CB  1 
ATOM   510  C CG  . LEU A 1 62  ? 5.964   12.424  -2.715  1.00 30.85 ? 62  LEU A CG  1 
ATOM   511  C CD1 . LEU A 1 62  ? 6.070   13.539  -3.750  1.00 30.49 ? 62  LEU A CD1 1 
ATOM   512  C CD2 . LEU A 1 62  ? 4.543   12.310  -2.181  1.00 26.34 ? 62  LEU A CD2 1 
ATOM   513  N N   . THR A 1 63  ? 9.526   12.506  -3.068  1.00 30.97 ? 63  THR A N   1 
ATOM   514  C CA  . THR A 1 63  ? 10.547  13.023  -2.167  1.00 25.89 ? 63  THR A CA  1 
ATOM   515  C C   . THR A 1 63  ? 10.771  14.503  -2.438  1.00 29.34 ? 63  THR A C   1 
ATOM   516  O O   . THR A 1 63  ? 10.526  14.980  -3.547  1.00 36.17 ? 63  THR A O   1 
ATOM   517  C CB  . THR A 1 63  ? 11.885  12.260  -2.316  1.00 37.02 ? 63  THR A CB  1 
ATOM   518  O OG1 . THR A 1 63  ? 12.888  12.870  -1.493  1.00 32.63 ? 63  THR A OG1 1 
ATOM   519  C CG2 . THR A 1 63  ? 12.355  12.277  -3.765  1.00 30.73 ? 63  THR A CG2 1 
ATOM   520  N N   . SER A 1 64  ? 11.224  15.232  -1.425  1.00 31.21 ? 64  SER A N   1 
ATOM   521  C CA  . SER A 1 64  ? 11.542  16.644  -1.600  1.00 37.23 ? 64  SER A CA  1 
ATOM   522  C C   . SER A 1 64  ? 12.973  16.806  -2.103  1.00 35.01 ? 64  SER A C   1 
ATOM   523  O O   . SER A 1 64  ? 13.380  17.896  -2.500  1.00 35.33 ? 64  SER A O   1 
ATOM   524  C CB  . SER A 1 64  ? 11.349  17.414  -0.290  1.00 30.71 ? 64  SER A CB  1 
ATOM   525  O OG  . SER A 1 64  ? 12.273  16.988  0.698   1.00 30.16 ? 64  SER A OG  1 
ATOM   526  N N   . ASP A 1 65  ? 13.723  15.708  -2.082  1.00 33.34 ? 65  ASP A N   1 
ATOM   527  C CA  . ASP A 1 65  ? 15.131  15.717  -2.468  1.00 36.07 ? 65  ASP A CA  1 
ATOM   528  C C   . ASP A 1 65  ? 15.300  15.874  -3.977  1.00 35.59 ? 65  ASP A C   1 
ATOM   529  O O   . ASP A 1 65  ? 15.106  14.924  -4.735  1.00 35.36 ? 65  ASP A O   1 
ATOM   530  C CB  . ASP A 1 65  ? 15.815  14.431  -1.995  1.00 37.92 ? 65  ASP A CB  1 
ATOM   531  C CG  . ASP A 1 65  ? 17.332  14.501  -2.086  1.00 38.70 ? 65  ASP A CG  1 
ATOM   532  O OD1 . ASP A 1 65  ? 17.856  15.475  -2.662  1.00 41.05 ? 65  ASP A OD1 1 
ATOM   533  O OD2 . ASP A 1 65  ? 17.998  13.571  -1.584  1.00 41.72 ? 65  ASP A OD2 1 
ATOM   534  N N   . THR A 1 66  ? 15.681  17.076  -4.403  1.00 45.13 ? 66  THR A N   1 
ATOM   535  C CA  . THR A 1 66  ? 15.921  17.358  -5.815  1.00 40.32 ? 66  THR A CA  1 
ATOM   536  C C   . THR A 1 66  ? 17.111  16.576  -6.372  1.00 39.62 ? 66  THR A C   1 
ATOM   537  O O   . THR A 1 66  ? 17.292  16.496  -7.587  1.00 45.28 ? 66  THR A O   1 
ATOM   538  C CB  . THR A 1 66  ? 16.162  18.862  -6.053  1.00 46.22 ? 66  THR A CB  1 
ATOM   539  O OG1 . THR A 1 66  ? 17.123  19.350  -5.108  1.00 51.19 ? 66  THR A OG1 1 
ATOM   540  C CG2 . THR A 1 66  ? 14.867  19.640  -5.896  1.00 45.64 ? 66  THR A CG2 1 
ATOM   541  N N   . SER A 1 67  ? 17.915  16.000  -5.486  1.00 40.68 ? 67  SER A N   1 
ATOM   542  C CA  . SER A 1 67  ? 19.074  15.217  -5.902  1.00 39.03 ? 67  SER A CA  1 
ATOM   543  C C   . SER A 1 67  ? 18.733  13.748  -6.134  1.00 36.26 ? 67  SER A C   1 
ATOM   544  O O   . SER A 1 67  ? 19.569  12.979  -6.600  1.00 36.64 ? 67  SER A O   1 
ATOM   545  C CB  . SER A 1 67  ? 20.190  15.327  -4.862  1.00 33.09 ? 67  SER A CB  1 
ATOM   546  O OG  . SER A 1 67  ? 20.718  16.642  -4.827  1.00 39.34 ? 67  SER A OG  1 
ATOM   547  N N   . PHE A 1 68  ? 17.508  13.355  -5.805  1.00 38.07 ? 68  PHE A N   1 
ATOM   548  C CA  . PHE A 1 68  ? 17.090  11.969  -5.992  1.00 31.81 ? 68  PHE A CA  1 
ATOM   549  C C   . PHE A 1 68  ? 17.025  11.619  -7.476  1.00 31.77 ? 68  PHE A C   1 
ATOM   550  O O   . PHE A 1 68  ? 16.295  12.251  -8.239  1.00 37.48 ? 68  PHE A O   1 
ATOM   551  C CB  . PHE A 1 68  ? 15.727  11.725  -5.332  1.00 39.97 ? 68  PHE A CB  1 
ATOM   552  C CG  . PHE A 1 68  ? 15.419  10.277  -5.083  1.00 37.86 ? 68  PHE A CG  1 
ATOM   553  C CD1 . PHE A 1 68  ? 14.792  9.508   -6.050  1.00 39.45 ? 68  PHE A CD1 1 
ATOM   554  C CD2 . PHE A 1 68  ? 15.750  9.686   -3.875  1.00 38.96 ? 68  PHE A CD2 1 
ATOM   555  C CE1 . PHE A 1 68  ? 14.505  8.175   -5.817  1.00 33.33 ? 68  PHE A CE1 1 
ATOM   556  C CE2 . PHE A 1 68  ? 15.466  8.355   -3.637  1.00 39.60 ? 68  PHE A CE2 1 
ATOM   557  C CZ  . PHE A 1 68  ? 14.842  7.599   -4.608  1.00 31.90 ? 68  PHE A CZ  1 
ATOM   558  N N   . ASN A 1 69  ? 17.795  10.615  -7.880  1.00 35.07 ? 69  ASN A N   1 
ATOM   559  C CA  . ASN A 1 69  ? 17.761  10.131  -9.257  1.00 41.54 ? 69  ASN A CA  1 
ATOM   560  C C   . ASN A 1 69  ? 18.284  8.704   -9.349  1.00 42.91 ? 69  ASN A C   1 
ATOM   561  O O   . ASN A 1 69  ? 19.478  8.484   -9.558  1.00 50.99 ? 69  ASN A O   1 
ATOM   562  C CB  . ASN A 1 69  ? 18.571  11.048  -10.176 1.00 43.35 ? 69  ASN A CB  1 
ATOM   563  C CG  . ASN A 1 69  ? 18.151  10.931  -11.629 1.00 50.43 ? 69  ASN A CG  1 
ATOM   564  O OD1 . ASN A 1 69  ? 17.991  9.830   -12.157 1.00 57.07 ? 69  ASN A OD1 1 
ATOM   565  N ND2 . ASN A 1 69  ? 17.958  12.072  -12.282 1.00 55.53 ? 69  ASN A ND2 1 
ATOM   566  N N   . VAL A 1 70  ? 17.379  7.742   -9.201  1.00 35.17 ? 70  VAL A N   1 
ATOM   567  C CA  . VAL A 1 70  ? 17.737  6.328   -9.169  1.00 35.27 ? 70  VAL A CA  1 
ATOM   568  C C   . VAL A 1 70  ? 17.352  5.624   -10.469 1.00 38.93 ? 70  VAL A C   1 
ATOM   569  O O   . VAL A 1 70  ? 16.292  5.884   -11.036 1.00 38.71 ? 70  VAL A O   1 
ATOM   570  C CB  . VAL A 1 70  ? 17.057  5.621   -7.969  1.00 34.05 ? 70  VAL A CB  1 
ATOM   571  C CG1 . VAL A 1 70  ? 17.301  4.113   -7.989  1.00 35.85 ? 70  VAL A CG1 1 
ATOM   572  C CG2 . VAL A 1 70  ? 17.542  6.229   -6.664  1.00 36.69 ? 70  VAL A CG2 1 
ATOM   573  N N   . GLU A 1 71  ? 18.230  4.739   -10.939 1.00 42.79 ? 71  GLU A N   1 
ATOM   574  C CA  . GLU A 1 71  ? 17.964  3.927   -12.124 1.00 37.99 ? 71  GLU A CA  1 
ATOM   575  C C   . GLU A 1 71  ? 16.696  3.085   -11.969 1.00 38.88 ? 71  GLU A C   1 
ATOM   576  O O   . GLU A 1 71  ? 16.582  2.278   -11.045 1.00 40.93 ? 71  GLU A O   1 
ATOM   577  C CB  . GLU A 1 71  ? 19.158  3.016   -12.416 1.00 39.98 ? 71  GLU A CB  1 
ATOM   578  C CG  . GLU A 1 71  ? 18.829  1.798   -13.267 1.00 53.71 ? 71  GLU A CG  1 
ATOM   579  C CD  . GLU A 1 71  ? 20.061  1.167   -13.890 1.00 68.85 ? 71  GLU A CD  1 
ATOM   580  O OE1 . GLU A 1 71  ? 21.103  1.851   -13.982 1.00 70.36 ? 71  GLU A OE1 1 
ATOM   581  O OE2 . GLU A 1 71  ? 19.992  -0.020  -14.277 1.00 62.00 ? 71  GLU A OE2 1 
ATOM   582  N N   . GLY A 1 72  ? 15.746  3.283   -12.877 1.00 37.10 ? 72  GLY A N   1 
ATOM   583  C CA  . GLY A 1 72  ? 14.517  2.507   -12.889 1.00 34.72 ? 72  GLY A CA  1 
ATOM   584  C C   . GLY A 1 72  ? 13.397  3.146   -12.090 1.00 36.77 ? 72  GLY A C   1 
ATOM   585  O O   . GLY A 1 72  ? 12.338  2.548   -11.901 1.00 35.71 ? 72  GLY A O   1 
ATOM   586  N N   . VAL A 1 73  ? 13.629  4.369   -11.627 1.00 31.35 ? 73  VAL A N   1 
ATOM   587  C CA  . VAL A 1 73  ? 12.662  5.072   -10.795 1.00 33.56 ? 73  VAL A CA  1 
ATOM   588  C C   . VAL A 1 73  ? 12.322  6.444   -11.358 1.00 34.11 ? 73  VAL A C   1 
ATOM   589  O O   . VAL A 1 73  ? 13.214  7.222   -11.686 1.00 31.53 ? 73  VAL A O   1 
ATOM   590  C CB  . VAL A 1 73  ? 13.192  5.242   -9.353  1.00 34.66 ? 73  VAL A CB  1 
ATOM   591  C CG1 . VAL A 1 73  ? 12.353  6.253   -8.574  1.00 29.06 ? 73  VAL A CG1 1 
ATOM   592  C CG2 . VAL A 1 73  ? 13.237  3.901   -8.643  1.00 32.77 ? 73  VAL A CG2 1 
ATOM   593  N N   . ASP A 1 74  ? 11.030  6.734   -11.479 1.00 29.07 ? 74  ASP A N   1 
ATOM   594  C CA  . ASP A 1 74  ? 10.586  8.094   -11.765 1.00 29.29 ? 74  ASP A CA  1 
ATOM   595  C C   . ASP A 1 74  ? 10.373  8.849   -10.455 1.00 31.09 ? 74  ASP A C   1 
ATOM   596  O O   . ASP A 1 74  ? 9.898   8.280   -9.471  1.00 28.40 ? 74  ASP A O   1 
ATOM   597  C CB  . ASP A 1 74  ? 9.303   8.091   -12.594 1.00 31.08 ? 74  ASP A CB  1 
ATOM   598  C CG  . ASP A 1 74  ? 9.480   7.418   -13.938 1.00 35.89 ? 74  ASP A CG  1 
ATOM   599  O OD1 . ASP A 1 74  ? 10.633  7.326   -14.407 1.00 36.99 ? 74  ASP A OD1 1 
ATOM   600  O OD2 . ASP A 1 74  ? 8.466   6.986   -14.525 1.00 36.52 ? 74  ASP A OD2 1 
ATOM   601  N N   . VAL A 1 75  ? 10.729  10.127  -10.440 1.00 26.40 ? 75  VAL A N   1 
ATOM   602  C CA  . VAL A 1 75  ? 10.640  10.912  -9.218  1.00 31.72 ? 75  VAL A CA  1 
ATOM   603  C C   . VAL A 1 75  ? 9.610   12.028  -9.354  1.00 29.90 ? 75  VAL A C   1 
ATOM   604  O O   . VAL A 1 75  ? 9.514   12.677  -10.394 1.00 32.16 ? 75  VAL A O   1 
ATOM   605  C CB  . VAL A 1 75  ? 12.021  11.512  -8.829  1.00 32.32 ? 75  VAL A CB  1 
ATOM   606  C CG1 . VAL A 1 75  ? 12.622  12.291  -9.989  1.00 41.81 ? 75  VAL A CG1 1 
ATOM   607  C CG2 . VAL A 1 75  ? 11.904  12.385  -7.590  1.00 36.98 ? 75  VAL A CG2 1 
ATOM   608  N N   . ILE A 1 76  ? 8.817   12.221  -8.304  1.00 25.30 ? 76  ILE A N   1 
ATOM   609  C CA  . ILE A 1 76  ? 7.903   13.352  -8.218  1.00 28.29 ? 76  ILE A CA  1 
ATOM   610  C C   . ILE A 1 76  ? 8.180   14.097  -6.917  1.00 28.78 ? 76  ILE A C   1 
ATOM   611  O O   . ILE A 1 76  ? 8.770   13.537  -5.992  1.00 29.16 ? 76  ILE A O   1 
ATOM   612  C CB  . ILE A 1 76  ? 6.430   12.908  -8.279  1.00 32.30 ? 76  ILE A CB  1 
ATOM   613  C CG1 . ILE A 1 76  ? 6.123   11.916  -7.151  1.00 29.18 ? 76  ILE A CG1 1 
ATOM   614  C CG2 . ILE A 1 76  ? 6.123   12.287  -9.632  1.00 27.18 ? 76  ILE A CG2 1 
ATOM   615  C CD1 . ILE A 1 76  ? 4.649   11.568  -7.021  1.00 25.80 ? 76  ILE A CD1 1 
ATOM   616  N N   . HIS A 1 77  ? 7.767   15.358  -6.842  1.00 30.82 ? 77  HIS A N   1 
ATOM   617  C CA  . HIS A 1 77  ? 8.120   16.187  -5.694  1.00 34.52 ? 77  HIS A CA  1 
ATOM   618  C C   . HIS A 1 77  ? 6.904   16.768  -4.978  1.00 32.22 ? 77  HIS A C   1 
ATOM   619  O O   . HIS A 1 77  ? 7.046   17.506  -4.003  1.00 34.20 ? 77  HIS A O   1 
ATOM   620  C CB  . HIS A 1 77  ? 9.060   17.313  -6.133  1.00 33.77 ? 77  HIS A CB  1 
ATOM   621  C CG  . HIS A 1 77  ? 10.361  16.822  -6.689  1.00 34.71 ? 77  HIS A CG  1 
ATOM   622  N ND1 . HIS A 1 77  ? 11.242  16.060  -5.953  1.00 33.19 ? 77  HIS A ND1 1 
ATOM   623  C CD2 . HIS A 1 77  ? 10.922  16.971  -7.912  1.00 31.34 ? 77  HIS A CD2 1 
ATOM   624  C CE1 . HIS A 1 77  ? 12.295  15.766  -6.696  1.00 36.60 ? 77  HIS A CE1 1 
ATOM   625  N NE2 . HIS A 1 77  ? 12.124  16.305  -7.890  1.00 34.75 ? 77  HIS A NE2 1 
ATOM   626  N N   . SER A 1 78  ? 5.712   16.427  -5.456  1.00 36.48 ? 78  SER A N   1 
ATOM   627  C CA  . SER A 1 78  ? 4.482   16.841  -4.789  1.00 36.22 ? 78  SER A CA  1 
ATOM   628  C C   . SER A 1 78  ? 3.362   15.828  -5.004  1.00 34.42 ? 78  SER A C   1 
ATOM   629  O O   . SER A 1 78  ? 3.421   15.006  -5.919  1.00 32.82 ? 78  SER A O   1 
ATOM   630  C CB  . SER A 1 78  ? 4.038   18.221  -5.281  1.00 39.11 ? 78  SER A CB  1 
ATOM   631  O OG  . SER A 1 78  ? 3.415   18.132  -6.551  1.00 44.82 ? 78  SER A OG  1 
ATOM   632  N N   . ILE A 1 79  ? 2.346   15.894  -4.149  1.00 32.83 ? 79  ILE A N   1 
ATOM   633  C CA  . ILE A 1 79  ? 1.180   15.022  -4.258  1.00 34.00 ? 79  ILE A CA  1 
ATOM   634  C C   . ILE A 1 79  ? 0.436   15.267  -5.567  1.00 31.81 ? 79  ILE A C   1 
ATOM   635  O O   . ILE A 1 79  ? -0.036  14.330  -6.211  1.00 30.59 ? 79  ILE A O   1 
ATOM   636  C CB  . ILE A 1 79  ? 0.213   15.230  -3.073  1.00 34.53 ? 79  ILE A CB  1 
ATOM   637  C CG1 . ILE A 1 79  ? 0.847   14.728  -1.778  1.00 36.03 ? 79  ILE A CG1 1 
ATOM   638  C CG2 . ILE A 1 79  ? -1.107  14.511  -3.314  1.00 31.87 ? 79  ILE A CG2 1 
ATOM   639  C CD1 . ILE A 1 79  ? 1.067   13.237  -1.756  1.00 30.17 ? 79  ILE A CD1 1 
ATOM   640  N N   . GLU A 1 80  ? 0.354   16.535  -5.961  1.00 33.41 ? 80  GLU A N   1 
ATOM   641  C CA  . GLU A 1 80  ? -0.359  16.935  -7.172  1.00 35.20 ? 80  GLU A CA  1 
ATOM   642  C C   . GLU A 1 80  ? 0.134   16.201  -8.420  1.00 32.85 ? 80  GLU A C   1 
ATOM   643  O O   . GLU A 1 80  ? -0.637  15.964  -9.353  1.00 39.24 ? 80  GLU A O   1 
ATOM   644  C CB  . GLU A 1 80  ? -0.238  18.450  -7.379  1.00 39.64 ? 80  GLU A CB  1 
ATOM   645  C CG  . GLU A 1 80  ? -1.069  19.289  -6.410  1.00 50.20 ? 80  GLU A CG  1 
ATOM   646  C CD  . GLU A 1 80  ? -0.536  19.262  -4.986  1.00 57.78 ? 80  GLU A CD  1 
ATOM   647  O OE1 . GLU A 1 80  ? 0.670   18.987  -4.803  1.00 50.51 ? 80  GLU A OE1 1 
ATOM   648  O OE2 . GLU A 1 80  ? -1.326  19.515  -4.050  1.00 55.53 ? 80  GLU A OE2 1 
ATOM   649  N N   . ASP A 1 81  ? 1.412   15.834  -8.425  1.00 32.24 ? 81  ASP A N   1 
ATOM   650  C CA  . ASP A 1 81  ? 2.013   15.118  -9.548  1.00 36.39 ? 81  ASP A CA  1 
ATOM   651  C C   . ASP A 1 81  ? 1.420   13.724  -9.734  1.00 38.41 ? 81  ASP A C   1 
ATOM   652  O O   . ASP A 1 81  ? 1.415   13.189  -10.845 1.00 36.25 ? 81  ASP A O   1 
ATOM   653  C CB  . ASP A 1 81  ? 3.529   15.007  -9.358  1.00 32.15 ? 81  ASP A CB  1 
ATOM   654  C CG  . ASP A 1 81  ? 4.224   16.354  -9.429  1.00 41.79 ? 81  ASP A CG  1 
ATOM   655  O OD1 . ASP A 1 81  ? 3.777   17.211  -10.221 1.00 46.88 ? 81  ASP A OD1 1 
ATOM   656  O OD2 . ASP A 1 81  ? 5.210   16.556  -8.689  1.00 40.93 ? 81  ASP A OD2 1 
ATOM   657  N N   . ILE A 1 82  ? 0.931   13.140  -8.644  1.00 35.30 ? 82  ILE A N   1 
ATOM   658  C CA  . ILE A 1 82  ? 0.340   11.802  -8.682  1.00 33.07 ? 82  ILE A CA  1 
ATOM   659  C C   . ILE A 1 82  ? -0.826  11.742  -9.665  1.00 33.36 ? 82  ILE A C   1 
ATOM   660  O O   . ILE A 1 82  ? -0.971  10.779  -10.416 1.00 37.40 ? 82  ILE A O   1 
ATOM   661  C CB  . ILE A 1 82  ? -0.158  11.363  -7.286  1.00 33.98 ? 82  ILE A CB  1 
ATOM   662  C CG1 . ILE A 1 82  ? 1.021   11.191  -6.325  1.00 29.74 ? 82  ILE A CG1 1 
ATOM   663  C CG2 . ILE A 1 82  ? -0.976  10.073  -7.375  1.00 28.63 ? 82  ILE A CG2 1 
ATOM   664  C CD1 . ILE A 1 82  ? 0.601   10.892  -4.905  1.00 32.04 ? 82  ILE A CD1 1 
ATOM   665  N N   . TYR A 1 83  ? -1.634  12.797  -9.671  1.00 41.26 ? 83  TYR A N   1 
ATOM   666  C CA  . TYR A 1 83  ? -2.878  12.818  -10.438 1.00 44.08 ? 83  TYR A CA  1 
ATOM   667  C C   . TYR A 1 83  ? -2.671  12.884  -11.949 1.00 43.96 ? 83  TYR A C   1 
ATOM   668  O O   . TYR A 1 83  ? -3.604  12.656  -12.717 1.00 45.57 ? 83  TYR A O   1 
ATOM   669  C CB  . TYR A 1 83  ? -3.742  13.996  -9.980  1.00 37.64 ? 83  TYR A CB  1 
ATOM   670  C CG  . TYR A 1 83  ? -4.102  13.921  -8.515  1.00 40.28 ? 83  TYR A CG  1 
ATOM   671  C CD1 . TYR A 1 83  ? -4.896  12.890  -8.031  1.00 44.59 ? 83  TYR A CD1 1 
ATOM   672  C CD2 . TYR A 1 83  ? -3.640  14.872  -7.614  1.00 39.80 ? 83  TYR A CD2 1 
ATOM   673  C CE1 . TYR A 1 83  ? -5.225  12.810  -6.690  1.00 43.32 ? 83  TYR A CE1 1 
ATOM   674  C CE2 . TYR A 1 83  ? -3.964  14.801  -6.272  1.00 40.45 ? 83  TYR A CE2 1 
ATOM   675  C CZ  . TYR A 1 83  ? -4.756  13.769  -5.815  1.00 47.64 ? 83  TYR A CZ  1 
ATOM   676  O OH  . TYR A 1 83  ? -5.077  13.699  -4.477  1.00 46.93 ? 83  TYR A OH  1 
ATOM   677  N N   . GLN A 1 84  ? -1.452  13.186  -12.381 1.00 41.10 ? 84  GLN A N   1 
ATOM   678  C CA  . GLN A 1 84  ? -1.178  13.249  -13.811 1.00 44.79 ? 84  GLN A CA  1 
ATOM   679  C C   . GLN A 1 84  ? -0.466  11.988  -14.294 1.00 45.19 ? 84  GLN A C   1 
ATOM   680  O O   . GLN A 1 84  ? -0.078  11.889  -15.459 1.00 43.15 ? 84  GLN A O   1 
ATOM   681  C CB  . GLN A 1 84  ? -0.363  14.498  -14.152 1.00 50.37 ? 84  GLN A CB  1 
ATOM   682  C CG  . GLN A 1 84  ? -1.247  15.695  -14.488 1.00 51.13 ? 84  GLN A CG  1 
ATOM   683  C CD  . GLN A 1 84  ? -0.662  16.585  -15.566 1.00 73.04 ? 84  GLN A CD  1 
ATOM   684  O OE1 . GLN A 1 84  ? 0.497   16.436  -15.954 1.00 75.64 ? 84  GLN A OE1 1 
ATOM   685  N NE2 . GLN A 1 84  ? -1.471  17.515  -16.067 1.00 74.30 ? 84  GLN A NE2 1 
ATOM   686  N N   . LEU A 1 85  ? -0.305  11.021  -13.395 1.00 38.01 ? 85  LEU A N   1 
ATOM   687  C CA  . LEU A 1 85  ? 0.171   9.700   -13.785 1.00 34.37 ? 85  LEU A CA  1 
ATOM   688  C C   . LEU A 1 85  ? -0.962  8.924   -14.445 1.00 36.50 ? 85  LEU A C   1 
ATOM   689  O O   . LEU A 1 85  ? -2.082  8.898   -13.933 1.00 42.91 ? 85  LEU A O   1 
ATOM   690  C CB  . LEU A 1 85  ? 0.709   8.929   -12.578 1.00 32.32 ? 85  LEU A CB  1 
ATOM   691  C CG  . LEU A 1 85  ? 1.918   9.515   -11.846 1.00 35.94 ? 85  LEU A CG  1 
ATOM   692  C CD1 . LEU A 1 85  ? 2.175   8.747   -10.565 1.00 32.82 ? 85  LEU A CD1 1 
ATOM   693  C CD2 . LEU A 1 85  ? 3.147   9.485   -12.737 1.00 31.28 ? 85  LEU A CD2 1 
ATOM   694  N N   . PRO A 1 86  ? -0.677  8.294   -15.592 1.00 41.25 ? 86  PRO A N   1 
ATOM   695  C CA  . PRO A 1 86  ? -1.679  7.524   -16.336 1.00 34.34 ? 86  PRO A CA  1 
ATOM   696  C C   . PRO A 1 86  ? -1.847  6.090   -15.831 1.00 36.08 ? 86  PRO A C   1 
ATOM   697  O O   . PRO A 1 86  ? -0.970  5.557   -15.151 1.00 39.18 ? 86  PRO A O   1 
ATOM   698  C CB  . PRO A 1 86  ? -1.122  7.528   -17.759 1.00 40.06 ? 86  PRO A CB  1 
ATOM   699  C CG  . PRO A 1 86  ? 0.356   7.580   -17.567 1.00 36.44 ? 86  PRO A CG  1 
ATOM   700  C CD  . PRO A 1 86  ? 0.591   8.417   -16.335 1.00 34.35 ? 86  PRO A CD  1 
ATOM   701  N N   . GLY A 1 87  ? -2.973  5.474   -16.178 1.00 32.34 ? 87  GLY A N   1 
ATOM   702  C CA  . GLY A 1 87  ? -3.220  4.083   -15.841 1.00 32.07 ? 87  GLY A CA  1 
ATOM   703  C C   . GLY A 1 87  ? -3.655  3.864   -14.406 1.00 30.83 ? 87  GLY A C   1 
ATOM   704  O O   . GLY A 1 87  ? -4.074  4.795   -13.718 1.00 32.74 ? 87  GLY A O   1 
ATOM   705  N N   . HIS A 1 88  ? -3.558  2.618   -13.957 1.00 33.82 ? 88  HIS A N   1 
ATOM   706  C CA  . HIS A 1 88  ? -3.907  2.271   -12.589 1.00 29.15 ? 88  HIS A CA  1 
ATOM   707  C C   . HIS A 1 88  ? -2.745  2.597   -11.653 1.00 25.35 ? 88  HIS A C   1 
ATOM   708  O O   . HIS A 1 88  ? -1.682  1.980   -11.724 1.00 24.45 ? 88  HIS A O   1 
ATOM   709  C CB  . HIS A 1 88  ? -4.281  0.792   -12.493 1.00 29.49 ? 88  HIS A CB  1 
ATOM   710  C CG  . HIS A 1 88  ? -5.060  0.440   -11.263 1.00 35.06 ? 88  HIS A CG  1 
ATOM   711  N ND1 . HIS A 1 88  ? -5.686  -0.778  -11.101 1.00 32.98 ? 88  HIS A ND1 1 
ATOM   712  C CD2 . HIS A 1 88  ? -5.316  1.146   -10.136 1.00 28.28 ? 88  HIS A CD2 1 
ATOM   713  C CE1 . HIS A 1 88  ? -6.294  -0.808  -9.929  1.00 30.85 ? 88  HIS A CE1 1 
ATOM   714  N NE2 . HIS A 1 88  ? -6.085  0.348   -9.323  1.00 24.43 ? 88  HIS A NE2 1 
ATOM   715  N N   . VAL A 1 89  ? -2.952  3.578   -10.782 1.00 24.15 ? 89  VAL A N   1 
ATOM   716  C CA  . VAL A 1 89  ? -1.925  3.979   -9.828  1.00 25.88 ? 89  VAL A CA  1 
ATOM   717  C C   . VAL A 1 89  ? -2.201  3.412   -8.437  1.00 19.42 ? 89  VAL A C   1 
ATOM   718  O O   . VAL A 1 89  ? -3.278  3.615   -7.877  1.00 24.65 ? 89  VAL A O   1 
ATOM   719  C CB  . VAL A 1 89  ? -1.818  5.509   -9.737  1.00 27.45 ? 89  VAL A CB  1 
ATOM   720  C CG1 . VAL A 1 89  ? -0.850  5.917   -8.628  1.00 26.42 ? 89  VAL A CG1 1 
ATOM   721  C CG2 . VAL A 1 89  ? -1.399  6.088   -11.082 1.00 25.37 ? 89  VAL A CG2 1 
ATOM   722  N N   . PHE A 1 90  ? -1.222  2.695   -7.895  1.00 19.04 ? 90  PHE A N   1 
ATOM   723  C CA  . PHE A 1 90  ? -1.311  2.154   -6.544  1.00 21.17 ? 90  PHE A CA  1 
ATOM   724  C C   . PHE A 1 90  ? -0.483  2.981   -5.562  1.00 24.97 ? 90  PHE A C   1 
ATOM   725  O O   . PHE A 1 90  ? 0.735   3.094   -5.712  1.00 23.06 ? 90  PHE A O   1 
ATOM   726  C CB  . PHE A 1 90  ? -0.829  0.701   -6.503  1.00 20.68 ? 90  PHE A CB  1 
ATOM   727  C CG  . PHE A 1 90  ? -1.735  -0.270  -7.210  1.00 23.11 ? 90  PHE A CG  1 
ATOM   728  C CD1 . PHE A 1 90  ? -2.781  -0.879  -6.535  1.00 23.83 ? 90  PHE A CD1 1 
ATOM   729  C CD2 . PHE A 1 90  ? -1.522  -0.597  -8.540  1.00 22.48 ? 90  PHE A CD2 1 
ATOM   730  C CE1 . PHE A 1 90  ? -3.613  -1.781  -7.179  1.00 24.51 ? 90  PHE A CE1 1 
ATOM   731  C CE2 . PHE A 1 90  ? -2.349  -1.499  -9.191  1.00 21.29 ? 90  PHE A CE2 1 
ATOM   732  C CZ  . PHE A 1 90  ? -3.397  -2.091  -8.509  1.00 27.92 ? 90  PHE A CZ  1 
ATOM   733  N N   . ILE A 1 91  ? -1.139  3.555   -4.560  1.00 19.65 ? 91  ILE A N   1 
ATOM   734  C CA  . ILE A 1 91  ? -0.415  4.193   -3.467  1.00 19.69 ? 91  ILE A CA  1 
ATOM   735  C C   . ILE A 1 91  ? 0.170   3.101   -2.580  1.00 24.75 ? 91  ILE A C   1 
ATOM   736  O O   . ILE A 1 91  ? -0.562  2.363   -1.915  1.00 17.08 ? 91  ILE A O   1 
ATOM   737  C CB  . ILE A 1 91  ? -1.310  5.123   -2.642  1.00 20.80 ? 91  ILE A CB  1 
ATOM   738  C CG1 . ILE A 1 91  ? -1.951  6.178   -3.547  1.00 22.19 ? 91  ILE A CG1 1 
ATOM   739  C CG2 . ILE A 1 91  ? -0.505  5.775   -1.532  1.00 19.70 ? 91  ILE A CG2 1 
ATOM   740  C CD1 . ILE A 1 91  ? -0.944  7.036   -4.293  1.00 25.49 ? 91  ILE A CD1 1 
ATOM   741  N N   . PHE A 1 92  ? 1.497   3.021   -2.575  1.00 21.67 ? 92  PHE A N   1 
ATOM   742  C CA  . PHE A 1 92  ? 2.222   1.835   -2.127  1.00 19.78 ? 92  PHE A CA  1 
ATOM   743  C C   . PHE A 1 92  ? 2.763   1.955   -0.699  1.00 21.83 ? 92  PHE A C   1 
ATOM   744  O O   . PHE A 1 92  ? 3.200   0.964   -0.119  1.00 25.73 ? 92  PHE A O   1 
ATOM   745  C CB  . PHE A 1 92  ? 3.368   1.565   -3.110  1.00 20.79 ? 92  PHE A CB  1 
ATOM   746  C CG  . PHE A 1 92  ? 3.970   0.189   -3.010  1.00 28.23 ? 92  PHE A CG  1 
ATOM   747  C CD1 . PHE A 1 92  ? 3.215   -0.938  -3.288  1.00 27.26 ? 92  PHE A CD1 1 
ATOM   748  C CD2 . PHE A 1 92  ? 5.311   0.028   -2.698  1.00 26.25 ? 92  PHE A CD2 1 
ATOM   749  C CE1 . PHE A 1 92  ? 3.774   -2.203  -3.219  1.00 32.09 ? 92  PHE A CE1 1 
ATOM   750  C CE2 . PHE A 1 92  ? 5.878   -1.234  -2.633  1.00 29.68 ? 92  PHE A CE2 1 
ATOM   751  C CZ  . PHE A 1 92  ? 5.108   -2.350  -2.896  1.00 37.04 ? 92  PHE A CZ  1 
ATOM   752  N N   . GLY A 1 93  ? 2.720   3.161   -0.137  1.00 19.56 ? 93  GLY A N   1 
ATOM   753  C CA  . GLY A 1 93  ? 3.235   3.411   1.201   1.00 20.60 ? 93  GLY A CA  1 
ATOM   754  C C   . GLY A 1 93  ? 4.181   4.602   1.250   1.00 20.89 ? 93  GLY A C   1 
ATOM   755  O O   . GLY A 1 93  ? 4.455   5.213   0.223   1.00 19.98 ? 93  GLY A O   1 
ATOM   756  N N   . GLY A 1 94  ? 4.666   4.952   2.440   1.00 24.28 ? 94  GLY A N   1 
ATOM   757  C CA  . GLY A 1 94  ? 4.273   4.298   3.676   1.00 23.64 ? 94  GLY A CA  1 
ATOM   758  C C   . GLY A 1 94  ? 3.244   5.110   4.443   1.00 19.66 ? 94  GLY A C   1 
ATOM   759  O O   . GLY A 1 94  ? 2.281   5.602   3.858   1.00 18.41 ? 94  GLY A O   1 
ATOM   760  N N   . GLN A 1 95  ? 3.457   5.267   5.748   1.00 18.22 ? 95  GLN A N   1 
ATOM   761  C CA  . GLN A 1 95  ? 2.482   5.936   6.611   1.00 18.50 ? 95  GLN A CA  1 
ATOM   762  C C   . GLN A 1 95  ? 2.129   7.354   6.166   1.00 20.26 ? 95  GLN A C   1 
ATOM   763  O O   . GLN A 1 95  ? 0.955   7.721   6.141   1.00 18.69 ? 95  GLN A O   1 
ATOM   764  C CB  . GLN A 1 95  ? 2.980   5.975   8.059   1.00 19.73 ? 95  GLN A CB  1 
ATOM   765  C CG  . GLN A 1 95  ? 2.165   6.909   8.946   1.00 21.14 ? 95  GLN A CG  1 
ATOM   766  C CD  . GLN A 1 95  ? 2.664   6.962   10.374  1.00 27.17 ? 95  GLN A CD  1 
ATOM   767  O OE1 . GLN A 1 95  ? 2.596   5.975   11.102  1.00 19.15 ? 95  GLN A OE1 1 
ATOM   768  N NE2 . GLN A 1 95  ? 3.181   8.118   10.779  1.00 34.03 ? 95  GLN A NE2 1 
ATOM   769  N N   A THR A 1 96  ? 3.140   8.153   5.826   0.43 21.30 ? 96  THR A N   1 
ATOM   770  N N   B THR A 1 96  ? 3.140   8.139   5.806   0.57 21.30 ? 96  THR A N   1 
ATOM   771  C CA  A THR A 1 96  ? 2.906   9.537   5.411   0.43 19.87 ? 96  THR A CA  1 
ATOM   772  C CA  B THR A 1 96  ? 2.923   9.527   5.419   0.57 19.56 ? 96  THR A CA  1 
ATOM   773  C C   A THR A 1 96  ? 2.048   9.614   4.155   0.43 20.02 ? 96  THR A C   1 
ATOM   774  C C   B THR A 1 96  ? 2.074   9.628   4.151   0.57 20.30 ? 96  THR A C   1 
ATOM   775  O O   A THR A 1 96  ? 1.105   10.398  4.086   0.43 20.27 ? 96  THR A O   1 
ATOM   776  O O   B THR A 1 96  ? 1.151   10.436  4.075   0.57 19.95 ? 96  THR A O   1 
ATOM   777  C CB  A THR A 1 96  ? 4.228   10.299  5.141   0.43 22.35 ? 96  THR A CB  1 
ATOM   778  C CB  B THR A 1 96  ? 4.260   10.263  5.198   0.57 22.37 ? 96  THR A CB  1 
ATOM   779  O OG1 A THR A 1 96  ? 4.954   9.651   4.088   0.43 21.25 ? 96  THR A OG1 1 
ATOM   780  O OG1 B THR A 1 96  ? 5.058   10.173  6.385   0.57 20.11 ? 96  THR A OG1 1 
ATOM   781  C CG2 A THR A 1 96  ? 5.085   10.370  6.395   0.43 19.87 ? 96  THR A CG2 1 
ATOM   782  C CG2 B THR A 1 96  ? 4.012   11.724  4.877   0.57 21.01 ? 96  THR A CG2 1 
ATOM   783  N N   . LEU A 1 97  ? 2.383   8.794   3.164   1.00 18.95 ? 97  LEU A N   1 
ATOM   784  C CA  . LEU A 1 97  ? 1.644   8.792   1.906   1.00 20.96 ? 97  LEU A CA  1 
ATOM   785  C C   . LEU A 1 97  ? 0.209   8.280   2.083   1.00 22.27 ? 97  LEU A C   1 
ATOM   786  O O   . LEU A 1 97  ? -0.726  8.822   1.494   1.00 22.11 ? 97  LEU A O   1 
ATOM   787  C CB  . LEU A 1 97  ? 2.381   7.957   0.862   1.00 20.86 ? 97  LEU A CB  1 
ATOM   788  C CG  . LEU A 1 97  ? 2.116   8.332   -0.599  1.00 31.38 ? 97  LEU A CG  1 
ATOM   789  C CD1 . LEU A 1 97  ? 1.861   9.820   -0.741  1.00 28.35 ? 97  LEU A CD1 1 
ATOM   790  C CD2 . LEU A 1 97  ? 3.280   7.918   -1.473  1.00 34.92 ? 97  LEU A CD2 1 
ATOM   791  N N   . PHE A 1 98  ? 0.036   7.242   2.897   1.00 18.75 ? 98  PHE A N   1 
ATOM   792  C CA  . PHE A 1 98  ? -1.304  6.743   3.205   1.00 17.80 ? 98  PHE A CA  1 
ATOM   793  C C   . PHE A 1 98  ? -2.153  7.832   3.855   1.00 23.14 ? 98  PHE A C   1 
ATOM   794  O O   . PHE A 1 98  ? -3.313  8.035   3.481   1.00 22.85 ? 98  PHE A O   1 
ATOM   795  C CB  . PHE A 1 98  ? -1.230  5.518   4.117   1.00 18.58 ? 98  PHE A CB  1 
ATOM   796  C CG  . PHE A 1 98  ? -0.690  4.287   3.439   1.00 15.66 ? 98  PHE A CG  1 
ATOM   797  C CD1 . PHE A 1 98  ? -0.996  4.018   2.114   1.00 17.29 ? 98  PHE A CD1 1 
ATOM   798  C CD2 . PHE A 1 98  ? 0.117   3.395   4.126   1.00 17.37 ? 98  PHE A CD2 1 
ATOM   799  C CE1 . PHE A 1 98  ? -0.505  2.888   1.487   1.00 17.26 ? 98  PHE A CE1 1 
ATOM   800  C CE2 . PHE A 1 98  ? 0.615   2.265   3.504   1.00 18.86 ? 98  PHE A CE2 1 
ATOM   801  C CZ  . PHE A 1 98  ? 0.301   2.008   2.183   1.00 19.30 ? 98  PHE A CZ  1 
ATOM   802  N N   . GLU A 1 99  ? -1.568  8.537   4.822   1.00 17.04 ? 99  GLU A N   1 
ATOM   803  C CA  . GLU A 1 99  ? -2.266  9.622   5.508   1.00 19.04 ? 99  GLU A CA  1 
ATOM   804  C C   . GLU A 1 99  ? -2.664  10.730  4.536   1.00 22.48 ? 99  GLU A C   1 
ATOM   805  O O   . GLU A 1 99  ? -3.746  11.297  4.645   1.00 23.82 ? 99  GLU A O   1 
ATOM   806  C CB  . GLU A 1 99  ? -1.401  10.198  6.637   1.00 21.97 ? 99  GLU A CB  1 
ATOM   807  C CG  . GLU A 1 99  ? -1.214  9.263   7.817   1.00 22.42 ? 99  GLU A CG  1 
ATOM   808  C CD  . GLU A 1 99  ? -0.272  9.821   8.868   1.00 27.78 ? 99  GLU A CD  1 
ATOM   809  O OE1 . GLU A 1 99  ? -0.242  9.268   9.987   1.00 26.68 ? 99  GLU A OE1 1 
ATOM   810  O OE2 . GLU A 1 99  ? 0.445   10.802  8.575   1.00 30.86 ? 99  GLU A OE2 1 
ATOM   811  N N   . GLU A 1 100 ? -1.788  11.026  3.582   1.00 20.32 ? 100 GLU A N   1 
ATOM   812  C CA  . GLU A 1 100 ? -2.060  12.068  2.601   1.00 23.64 ? 100 GLU A CA  1 
ATOM   813  C C   . GLU A 1 100 ? -3.080  11.655  1.538   1.00 25.82 ? 100 GLU A C   1 
ATOM   814  O O   . GLU A 1 100 ? -3.705  12.514  0.917   1.00 23.29 ? 100 GLU A O   1 
ATOM   815  C CB  . GLU A 1 100 ? -0.764  12.498  1.910   1.00 23.87 ? 100 GLU A CB  1 
ATOM   816  C CG  . GLU A 1 100 ? 0.246   13.163  2.829   1.00 30.17 ? 100 GLU A CG  1 
ATOM   817  C CD  . GLU A 1 100 ? 1.565   13.451  2.137   1.00 31.89 ? 100 GLU A CD  1 
ATOM   818  O OE1 . GLU A 1 100 ? 2.386   12.518  2.017   1.00 27.15 ? 100 GLU A OE1 1 
ATOM   819  O OE2 . GLU A 1 100 ? 1.777   14.606  1.713   1.00 34.49 ? 100 GLU A OE2 1 
ATOM   820  N N   . MET A 1 101 ? -3.258  10.355  1.325   1.00 19.29 ? 101 MET A N   1 
ATOM   821  C CA  . MET A 1 101 ? -4.034  9.902   0.170   1.00 20.77 ? 101 MET A CA  1 
ATOM   822  C C   . MET A 1 101 ? -5.317  9.129   0.491   1.00 23.29 ? 101 MET A C   1 
ATOM   823  O O   . MET A 1 101 ? -6.129  8.902   -0.405  1.00 21.91 ? 101 MET A O   1 
ATOM   824  C CB  . MET A 1 101 ? -3.157  9.032   -0.737  1.00 22.87 ? 101 MET A CB  1 
ATOM   825  C CG  . MET A 1 101 ? -1.982  9.762   -1.370  1.00 22.33 ? 101 MET A CG  1 
ATOM   826  S SD  . MET A 1 101 ? -2.474  11.187  -2.365  1.00 30.22 ? 101 MET A SD  1 
ATOM   827  C CE  . MET A 1 101 ? -3.408  10.382  -3.655  1.00 20.64 ? 101 MET A CE  1 
ATOM   828  N N   . ILE A 1 102 ? -5.505  8.718   1.742   1.00 20.19 ? 102 ILE A N   1 
ATOM   829  C CA  . ILE A 1 102 ? -6.652  7.873   2.077   1.00 21.45 ? 102 ILE A CA  1 
ATOM   830  C C   . ILE A 1 102 ? -7.993  8.560   1.784   1.00 20.89 ? 102 ILE A C   1 
ATOM   831  O O   . ILE A 1 102 ? -8.973  7.893   1.452   1.00 24.65 ? 102 ILE A O   1 
ATOM   832  C CB  . ILE A 1 102 ? -6.616  7.412   3.560   1.00 22.94 ? 102 ILE A CB  1 
ATOM   833  C CG1 . ILE A 1 102 ? -7.677  6.332   3.806   1.00 22.99 ? 102 ILE A CG1 1 
ATOM   834  C CG2 . ILE A 1 102 ? -6.793  8.588   4.513   1.00 21.89 ? 102 ILE A CG2 1 
ATOM   835  C CD1 . ILE A 1 102 ? -7.527  5.601   5.118   1.00 18.65 ? 102 ILE A CD1 1 
ATOM   836  N N   . ASP A 1 103 ? -8.031  9.888   1.873   1.00 22.15 ? 103 ASP A N   1 
ATOM   837  C CA  . ASP A 1 103 ? -9.246  10.638  1.548   1.00 24.65 ? 103 ASP A CA  1 
ATOM   838  C C   . ASP A 1 103 ? -9.363  10.957  0.056   1.00 22.39 ? 103 ASP A C   1 
ATOM   839  O O   . ASP A 1 103 ? -10.347 11.553  -0.376  1.00 24.69 ? 103 ASP A O   1 
ATOM   840  C CB  . ASP A 1 103 ? -9.310  11.941  2.351   1.00 29.57 ? 103 ASP A CB  1 
ATOM   841  C CG  . ASP A 1 103 ? -9.539  11.706  3.830   1.00 39.81 ? 103 ASP A CG  1 
ATOM   842  O OD1 . ASP A 1 103 ? -10.348 10.817  4.177   1.00 42.87 ? 103 ASP A OD1 1 
ATOM   843  O OD2 . ASP A 1 103 ? -8.917  12.418  4.647   1.00 44.98 ? 103 ASP A OD2 1 
ATOM   844  N N   . LYS A 1 104 ? -8.371  10.555  -0.731  1.00 20.77 ? 104 LYS A N   1 
ATOM   845  C CA  . LYS A 1 104 ? -8.370  10.850  -2.162  1.00 24.33 ? 104 LYS A CA  1 
ATOM   846  C C   . LYS A 1 104 ? -8.602  9.635   -3.070  1.00 25.35 ? 104 LYS A C   1 
ATOM   847  O O   . LYS A 1 104 ? -8.994  9.790   -4.224  1.00 23.50 ? 104 LYS A O   1 
ATOM   848  C CB  . LYS A 1 104 ? -7.046  11.511  -2.551  1.00 24.92 ? 104 LYS A CB  1 
ATOM   849  C CG  . LYS A 1 104 ? -6.608  12.624  -1.619  1.00 26.53 ? 104 LYS A CG  1 
ATOM   850  C CD  . LYS A 1 104 ? -7.581  13.787  -1.664  1.00 33.67 ? 104 LYS A CD  1 
ATOM   851  C CE  . LYS A 1 104 ? -7.097  14.945  -0.803  1.00 45.31 ? 104 LYS A CE  1 
ATOM   852  N NZ  . LYS A 1 104 ? -8.201  15.901  -0.506  1.00 56.82 ? 104 LYS A NZ  1 
ATOM   853  N N   . VAL A 1 105 ? -8.350  8.432   -2.566  1.00 20.90 ? 105 VAL A N   1 
ATOM   854  C CA  . VAL A 1 105 ? -8.365  7.254   -3.432  1.00 22.81 ? 105 VAL A CA  1 
ATOM   855  C C   . VAL A 1 105 ? -9.766  6.698   -3.668  1.00 25.00 ? 105 VAL A C   1 
ATOM   856  O O   . VAL A 1 105 ? -10.669 6.891   -2.859  1.00 26.39 ? 105 VAL A O   1 
ATOM   857  C CB  . VAL A 1 105 ? -7.476  6.131   -2.864  1.00 23.68 ? 105 VAL A CB  1 
ATOM   858  C CG1 . VAL A 1 105 ? -6.034  6.608   -2.757  1.00 21.19 ? 105 VAL A CG1 1 
ATOM   859  C CG2 . VAL A 1 105 ? -8.004  5.668   -1.505  1.00 20.79 ? 105 VAL A CG2 1 
ATOM   860  N N   . ASP A 1 106 ? -9.926  6.007   -4.794  1.00 29.88 ? 106 ASP A N   1 
ATOM   861  C CA  . ASP A 1 106 ? -11.192 5.382   -5.172  1.00 31.03 ? 106 ASP A CA  1 
ATOM   862  C C   . ASP A 1 106 ? -11.461 4.128   -4.346  1.00 25.69 ? 106 ASP A C   1 
ATOM   863  O O   . ASP A 1 106 ? -12.587 3.864   -3.916  1.00 20.79 ? 106 ASP A O   1 
ATOM   864  C CB  . ASP A 1 106 ? -11.174 5.023   -6.660  1.00 26.39 ? 106 ASP A CB  1 
ATOM   865  C CG  . ASP A 1 106 ? -10.895 6.224   -7.547  1.00 38.16 ? 106 ASP A CG  1 
ATOM   866  O OD1 . ASP A 1 106 ? -11.544 7.274   -7.351  1.00 36.80 ? 106 ASP A OD1 1 
ATOM   867  O OD2 . ASP A 1 106 ? -10.020 6.120   -8.435  1.00 38.56 ? 106 ASP A OD2 1 
ATOM   868  N N   . ASP A 1 107 ? -10.410 3.346   -4.141  1.00 21.29 ? 107 ASP A N   1 
ATOM   869  C CA  . ASP A 1 107 ? -10.548 2.069   -3.474  1.00 18.91 ? 107 ASP A CA  1 
ATOM   870  C C   . ASP A 1 107 ? -9.255  1.680   -2.778  1.00 17.67 ? 107 ASP A C   1 
ATOM   871  O O   . ASP A 1 107 ? -8.217  2.324   -2.962  1.00 16.20 ? 107 ASP A O   1 
ATOM   872  C CB  . ASP A 1 107 ? -10.969 0.995   -4.479  1.00 19.31 ? 107 ASP A CB  1 
ATOM   873  C CG  . ASP A 1 107 ? -9.978  0.842   -5.612  1.00 25.28 ? 107 ASP A CG  1 
ATOM   874  O OD1 . ASP A 1 107 ? -9.129  1.739   -5.793  1.00 23.19 ? 107 ASP A OD1 1 
ATOM   875  O OD2 . ASP A 1 107 ? -10.055 -0.177  -6.323  1.00 25.84 ? 107 ASP A OD2 1 
ATOM   876  N N   . MET A 1 108 ? -9.332  0.634   -1.963  1.00 12.84 ? 108 MET A N   1 
ATOM   877  C CA  . MET A 1 108 ? -8.181  0.148   -1.218  1.00 13.98 ? 108 MET A CA  1 
ATOM   878  C C   . MET A 1 108 ? -8.084  -1.369  -1.315  1.00 17.55 ? 108 MET A C   1 
ATOM   879  O O   . MET A 1 108 ? -9.081  -2.080  -1.164  1.00 18.12 ? 108 MET A O   1 
ATOM   880  C CB  . MET A 1 108 ? -8.257  0.578   0.253   1.00 15.53 ? 108 MET A CB  1 
ATOM   881  C CG  . MET A 1 108 ? -8.538  2.066   0.457   1.00 17.50 ? 108 MET A CG  1 
ATOM   882  S SD  . MET A 1 108 ? -8.194  2.662   2.126   1.00 16.21 ? 108 MET A SD  1 
ATOM   883  C CE  . MET A 1 108 ? -9.609  2.013   3.010   1.00 14.14 ? 108 MET A CE  1 
ATOM   884  N N   . TYR A 1 109 ? -6.879  -1.855  -1.596  1.00 14.36 ? 109 TYR A N   1 
ATOM   885  C CA  . TYR A 1 109 ? -6.581  -3.275  -1.503  1.00 12.11 ? 109 TYR A CA  1 
ATOM   886  C C   . TYR A 1 109 ? -5.805  -3.525  -0.220  1.00 17.81 ? 109 TYR A C   1 
ATOM   887  O O   . TYR A 1 109 ? -4.609  -3.235  -0.132  1.00 14.13 ? 109 TYR A O   1 
ATOM   888  C CB  . TYR A 1 109 ? -5.790  -3.748  -2.721  1.00 15.32 ? 109 TYR A CB  1 
ATOM   889  C CG  . TYR A 1 109 ? -6.588  -3.715  -4.003  1.00 20.58 ? 109 TYR A CG  1 
ATOM   890  C CD1 . TYR A 1 109 ? -6.637  -2.567  -4.786  1.00 22.77 ? 109 TYR A CD1 1 
ATOM   891  C CD2 . TYR A 1 109 ? -7.303  -4.830  -4.427  1.00 19.08 ? 109 TYR A CD2 1 
ATOM   892  C CE1 . TYR A 1 109 ? -7.373  -2.533  -5.960  1.00 19.29 ? 109 TYR A CE1 1 
ATOM   893  C CE2 . TYR A 1 109 ? -8.041  -4.804  -5.597  1.00 19.37 ? 109 TYR A CE2 1 
ATOM   894  C CZ  . TYR A 1 109 ? -8.069  -3.655  -6.357  1.00 18.44 ? 109 TYR A CZ  1 
ATOM   895  O OH  . TYR A 1 109 ? -8.799  -3.628  -7.520  1.00 26.06 ? 109 TYR A OH  1 
ATOM   896  N N   . ILE A 1 110 ? -6.495  -4.045  0.784   1.00 13.50 ? 110 ILE A N   1 
ATOM   897  C CA  . ILE A 1 110 ? -5.906  -4.189  2.105   1.00 11.92 ? 110 ILE A CA  1 
ATOM   898  C C   . ILE A 1 110 ? -5.718  -5.650  2.465   1.00 15.37 ? 110 ILE A C   1 
ATOM   899  O O   . ILE A 1 110 ? -6.651  -6.445  2.379   1.00 19.07 ? 110 ILE A O   1 
ATOM   900  C CB  . ILE A 1 110 ? -6.778  -3.510  3.186   1.00 15.69 ? 110 ILE A CB  1 
ATOM   901  C CG1 . ILE A 1 110 ? -6.861  -2.002  2.932   1.00 15.18 ? 110 ILE A CG1 1 
ATOM   902  C CG2 . ILE A 1 110 ? -6.225  -3.785  4.576   1.00 13.94 ? 110 ILE A CG2 1 
ATOM   903  C CD1 . ILE A 1 110 ? -7.649  -1.243  3.983   1.00 17.94 ? 110 ILE A CD1 1 
ATOM   904  N N   . THR A 1 111 ? -4.499  -6.007  2.845   1.00 14.91 ? 111 THR A N   1 
ATOM   905  C CA  . THR A 1 111 ? -4.264  -7.299  3.459   1.00 13.87 ? 111 THR A CA  1 
ATOM   906  C C   . THR A 1 111 ? -4.285  -7.124  4.967   1.00 16.98 ? 111 THR A C   1 
ATOM   907  O O   . THR A 1 111 ? -3.381  -6.517  5.542   1.00 16.35 ? 111 THR A O   1 
ATOM   908  C CB  . THR A 1 111 ? -2.920  -7.911  3.033   1.00 18.26 ? 111 THR A CB  1 
ATOM   909  O OG1 . THR A 1 111 ? -2.880  -8.024  1.607   1.00 14.98 ? 111 THR A OG1 1 
ATOM   910  C CG2 . THR A 1 111 ? -2.743  -9.287  3.659   1.00 15.77 ? 111 THR A CG2 1 
ATOM   911  N N   . VAL A 1 112 ? -5.332  -7.625  5.608   1.00 15.50 ? 112 VAL A N   1 
ATOM   912  C CA  . VAL A 1 112 ? -5.383  -7.608  7.059   1.00 13.05 ? 112 VAL A CA  1 
ATOM   913  C C   . VAL A 1 112 ? -4.550  -8.750  7.611   1.00 17.36 ? 112 VAL A C   1 
ATOM   914  O O   . VAL A 1 112 ? -4.921  -9.916  7.478   1.00 16.09 ? 112 VAL A O   1 
ATOM   915  C CB  . VAL A 1 112 ? -6.820  -7.728  7.595   1.00 16.75 ? 112 VAL A CB  1 
ATOM   916  C CG1 . VAL A 1 112 ? -6.810  -7.752  9.118   1.00 14.25 ? 112 VAL A CG1 1 
ATOM   917  C CG2 . VAL A 1 112 ? -7.676  -6.579  7.080   1.00 19.50 ? 112 VAL A CG2 1 
ATOM   918  N N   . ILE A 1 113 ? -3.416  -8.414  8.211   1.00 15.30 ? 113 ILE A N   1 
ATOM   919  C CA  . ILE A 1 113 ? -2.613  -9.392  8.926   1.00 13.74 ? 113 ILE A CA  1 
ATOM   920  C C   . ILE A 1 113 ? -3.299  -9.649  10.261  1.00 19.34 ? 113 ILE A C   1 
ATOM   921  O O   . ILE A 1 113 ? -3.360  -8.766  11.118  1.00 21.54 ? 113 ILE A O   1 
ATOM   922  C CB  . ILE A 1 113 ? -1.168  -8.903  9.150   1.00 15.96 ? 113 ILE A CB  1 
ATOM   923  C CG1 . ILE A 1 113 ? -0.580  -8.354  7.847   1.00 16.86 ? 113 ILE A CG1 1 
ATOM   924  C CG2 . ILE A 1 113 ? -0.304  -10.022 9.712   1.00 17.63 ? 113 ILE A CG2 1 
ATOM   925  C CD1 . ILE A 1 113 ? -0.292  -9.420  6.805   1.00 17.36 ? 113 ILE A CD1 1 
ATOM   926  N N   . GLU A 1 114 ? -3.830  -10.853 10.430  1.00 19.80 ? 114 GLU A N   1 
ATOM   927  C CA  . GLU A 1 114 ? -4.690  -11.139 11.572  1.00 17.37 ? 114 GLU A CA  1 
ATOM   928  C C   . GLU A 1 114 ? -3.881  -11.437 12.825  1.00 17.66 ? 114 GLU A C   1 
ATOM   929  O O   . GLU A 1 114 ? -4.031  -12.493 13.435  1.00 17.81 ? 114 GLU A O   1 
ATOM   930  C CB  . GLU A 1 114 ? -5.621  -12.312 11.255  1.00 15.67 ? 114 GLU A CB  1 
ATOM   931  C CG  . GLU A 1 114 ? -6.448  -12.120 9.994   1.00 17.45 ? 114 GLU A CG  1 
ATOM   932  C CD  . GLU A 1 114 ? -7.708  -11.312 10.230  1.00 27.75 ? 114 GLU A CD  1 
ATOM   933  O OE1 . GLU A 1 114 ? -7.973  -10.940 11.392  1.00 26.53 ? 114 GLU A OE1 1 
ATOM   934  O OE2 . GLU A 1 114 ? -8.437  -11.049 9.250   1.00 24.96 ? 114 GLU A OE2 1 
ATOM   935  N N   . GLY A 1 115 ? -3.031  -10.490 13.207  1.00 19.12 ? 115 GLY A N   1 
ATOM   936  C CA  . GLY A 1 115 ? -2.215  -10.627 14.396  1.00 19.09 ? 115 GLY A CA  1 
ATOM   937  C C   . GLY A 1 115 ? -1.862  -9.275  14.990  1.00 16.02 ? 115 GLY A C   1 
ATOM   938  O O   . GLY A 1 115 ? -2.267  -8.235  14.471  1.00 15.67 ? 115 GLY A O   1 
ATOM   939  N N   . LYS A 1 116 ? -1.111  -9.291  16.084  1.00 16.92 ? 116 LYS A N   1 
ATOM   940  C CA  . LYS A 1 116 ? -0.695  -8.058  16.739  1.00 15.71 ? 116 LYS A CA  1 
ATOM   941  C C   . LYS A 1 116 ? 0.822   -7.992  16.780  1.00 18.20 ? 116 LYS A C   1 
ATOM   942  O O   . LYS A 1 116 ? 1.464   -8.774  17.484  1.00 19.42 ? 116 LYS A O   1 
ATOM   943  C CB  . LYS A 1 116 ? -1.267  -7.970  18.150  1.00 16.40 ? 116 LYS A CB  1 
ATOM   944  C CG  . LYS A 1 116 ? -2.779  -7.835  18.198  1.00 20.32 ? 116 LYS A CG  1 
ATOM   945  C CD  . LYS A 1 116 ? -3.324  -8.096  19.597  1.00 27.44 ? 116 LYS A CD  1 
ATOM   946  C CE  . LYS A 1 116 ? -3.223  -6.868  20.484  1.00 33.58 ? 116 LYS A CE  1 
ATOM   947  N NZ  . LYS A 1 116 ? -1.836  -6.586  20.953  1.00 49.14 ? 116 LYS A NZ  1 
ATOM   948  N N   . PHE A 1 117 ? 1.383   -7.061  16.016  1.00 18.48 ? 117 PHE A N   1 
ATOM   949  C CA  . PHE A 1 117 ? 2.831   -6.902  15.906  1.00 16.05 ? 117 PHE A CA  1 
ATOM   950  C C   . PHE A 1 117 ? 3.280   -5.609  16.564  1.00 18.19 ? 117 PHE A C   1 
ATOM   951  O O   . PHE A 1 117 ? 2.489   -4.680  16.715  1.00 17.96 ? 117 PHE A O   1 
ATOM   952  C CB  . PHE A 1 117 ? 3.263   -6.899  14.438  1.00 17.56 ? 117 PHE A CB  1 
ATOM   953  C CG  . PHE A 1 117 ? 3.134   -8.230  13.758  1.00 21.54 ? 117 PHE A CG  1 
ATOM   954  C CD1 . PHE A 1 117 ? 1.888   -8.717  13.393  1.00 17.61 ? 117 PHE A CD1 1 
ATOM   955  C CD2 . PHE A 1 117 ? 4.258   -8.984  13.455  1.00 20.77 ? 117 PHE A CD2 1 
ATOM   956  C CE1 . PHE A 1 117 ? 1.760   -9.938  12.761  1.00 17.43 ? 117 PHE A CE1 1 
ATOM   957  C CE2 . PHE A 1 117 ? 4.136   -10.208 12.819  1.00 20.11 ? 117 PHE A CE2 1 
ATOM   958  C CZ  . PHE A 1 117 ? 2.889   -10.682 12.472  1.00 16.06 ? 117 PHE A CZ  1 
ATOM   959  N N   . ARG A 1 118 ? 4.549   -5.544  16.948  1.00 20.29 ? 118 ARG A N   1 
ATOM   960  C CA  . ARG A 1 118 ? 5.137   -4.276  17.359  1.00 21.17 ? 118 ARG A CA  1 
ATOM   961  C C   . ARG A 1 118 ? 5.380   -3.411  16.126  1.00 17.98 ? 118 ARG A C   1 
ATOM   962  O O   . ARG A 1 118 ? 5.994   -3.855  15.156  1.00 18.61 ? 118 ARG A O   1 
ATOM   963  C CB  . ARG A 1 118 ? 6.449   -4.490  18.112  1.00 23.06 ? 118 ARG A CB  1 
ATOM   964  C CG  . ARG A 1 118 ? 7.351   -3.260  18.129  1.00 28.67 ? 118 ARG A CG  1 
ATOM   965  C CD  . ARG A 1 118 ? 8.444   -3.325  19.196  1.00 35.19 ? 118 ARG A CD  1 
ATOM   966  N NE  . ARG A 1 118 ? 7.963   -3.880  20.457  1.00 42.03 ? 118 ARG A NE  1 
ATOM   967  C CZ  . ARG A 1 118 ? 8.077   -5.157  20.804  1.00 46.45 ? 118 ARG A CZ  1 
ATOM   968  N NH1 . ARG A 1 118 ? 8.678   -6.016  19.993  1.00 44.73 ? 118 ARG A NH1 1 
ATOM   969  N NH2 . ARG A 1 118 ? 7.593   -5.572  21.963  1.00 50.35 ? 118 ARG A NH2 1 
ATOM   970  N N   . GLY A 1 119 ? 4.894   -2.177  16.158  1.00 17.26 ? 119 GLY A N   1 
ATOM   971  C CA  . GLY A 1 119 ? 5.090   -1.278  15.041  1.00 16.53 ? 119 GLY A CA  1 
ATOM   972  C C   . GLY A 1 119 ? 5.489   0.115   15.466  1.00 19.92 ? 119 GLY A C   1 
ATOM   973  O O   . GLY A 1 119 ? 5.361   0.483   16.634  1.00 18.26 ? 119 GLY A O   1 
ATOM   974  N N   . ASP A 1 120 ? 5.980   0.895   14.510  1.00 15.43 ? 120 ASP A N   1 
ATOM   975  C CA  . ASP A 1 120 ? 6.239   2.304   14.750  1.00 15.64 ? 120 ASP A CA  1 
ATOM   976  C C   . ASP A 1 120 ? 5.628   3.160   13.639  1.00 18.27 ? 120 ASP A C   1 
ATOM   977  O O   . ASP A 1 120 ? 5.778   4.377   13.627  1.00 15.02 ? 120 ASP A O   1 
ATOM   978  C CB  . ASP A 1 120 ? 7.745   2.567   14.892  1.00 18.64 ? 120 ASP A CB  1 
ATOM   979  C CG  . ASP A 1 120 ? 8.550   2.092   13.692  1.00 20.52 ? 120 ASP A CG  1 
ATOM   980  O OD1 . ASP A 1 120 ? 7.991   1.998   12.578  1.00 16.13 ? 120 ASP A OD1 1 
ATOM   981  O OD2 . ASP A 1 120 ? 9.759   1.821   13.870  1.00 18.99 ? 120 ASP A OD2 1 
ATOM   982  N N   . THR A 1 121 ? 4.935   2.508   12.710  1.00 17.50 ? 121 THR A N   1 
ATOM   983  C CA  . THR A 1 121 ? 4.228   3.202   11.638  1.00 14.37 ? 121 THR A CA  1 
ATOM   984  C C   . THR A 1 121 ? 2.869   2.545   11.412  1.00 16.43 ? 121 THR A C   1 
ATOM   985  O O   . THR A 1 121 ? 2.750   1.319   11.472  1.00 15.35 ? 121 THR A O   1 
ATOM   986  C CB  . THR A 1 121 ? 5.026   3.194   10.329  1.00 18.37 ? 121 THR A CB  1 
ATOM   987  O OG1 . THR A 1 121 ? 5.633   1.911   10.162  1.00 22.66 ? 121 THR A OG1 1 
ATOM   988  C CG2 . THR A 1 121 ? 6.118   4.257   10.357  1.00 21.33 ? 121 THR A CG2 1 
ATOM   989  N N   . PHE A 1 122 ? 1.852   3.365   11.159  1.00 16.48 ? 122 PHE A N   1 
ATOM   990  C CA  . PHE A 1 122 ? 0.467   2.895   11.137  1.00 18.53 ? 122 PHE A CA  1 
ATOM   991  C C   . PHE A 1 122 ? -0.296  3.345   9.897   1.00 14.34 ? 122 PHE A C   1 
ATOM   992  O O   . PHE A 1 122 ? 0.002   4.382   9.313   1.00 14.86 ? 122 PHE A O   1 
ATOM   993  C CB  . PHE A 1 122 ? -0.284  3.382   12.386  1.00 12.94 ? 122 PHE A CB  1 
ATOM   994  C CG  . PHE A 1 122 ? 0.095   2.662   13.650  1.00 16.69 ? 122 PHE A CG  1 
ATOM   995  C CD1 . PHE A 1 122 ? 1.317   2.902   14.261  1.00 16.26 ? 122 PHE A CD1 1 
ATOM   996  C CD2 . PHE A 1 122 ? -0.773  1.749   14.233  1.00 17.67 ? 122 PHE A CD2 1 
ATOM   997  C CE1 . PHE A 1 122 ? 1.670   2.241   15.423  1.00 18.08 ? 122 PHE A CE1 1 
ATOM   998  C CE2 . PHE A 1 122 ? -0.425  1.086   15.397  1.00 17.79 ? 122 PHE A CE2 1 
ATOM   999  C CZ  . PHE A 1 122 ? 0.800   1.333   15.992  1.00 16.94 ? 122 PHE A CZ  1 
ATOM   1000 N N   . PHE A 1 123 ? -1.280  2.546   9.504   1.00 13.57 ? 123 PHE A N   1 
ATOM   1001 C CA  . PHE A 1 123 ? -2.255  2.951   8.504   1.00 13.12 ? 123 PHE A CA  1 
ATOM   1002 C C   . PHE A 1 123 ? -3.300  3.810   9.220   1.00 14.74 ? 123 PHE A C   1 
ATOM   1003 O O   . PHE A 1 123 ? -3.625  3.538   10.374  1.00 16.68 ? 123 PHE A O   1 
ATOM   1004 C CB  . PHE A 1 123 ? -2.894  1.722   7.841   1.00 13.95 ? 123 PHE A CB  1 
ATOM   1005 C CG  . PHE A 1 123 ? -3.704  2.037   6.617   1.00 13.51 ? 123 PHE A CG  1 
ATOM   1006 C CD1 . PHE A 1 123 ? -3.081  2.378   5.427   1.00 14.28 ? 123 PHE A CD1 1 
ATOM   1007 C CD2 . PHE A 1 123 ? -5.088  1.992   6.657   1.00 15.21 ? 123 PHE A CD2 1 
ATOM   1008 C CE1 . PHE A 1 123 ? -3.822  2.675   4.298   1.00 15.36 ? 123 PHE A CE1 1 
ATOM   1009 C CE2 . PHE A 1 123 ? -5.837  2.281   5.530   1.00 15.50 ? 123 PHE A CE2 1 
ATOM   1010 C CZ  . PHE A 1 123 ? -5.207  2.625   4.350   1.00 14.21 ? 123 PHE A CZ  1 
ATOM   1011 N N   . PRO A 1 124 ? -3.813  4.862   8.554   1.00 14.45 ? 124 PRO A N   1 
ATOM   1012 C CA  . PRO A 1 124 ? -4.809  5.722   9.210   1.00 18.35 ? 124 PRO A CA  1 
ATOM   1013 C C   . PRO A 1 124 ? -6.079  4.955   9.561   1.00 19.01 ? 124 PRO A C   1 
ATOM   1014 O O   . PRO A 1 124 ? -6.410  3.980   8.886   1.00 15.26 ? 124 PRO A O   1 
ATOM   1015 C CB  . PRO A 1 124 ? -5.102  6.807   8.161   1.00 18.30 ? 124 PRO A CB  1 
ATOM   1016 C CG  . PRO A 1 124 ? -3.989  6.722   7.172   1.00 21.07 ? 124 PRO A CG  1 
ATOM   1017 C CD  . PRO A 1 124 ? -3.513  5.308   7.184   1.00 15.83 ? 124 PRO A CD  1 
ATOM   1018 N N   . PRO A 1 125 ? -6.773  5.372   10.629  1.00 20.30 ? 125 PRO A N   1 
ATOM   1019 C CA  . PRO A 1 125 ? -8.048  4.732   10.955  1.00 18.02 ? 125 PRO A CA  1 
ATOM   1020 C C   . PRO A 1 125 ? -9.070  4.934   9.842   1.00 21.65 ? 125 PRO A C   1 
ATOM   1021 O O   . PRO A 1 125 ? -9.046  5.952   9.149   1.00 16.17 ? 125 PRO A O   1 
ATOM   1022 C CB  . PRO A 1 125 ? -8.486  5.443   12.242  1.00 22.13 ? 125 PRO A CB  1 
ATOM   1023 C CG  . PRO A 1 125 ? -7.215  5.967   12.831  1.00 22.77 ? 125 PRO A CG  1 
ATOM   1024 C CD  . PRO A 1 125 ? -6.364  6.348   11.654  1.00 16.72 ? 125 PRO A CD  1 
ATOM   1025 N N   . TYR A 1 126 ? -9.941  3.948   9.667   1.00 20.51 ? 126 TYR A N   1 
ATOM   1026 C CA  . TYR A 1 126 ? -11.030 4.026   8.706   1.00 22.17 ? 126 TYR A CA  1 
ATOM   1027 C C   . TYR A 1 126 ? -12.171 3.162   9.224   1.00 24.32 ? 126 TYR A C   1 
ATOM   1028 O O   . TYR A 1 126 ? -11.957 2.284   10.056  1.00 20.52 ? 126 TYR A O   1 
ATOM   1029 C CB  . TYR A 1 126 ? -10.583 3.560   7.320   1.00 20.56 ? 126 TYR A CB  1 
ATOM   1030 C CG  . TYR A 1 126 ? -10.114 2.120   7.282   1.00 17.38 ? 126 TYR A CG  1 
ATOM   1031 C CD1 . TYR A 1 126 ? -8.797  1.789   7.577   1.00 17.22 ? 126 TYR A CD1 1 
ATOM   1032 C CD2 . TYR A 1 126 ? -10.988 1.093   6.950   1.00 18.34 ? 126 TYR A CD2 1 
ATOM   1033 C CE1 . TYR A 1 126 ? -8.363  0.475   7.544   1.00 17.34 ? 126 TYR A CE1 1 
ATOM   1034 C CE2 . TYR A 1 126 ? -10.568 -0.225  6.913   1.00 19.54 ? 126 TYR A CE2 1 
ATOM   1035 C CZ  . TYR A 1 126 ? -9.254  -0.529  7.213   1.00 19.19 ? 126 TYR A CZ  1 
ATOM   1036 O OH  . TYR A 1 126 ? -8.830  -1.834  7.179   1.00 15.26 ? 126 TYR A OH  1 
ATOM   1037 N N   . THR A 1 127 ? -13.382 3.403   8.736   1.00 26.25 ? 127 THR A N   1 
ATOM   1038 C CA  . THR A 1 127 ? -14.521 2.599   9.165   1.00 23.30 ? 127 THR A CA  1 
ATOM   1039 C C   . THR A 1 127 ? -15.232 1.957   7.975   1.00 20.02 ? 127 THR A C   1 
ATOM   1040 O O   . THR A 1 127 ? -15.336 2.555   6.904   1.00 19.52 ? 127 THR A O   1 
ATOM   1041 C CB  . THR A 1 127 ? -15.525 3.447   9.975   1.00 26.37 ? 127 THR A CB  1 
ATOM   1042 O OG1 . THR A 1 127 ? -16.724 2.694   10.190  1.00 34.08 ? 127 THR A OG1 1 
ATOM   1043 C CG2 . THR A 1 127 ? -15.868 4.721   9.228   1.00 28.21 ? 127 THR A CG2 1 
ATOM   1044 N N   . PHE A 1 128 ? -15.725 0.737   8.169   1.00 24.43 ? 128 PHE A N   1 
ATOM   1045 C CA  . PHE A 1 128 ? -16.493 0.049   7.134   1.00 25.05 ? 128 PHE A CA  1 
ATOM   1046 C C   . PHE A 1 128 ? -17.841 0.728   6.901   1.00 31.02 ? 128 PHE A C   1 
ATOM   1047 O O   . PHE A 1 128 ? -18.594 0.361   5.996   1.00 30.76 ? 128 PHE A O   1 
ATOM   1048 C CB  . PHE A 1 128 ? -16.696 -1.421  7.502   1.00 27.39 ? 128 PHE A CB  1 
ATOM   1049 C CG  . PHE A 1 128 ? -15.437 -2.239  7.428   1.00 28.04 ? 128 PHE A CG  1 
ATOM   1050 C CD1 . PHE A 1 128 ? -14.862 -2.530  6.204   1.00 28.03 ? 128 PHE A CD1 1 
ATOM   1051 C CD2 . PHE A 1 128 ? -14.829 -2.715  8.578   1.00 34.30 ? 128 PHE A CD2 1 
ATOM   1052 C CE1 . PHE A 1 128 ? -13.705 -3.282  6.123   1.00 27.72 ? 128 PHE A CE1 1 
ATOM   1053 C CE2 . PHE A 1 128 ? -13.668 -3.467  8.504   1.00 32.76 ? 128 PHE A CE2 1 
ATOM   1054 C CZ  . PHE A 1 128 ? -13.108 -3.751  7.274   1.00 27.89 ? 128 PHE A CZ  1 
ATOM   1055 N N   . GLU A 1 129 ? -18.140 1.718   7.732   1.00 23.74 ? 129 GLU A N   1 
ATOM   1056 C CA  . GLU A 1 129 ? -19.290 2.582   7.522   1.00 33.23 ? 129 GLU A CA  1 
ATOM   1057 C C   . GLU A 1 129 ? -19.085 3.381   6.240   1.00 33.29 ? 129 GLU A C   1 
ATOM   1058 O O   . GLU A 1 129 ? -20.044 3.735   5.552   1.00 30.24 ? 129 GLU A O   1 
ATOM   1059 C CB  . GLU A 1 129 ? -19.488 3.501   8.733   1.00 36.11 ? 129 GLU A CB  1 
ATOM   1060 C CG  . GLU A 1 129 ? -20.072 4.874   8.436   1.00 43.67 ? 129 GLU A CG  1 
ATOM   1061 C CD  . GLU A 1 129 ? -20.063 5.783   9.658   1.00 56.13 ? 129 GLU A CD  1 
ATOM   1062 O OE1 . GLU A 1 129 ? -19.691 6.970   9.521   1.00 55.89 ? 129 GLU A OE1 1 
ATOM   1063 O OE2 . GLU A 1 129 ? -20.426 5.308   10.757  1.00 54.28 ? 129 GLU A OE2 1 
ATOM   1064 N N   . ASP A 1 130 ? -17.821 3.631   5.905   1.00 24.07 ? 130 ASP A N   1 
ATOM   1065 C CA  . ASP A 1 130 ? -17.479 4.464   4.759   1.00 21.66 ? 130 ASP A CA  1 
ATOM   1066 C C   . ASP A 1 130 ? -17.030 3.664   3.538   1.00 26.18 ? 130 ASP A C   1 
ATOM   1067 O O   . ASP A 1 130 ? -16.914 4.220   2.444   1.00 18.93 ? 130 ASP A O   1 
ATOM   1068 C CB  . ASP A 1 130 ? -16.373 5.453   5.133   1.00 22.09 ? 130 ASP A CB  1 
ATOM   1069 C CG  . ASP A 1 130 ? -16.796 6.425   6.217   1.00 34.85 ? 130 ASP A CG  1 
ATOM   1070 O OD1 . ASP A 1 130 ? -18.016 6.612   6.412   1.00 30.53 ? 130 ASP A OD1 1 
ATOM   1071 O OD2 . ASP A 1 130 ? -15.904 7.003   6.874   1.00 31.93 ? 130 ASP A OD2 1 
ATOM   1072 N N   . TRP A 1 131 ? -16.763 2.373   3.725   1.00 23.29 ? 131 TRP A N   1 
ATOM   1073 C CA  . TRP A 1 131 ? -16.177 1.546   2.666   1.00 20.28 ? 131 TRP A CA  1 
ATOM   1074 C C   . TRP A 1 131 ? -16.955 0.259   2.446   1.00 18.40 ? 131 TRP A C   1 
ATOM   1075 O O   . TRP A 1 131 ? -17.196 -0.491  3.390   1.00 21.61 ? 131 TRP A O   1 
ATOM   1076 C CB  . TRP A 1 131 ? -14.725 1.199   3.001   1.00 15.00 ? 131 TRP A CB  1 
ATOM   1077 C CG  . TRP A 1 131 ? -13.839 2.388   3.081   1.00 16.42 ? 131 TRP A CG  1 
ATOM   1078 C CD1 . TRP A 1 131 ? -13.590 3.140   4.188   1.00 17.53 ? 131 TRP A CD1 1 
ATOM   1079 C CD2 . TRP A 1 131 ? -13.083 2.979   2.018   1.00 16.50 ? 131 TRP A CD2 1 
ATOM   1080 N NE1 . TRP A 1 131 ? -12.729 4.157   3.884   1.00 16.07 ? 131 TRP A NE1 1 
ATOM   1081 C CE2 . TRP A 1 131 ? -12.403 4.086   2.557   1.00 20.19 ? 131 TRP A CE2 1 
ATOM   1082 C CE3 . TRP A 1 131 ? -12.912 2.678   0.663   1.00 16.79 ? 131 TRP A CE3 1 
ATOM   1083 C CZ2 . TRP A 1 131 ? -11.565 4.896   1.794   1.00 19.18 ? 131 TRP A CZ2 1 
ATOM   1084 C CZ3 . TRP A 1 131 ? -12.080 3.486   -0.097  1.00 16.67 ? 131 TRP A CZ3 1 
ATOM   1085 C CH2 . TRP A 1 131 ? -11.416 4.579   0.472   1.00 16.76 ? 131 TRP A CH2 1 
ATOM   1086 N N   . GLU A 1 132 ? -17.341 0.001   1.202   1.00 16.38 ? 132 GLU A N   1 
ATOM   1087 C CA  . GLU A 1 132 ? -18.006 -1.254  0.876   1.00 20.37 ? 132 GLU A CA  1 
ATOM   1088 C C   . GLU A 1 132 ? -16.984 -2.357  0.647   1.00 19.30 ? 132 GLU A C   1 
ATOM   1089 O O   . GLU A 1 132 ? -15.972 -2.155  -0.026  1.00 14.51 ? 132 GLU A O   1 
ATOM   1090 C CB  . GLU A 1 132 ? -18.894 -1.114  -0.360  1.00 19.19 ? 132 GLU A CB  1 
ATOM   1091 C CG  . GLU A 1 132 ? -19.620 -2.406  -0.697  1.00 26.09 ? 132 GLU A CG  1 
ATOM   1092 C CD  . GLU A 1 132 ? -20.747 -2.212  -1.680  1.00 35.65 ? 132 GLU A CD  1 
ATOM   1093 O OE1 . GLU A 1 132 ? -20.686 -1.250  -2.476  1.00 32.62 ? 132 GLU A OE1 1 
ATOM   1094 O OE2 . GLU A 1 132 ? -21.695 -3.026  -1.657  1.00 40.37 ? 132 GLU A OE2 1 
ATOM   1095 N N   . VAL A 1 133 ? -17.257 -3.526  1.213   1.00 16.17 ? 133 VAL A N   1 
ATOM   1096 C CA  . VAL A 1 133 ? -16.388 -4.676  1.048   1.00 16.03 ? 133 VAL A CA  1 
ATOM   1097 C C   . VAL A 1 133 ? -16.707 -5.345  -0.286  1.00 19.96 ? 133 VAL A C   1 
ATOM   1098 O O   . VAL A 1 133 ? -17.614 -6.175  -0.373  1.00 18.72 ? 133 VAL A O   1 
ATOM   1099 C CB  . VAL A 1 133 ? -16.558 -5.684  2.208   1.00 18.68 ? 133 VAL A CB  1 
ATOM   1100 C CG1 . VAL A 1 133 ? -15.672 -6.911  2.003   1.00 22.63 ? 133 VAL A CG1 1 
ATOM   1101 C CG2 . VAL A 1 133 ? -16.271 -5.012  3.546   1.00 23.91 ? 133 VAL A CG2 1 
ATOM   1102 N N   . ALA A 1 134 ? -15.983 -4.960  -1.332  1.00 17.63 ? 134 ALA A N   1 
ATOM   1103 C CA  . ALA A 1 134 ? -16.198 -5.534  -2.655  1.00 15.13 ? 134 ALA A CA  1 
ATOM   1104 C C   . ALA A 1 134 ? -15.846 -7.015  -2.648  1.00 16.73 ? 134 ALA A C   1 
ATOM   1105 O O   . ALA A 1 134 ? -16.480 -7.821  -3.324  1.00 16.17 ? 134 ALA A O   1 
ATOM   1106 C CB  . ALA A 1 134 ? -15.379 -4.797  -3.699  1.00 17.63 ? 134 ALA A CB  1 
ATOM   1107 N N   . SER A 1 135 ? -14.828 -7.367  -1.872  1.00 13.85 ? 135 SER A N   1 
ATOM   1108 C CA  . SER A 1 135 ? -14.453 -8.762  -1.698  1.00 15.58 ? 135 SER A CA  1 
ATOM   1109 C C   . SER A 1 135 ? -13.648 -8.936  -0.420  1.00 17.12 ? 135 SER A C   1 
ATOM   1110 O O   . SER A 1 135 ? -12.950 -8.018  0.025   1.00 15.60 ? 135 SER A O   1 
ATOM   1111 C CB  . SER A 1 135 ? -13.653 -9.266  -2.901  1.00 16.55 ? 135 SER A CB  1 
ATOM   1112 O OG  . SER A 1 135 ? -12.487 -8.490  -3.097  1.00 18.42 ? 135 SER A OG  1 
ATOM   1113 N N   . SER A 1 136 ? -13.764 -10.121 0.163   1.00 15.38 ? 136 SER A N   1 
ATOM   1114 C CA  . SER A 1 136 ? -13.021 -10.494 1.357   1.00 17.82 ? 136 SER A CA  1 
ATOM   1115 C C   . SER A 1 136 ? -12.632 -11.962 1.231   1.00 19.98 ? 136 SER A C   1 
ATOM   1116 O O   . SER A 1 136 ? -13.497 -12.837 1.163   1.00 19.89 ? 136 SER A O   1 
ATOM   1117 C CB  . SER A 1 136 ? -13.853 -10.252 2.619   1.00 15.06 ? 136 SER A CB  1 
ATOM   1118 O OG  . SER A 1 136 ? -13.166 -10.694 3.778   1.00 16.50 ? 136 SER A OG  1 
ATOM   1119 N N   . VAL A 1 137 ? -11.331 -12.224 1.169   1.00 19.23 ? 137 VAL A N   1 
ATOM   1120 C CA  . VAL A 1 137 ? -10.836 -13.571 0.903   1.00 20.52 ? 137 VAL A CA  1 
ATOM   1121 C C   . VAL A 1 137 ? -9.746  -13.980 1.890   1.00 19.55 ? 137 VAL A C   1 
ATOM   1122 O O   . VAL A 1 137 ? -8.706  -13.328 1.989   1.00 17.61 ? 137 VAL A O   1 
ATOM   1123 C CB  . VAL A 1 137 ? -10.277 -13.689 -0.530  1.00 20.82 ? 137 VAL A CB  1 
ATOM   1124 C CG1 . VAL A 1 137 ? -9.762  -15.102 -0.794  1.00 18.87 ? 137 VAL A CG1 1 
ATOM   1125 C CG2 . VAL A 1 137 ? -11.334 -13.285 -1.554  1.00 16.74 ? 137 VAL A CG2 1 
ATOM   1126 N N   . GLU A 1 138 ? -9.988  -15.064 2.619   1.00 20.24 ? 138 GLU A N   1 
ATOM   1127 C CA  . GLU A 1 138 ? -8.987  -15.590 3.538   1.00 22.48 ? 138 GLU A CA  1 
ATOM   1128 C C   . GLU A 1 138 ? -7.781  -16.116 2.776   1.00 24.51 ? 138 GLU A C   1 
ATOM   1129 O O   . GLU A 1 138 ? -7.927  -16.857 1.804   1.00 24.94 ? 138 GLU A O   1 
ATOM   1130 C CB  . GLU A 1 138 ? -9.573  -16.701 4.405   1.00 21.26 ? 138 GLU A CB  1 
ATOM   1131 C CG  . GLU A 1 138 ? -10.772 -16.291 5.230   1.00 29.39 ? 138 GLU A CG  1 
ATOM   1132 C CD  . GLU A 1 138 ? -11.293 -17.432 6.079   1.00 39.31 ? 138 GLU A CD  1 
ATOM   1133 O OE1 . GLU A 1 138 ? -10.662 -18.511 6.075   1.00 41.01 ? 138 GLU A OE1 1 
ATOM   1134 O OE2 . GLU A 1 138 ? -12.333 -17.254 6.747   1.00 40.38 ? 138 GLU A OE2 1 
ATOM   1135 N N   . GLY A 1 139 ? -6.591  -15.721 3.214   1.00 19.20 ? 139 GLY A N   1 
ATOM   1136 C CA  . GLY A 1 139 ? -5.367  -16.233 2.632   1.00 15.57 ? 139 GLY A CA  1 
ATOM   1137 C C   . GLY A 1 139 ? -5.127  -17.651 3.116   1.00 21.34 ? 139 GLY A C   1 
ATOM   1138 O O   . GLY A 1 139 ? -5.429  -17.984 4.260   1.00 25.38 ? 139 GLY A O   1 
ATOM   1139 N N   . LYS A 1 140 ? -4.597  -18.494 2.241   1.00 23.55 ? 140 LYS A N   1 
ATOM   1140 C CA  . LYS A 1 140 ? -4.337  -19.880 2.603   1.00 29.98 ? 140 LYS A CA  1 
ATOM   1141 C C   . LYS A 1 140 ? -3.022  -19.974 3.361   1.00 23.46 ? 140 LYS A C   1 
ATOM   1142 O O   . LYS A 1 140 ? -2.055  -19.291 3.025   1.00 26.07 ? 140 LYS A O   1 
ATOM   1143 C CB  . LYS A 1 140 ? -4.318  -20.767 1.357   1.00 28.29 ? 140 LYS A CB  1 
ATOM   1144 C CG  . LYS A 1 140 ? -5.688  -20.920 0.700   1.00 38.19 ? 140 LYS A CG  1 
ATOM   1145 C CD  . LYS A 1 140 ? -6.481  -22.068 1.318   1.00 37.23 ? 140 LYS A CD  1 
ATOM   1146 C CE  . LYS A 1 140 ? -7.972  -21.948 1.019   1.00 44.32 ? 140 LYS A CE  1 
ATOM   1147 N NZ  . LYS A 1 140 ? -8.314  -22.198 -0.413  1.00 35.33 ? 140 LYS A NZ  1 
ATOM   1148 N N   . LEU A 1 141 ? -2.995  -20.810 4.394   1.00 23.49 ? 141 LEU A N   1 
ATOM   1149 C CA  . LEU A 1 141 ? -1.807  -20.956 5.227   1.00 20.81 ? 141 LEU A CA  1 
ATOM   1150 C C   . LEU A 1 141 ? -1.021  -22.227 4.908   1.00 25.26 ? 141 LEU A C   1 
ATOM   1151 O O   . LEU A 1 141 ? -1.586  -23.225 4.470   1.00 23.99 ? 141 LEU A O   1 
ATOM   1152 C CB  . LEU A 1 141 ? -2.196  -20.957 6.707   1.00 23.12 ? 141 LEU A CB  1 
ATOM   1153 C CG  . LEU A 1 141 ? -3.147  -19.853 7.179   1.00 23.48 ? 141 LEU A CG  1 
ATOM   1154 C CD1 . LEU A 1 141 ? -3.488  -20.028 8.648   1.00 28.25 ? 141 LEU A CD1 1 
ATOM   1155 C CD2 . LEU A 1 141 ? -2.542  -18.490 6.929   1.00 22.85 ? 141 LEU A CD2 1 
ATOM   1156 N N   . ASP A 1 142 ? 0.288   -22.172 5.127   1.00 25.25 ? 142 ASP A N   1 
ATOM   1157 C CA  . ASP A 1 142 ? 1.149   -23.346 5.041   1.00 27.22 ? 142 ASP A CA  1 
ATOM   1158 C C   . ASP A 1 142 ? 2.374   -23.138 5.927   1.00 30.06 ? 142 ASP A C   1 
ATOM   1159 O O   . ASP A 1 142 ? 2.432   -22.167 6.683   1.00 29.62 ? 142 ASP A O   1 
ATOM   1160 C CB  . ASP A 1 142 ? 1.543   -23.641 3.586   1.00 32.44 ? 142 ASP A CB  1 
ATOM   1161 C CG  . ASP A 1 142 ? 2.294   -22.496 2.920   1.00 29.22 ? 142 ASP A CG  1 
ATOM   1162 O OD1 . ASP A 1 142 ? 2.862   -21.630 3.613   1.00 36.02 ? 142 ASP A OD1 1 
ATOM   1163 O OD2 . ASP A 1 142 ? 2.307   -22.462 1.672   1.00 34.50 ? 142 ASP A OD2 1 
ATOM   1164 N N   . GLU A 1 143 ? 3.355   -24.031 5.840   1.00 40.22 ? 143 GLU A N   1 
ATOM   1165 C CA  . GLU A 1 143 ? 4.507   -23.950 6.737   1.00 43.17 ? 143 GLU A CA  1 
ATOM   1166 C C   . GLU A 1 143 ? 5.367   -22.712 6.466   1.00 34.85 ? 143 GLU A C   1 
ATOM   1167 O O   . GLU A 1 143 ? 6.092   -22.250 7.345   1.00 38.74 ? 143 GLU A O   1 
ATOM   1168 C CB  . GLU A 1 143 ? 5.353   -25.221 6.640   1.00 52.21 ? 143 GLU A CB  1 
ATOM   1169 C CG  . GLU A 1 143 ? 5.849   -25.716 7.994   1.00 48.41 ? 143 GLU A CG  1 
ATOM   1170 C CD  . GLU A 1 143 ? 6.295   -27.168 7.970   1.00 59.58 ? 143 GLU A CD  1 
ATOM   1171 O OE1 . GLU A 1 143 ? 7.043   -27.555 7.046   1.00 67.28 ? 143 GLU A OE1 1 
ATOM   1172 O OE2 . GLU A 1 143 ? 5.893   -27.925 8.881   1.00 58.90 ? 143 GLU A OE2 1 
ATOM   1173 N N   . LYS A 1 144 ? 5.272   -22.171 5.256   1.00 34.00 ? 144 LYS A N   1 
ATOM   1174 C CA  . LYS A 1 144 ? 5.984   -20.943 4.914   1.00 32.13 ? 144 LYS A CA  1 
ATOM   1175 C C   . LYS A 1 144 ? 5.109   -19.701 5.091   1.00 35.39 ? 144 LYS A C   1 
ATOM   1176 O O   . LYS A 1 144 ? 5.608   -18.576 5.077   1.00 33.63 ? 144 LYS A O   1 
ATOM   1177 C CB  . LYS A 1 144 ? 6.504   -21.010 3.477   1.00 38.48 ? 144 LYS A CB  1 
ATOM   1178 C CG  . LYS A 1 144 ? 7.532   -22.103 3.236   1.00 43.16 ? 144 LYS A CG  1 
ATOM   1179 C CD  . LYS A 1 144 ? 8.936   -21.517 3.211   1.00 46.50 ? 144 LYS A CD  1 
ATOM   1180 C CE  . LYS A 1 144 ? 9.943   -22.495 2.633   1.00 63.70 ? 144 LYS A CE  1 
ATOM   1181 N NZ  . LYS A 1 144 ? 10.427  -22.067 1.289   1.00 69.99 ? 144 LYS A NZ  1 
ATOM   1182 N N   . ASN A 1 145 ? 3.807   -19.907 5.255   1.00 30.68 ? 145 ASN A N   1 
ATOM   1183 C CA  . ASN A 1 145 ? 2.870   -18.802 5.425   1.00 25.66 ? 145 ASN A CA  1 
ATOM   1184 C C   . ASN A 1 145 ? 1.947   -19.070 6.608   1.00 27.42 ? 145 ASN A C   1 
ATOM   1185 O O   . ASN A 1 145 ? 0.861   -19.628 6.452   1.00 25.83 ? 145 ASN A O   1 
ATOM   1186 C CB  . ASN A 1 145 ? 2.063   -18.585 4.146   1.00 24.19 ? 145 ASN A CB  1 
ATOM   1187 C CG  . ASN A 1 145 ? 2.927   -18.134 2.985   1.00 27.18 ? 145 ASN A CG  1 
ATOM   1188 O OD1 . ASN A 1 145 ? 3.068   -16.940 2.727   1.00 26.89 ? 145 ASN A OD1 1 
ATOM   1189 N ND2 . ASN A 1 145 ? 3.514   -19.091 2.277   1.00 29.19 ? 145 ASN A ND2 1 
ATOM   1190 N N   . THR A 1 146 ? 2.389   -18.664 7.793   1.00 20.02 ? 146 THR A N   1 
ATOM   1191 C CA  . THR A 1 146 ? 1.799   -19.152 9.035   1.00 19.86 ? 146 THR A CA  1 
ATOM   1192 C C   . THR A 1 146 ? 0.889   -18.146 9.744   1.00 21.33 ? 146 THR A C   1 
ATOM   1193 O O   . THR A 1 146 ? 0.172   -18.507 10.679  1.00 21.12 ? 146 THR A O   1 
ATOM   1194 C CB  . THR A 1 146 ? 2.905   -19.580 10.016  1.00 27.56 ? 146 THR A CB  1 
ATOM   1195 O OG1 . THR A 1 146 ? 3.684   -18.435 10.387  1.00 27.31 ? 146 THR A OG1 1 
ATOM   1196 C CG2 . THR A 1 146 ? 3.813   -20.619 9.369   1.00 29.50 ? 146 THR A CG2 1 
ATOM   1197 N N   . ILE A 1 147 ? 0.915   -16.892 9.308   1.00 20.15 ? 147 ILE A N   1 
ATOM   1198 C CA  . ILE A 1 147 ? 0.067   -15.870 9.917   1.00 17.46 ? 147 ILE A CA  1 
ATOM   1199 C C   . ILE A 1 147 ? -1.238  -15.737 9.147   1.00 15.34 ? 147 ILE A C   1 
ATOM   1200 O O   . ILE A 1 147 ? -1.223  -15.501 7.941   1.00 16.56 ? 147 ILE A O   1 
ATOM   1201 C CB  . ILE A 1 147 ? 0.764   -14.498 9.962   1.00 21.00 ? 147 ILE A CB  1 
ATOM   1202 C CG1 . ILE A 1 147 ? 2.216   -14.647 10.426  1.00 22.56 ? 147 ILE A CG1 1 
ATOM   1203 C CG2 . ILE A 1 147 ? -0.018  -13.534 10.851  1.00 20.95 ? 147 ILE A CG2 1 
ATOM   1204 C CD1 . ILE A 1 147 ? 3.182   -13.708 9.716   1.00 25.54 ? 147 ILE A CD1 1 
ATOM   1205 N N   . PRO A 1 148 ? -2.376  -15.907 9.836   1.00 17.51 ? 148 PRO A N   1 
ATOM   1206 C CA  . PRO A 1 148 ? -3.670  -15.738 9.172   1.00 17.08 ? 148 PRO A CA  1 
ATOM   1207 C C   . PRO A 1 148 ? -3.793  -14.342 8.604   1.00 18.81 ? 148 PRO A C   1 
ATOM   1208 O O   . PRO A 1 148 ? -3.364  -13.377 9.243   1.00 18.53 ? 148 PRO A O   1 
ATOM   1209 C CB  . PRO A 1 148 ? -4.684  -15.975 10.297  1.00 18.52 ? 148 PRO A CB  1 
ATOM   1210 C CG  . PRO A 1 148 ? -3.953  -16.788 11.298  1.00 23.47 ? 148 PRO A CG  1 
ATOM   1211 C CD  . PRO A 1 148 ? -2.531  -16.313 11.242  1.00 19.10 ? 148 PRO A CD  1 
ATOM   1212 N N   . HIS A 1 149 ? -4.346  -14.237 7.405   1.00 18.97 ? 149 HIS A N   1 
ATOM   1213 C CA  . HIS A 1 149 ? -4.484  -12.943 6.761   1.00 17.89 ? 149 HIS A CA  1 
ATOM   1214 C C   . HIS A 1 149 ? -5.689  -12.941 5.835   1.00 18.28 ? 149 HIS A C   1 
ATOM   1215 O O   . HIS A 1 149 ? -6.106  -13.987 5.334   1.00 18.18 ? 149 HIS A O   1 
ATOM   1216 C CB  . HIS A 1 149 ? -3.208  -12.578 5.990   1.00 14.05 ? 149 HIS A CB  1 
ATOM   1217 C CG  . HIS A 1 149 ? -2.744  -13.641 5.042   1.00 19.72 ? 149 HIS A CG  1 
ATOM   1218 N ND1 . HIS A 1 149 ? -2.215  -14.842 5.465   1.00 16.12 ? 149 HIS A ND1 1 
ATOM   1219 C CD2 . HIS A 1 149 ? -2.720  -13.677 3.688   1.00 19.85 ? 149 HIS A CD2 1 
ATOM   1220 C CE1 . HIS A 1 149 ? -1.890  -15.573 4.412   1.00 22.42 ? 149 HIS A CE1 1 
ATOM   1221 N NE2 . HIS A 1 149 ? -2.189  -14.889 3.322   1.00 17.95 ? 149 HIS A NE2 1 
ATOM   1222 N N   . THR A 1 150 ? -6.248  -11.758 5.615   1.00 18.71 ? 150 THR A N   1 
ATOM   1223 C CA  . THR A 1 150 ? -7.442  -11.622 4.799   1.00 17.28 ? 150 THR A CA  1 
ATOM   1224 C C   . THR A 1 150 ? -7.262  -10.520 3.771   1.00 15.41 ? 150 THR A C   1 
ATOM   1225 O O   . THR A 1 150 ? -6.906  -9.393  4.115   1.00 16.22 ? 150 THR A O   1 
ATOM   1226 C CB  . THR A 1 150 ? -8.669  -11.318 5.667   1.00 20.27 ? 150 THR A CB  1 
ATOM   1227 O OG1 . THR A 1 150 ? -8.809  -12.345 6.655   1.00 19.74 ? 150 THR A OG1 1 
ATOM   1228 C CG2 . THR A 1 150 ? -9.938  -11.251 4.811   1.00 18.26 ? 150 THR A CG2 1 
ATOM   1229 N N   . PHE A 1 151 ? -7.502  -10.857 2.509   1.00 15.55 ? 151 PHE A N   1 
ATOM   1230 C CA  . PHE A 1 151 ? -7.434  -9.882  1.428   1.00 17.09 ? 151 PHE A CA  1 
ATOM   1231 C C   . PHE A 1 151 ? -8.761  -9.156  1.270   1.00 16.76 ? 151 PHE A C   1 
ATOM   1232 O O   . PHE A 1 151 ? -9.775  -9.770  0.938   1.00 15.85 ? 151 PHE A O   1 
ATOM   1233 C CB  . PHE A 1 151 ? -7.054  -10.560 0.110   1.00 16.72 ? 151 PHE A CB  1 
ATOM   1234 C CG  . PHE A 1 151 ? -5.751  -11.306 0.162   1.00 17.16 ? 151 PHE A CG  1 
ATOM   1235 C CD1 . PHE A 1 151 ? -4.559  -10.630 0.352   1.00 16.54 ? 151 PHE A CD1 1 
ATOM   1236 C CD2 . PHE A 1 151 ? -5.720  -12.684 0.007   1.00 20.46 ? 151 PHE A CD2 1 
ATOM   1237 C CE1 . PHE A 1 151 ? -3.356  -11.313 0.392   1.00 18.12 ? 151 PHE A CE1 1 
ATOM   1238 C CE2 . PHE A 1 151 ? -4.519  -13.374 0.048   1.00 20.33 ? 151 PHE A CE2 1 
ATOM   1239 C CZ  . PHE A 1 151 ? -3.337  -12.684 0.240   1.00 19.36 ? 151 PHE A CZ  1 
ATOM   1240 N N   . LEU A 1 152 ? -8.751  -7.848  1.509   1.00 14.04 ? 152 LEU A N   1 
ATOM   1241 C CA  . LEU A 1 152 ? -9.937  -7.028  1.314   1.00 15.53 ? 152 LEU A CA  1 
ATOM   1242 C C   . LEU A 1 152 ? -9.789  -6.132  0.093   1.00 18.91 ? 152 LEU A C   1 
ATOM   1243 O O   . LEU A 1 152 ? -8.732  -5.541  -0.131  1.00 19.64 ? 152 LEU A O   1 
ATOM   1244 C CB  . LEU A 1 152 ? -10.211 -6.158  2.545   1.00 14.05 ? 152 LEU A CB  1 
ATOM   1245 C CG  . LEU A 1 152 ? -10.335 -6.792  3.930   1.00 17.36 ? 152 LEU A CG  1 
ATOM   1246 C CD1 . LEU A 1 152 ? -10.559 -5.709  4.983   1.00 19.97 ? 152 LEU A CD1 1 
ATOM   1247 C CD2 . LEU A 1 152 ? -11.453 -7.824  3.970   1.00 18.64 ? 152 LEU A CD2 1 
ATOM   1248 N N   . HIS A 1 153 ? -10.848 -6.045  -0.700  1.00 14.19 ? 153 HIS A N   1 
ATOM   1249 C CA  . HIS A 1 153 ? -10.964 -4.974  -1.676  1.00 14.65 ? 153 HIS A CA  1 
ATOM   1250 C C   . HIS A 1 153 ? -12.113 -4.077  -1.232  1.00 18.06 ? 153 HIS A C   1 
ATOM   1251 O O   . HIS A 1 153 ? -13.275 -4.500  -1.217  1.00 14.43 ? 153 HIS A O   1 
ATOM   1252 C CB  . HIS A 1 153 ? -11.202 -5.513  -3.086  1.00 14.83 ? 153 HIS A CB  1 
ATOM   1253 C CG  . HIS A 1 153 ? -11.318 -4.443  -4.126  1.00 17.44 ? 153 HIS A CG  1 
ATOM   1254 N ND1 . HIS A 1 153 ? -12.007 -4.621  -5.304  1.00 16.05 ? 153 HIS A ND1 1 
ATOM   1255 C CD2 . HIS A 1 153 ? -10.833 -3.179  -4.161  1.00 17.45 ? 153 HIS A CD2 1 
ATOM   1256 C CE1 . HIS A 1 153 ? -11.941 -3.514  -6.023  1.00 20.18 ? 153 HIS A CE1 1 
ATOM   1257 N NE2 . HIS A 1 153 ? -11.232 -2.624  -5.353  1.00 21.30 ? 153 HIS A NE2 1 
ATOM   1258 N N   . LEU A 1 154 ? -11.777 -2.851  -0.844  1.00 12.52 ? 154 LEU A N   1 
ATOM   1259 C CA  . LEU A 1 154 ? -12.757 -1.905  -0.321  1.00 16.51 ? 154 LEU A CA  1 
ATOM   1260 C C   . LEU A 1 154 ? -12.972 -0.746  -1.287  1.00 18.48 ? 154 LEU A C   1 
ATOM   1261 O O   . LEU A 1 154 ? -12.017 -0.177  -1.809  1.00 17.21 ? 154 LEU A O   1 
ATOM   1262 C CB  . LEU A 1 154 ? -12.310 -1.358  1.033   1.00 13.61 ? 154 LEU A CB  1 
ATOM   1263 C CG  . LEU A 1 154 ? -11.961 -2.366  2.123   1.00 14.56 ? 154 LEU A CG  1 
ATOM   1264 C CD1 . LEU A 1 154 ? -11.490 -1.624  3.373   1.00 18.67 ? 154 LEU A CD1 1 
ATOM   1265 C CD2 . LEU A 1 154 ? -13.138 -3.297  2.433   1.00 14.43 ? 154 LEU A CD2 1 
ATOM   1266 N N   . ILE A 1 155 ? -14.232 -0.388  -1.507  1.00 16.97 ? 155 ILE A N   1 
ATOM   1267 C CA  . ILE A 1 155 ? -14.574 0.691   -2.420  1.00 12.97 ? 155 ILE A CA  1 
ATOM   1268 C C   . ILE A 1 155 ? -15.310 1.782   -1.652  1.00 16.62 ? 155 ILE A C   1 
ATOM   1269 O O   . ILE A 1 155 ? -16.193 1.491   -0.844  1.00 16.70 ? 155 ILE A O   1 
ATOM   1270 C CB  . ILE A 1 155 ? -15.441 0.176   -3.595  1.00 21.60 ? 155 ILE A CB  1 
ATOM   1271 C CG1 . ILE A 1 155 ? -14.715 -0.954  -4.334  1.00 18.91 ? 155 ILE A CG1 1 
ATOM   1272 C CG2 . ILE A 1 155 ? -15.779 1.313   -4.554  1.00 24.92 ? 155 ILE A CG2 1 
ATOM   1273 C CD1 . ILE A 1 155 ? -15.467 -1.492  -5.532  1.00 27.18 ? 155 ILE A CD1 1 
ATOM   1274 N N   . ARG A 1 156 ? -14.930 3.035   -1.889  1.00 16.28 ? 156 ARG A N   1 
ATOM   1275 C CA  . ARG A 1 156 ? -15.489 4.145   -1.131  1.00 18.05 ? 156 ARG A CA  1 
ATOM   1276 C C   . ARG A 1 156 ? -16.986 4.258   -1.376  1.00 22.17 ? 156 ARG A C   1 
ATOM   1277 O O   . ARG A 1 156 ? -17.439 4.228   -2.518  1.00 22.57 ? 156 ARG A O   1 
ATOM   1278 C CB  . ARG A 1 156 ? -14.793 5.461   -1.491  1.00 16.66 ? 156 ARG A CB  1 
ATOM   1279 C CG  . ARG A 1 156 ? -15.294 6.649   -0.687  1.00 23.04 ? 156 ARG A CG  1 
ATOM   1280 C CD  . ARG A 1 156 ? -14.670 7.953   -1.162  1.00 24.56 ? 156 ARG A CD  1 
ATOM   1281 N NE  . ARG A 1 156 ? -13.212 7.889   -1.164  1.00 24.40 ? 156 ARG A NE  1 
ATOM   1282 C CZ  . ARG A 1 156 ? -12.447 8.135   -0.104  1.00 25.64 ? 156 ARG A CZ  1 
ATOM   1283 N NH1 . ARG A 1 156 ? -12.996 8.462   1.058   1.00 26.83 ? 156 ARG A NH1 1 
ATOM   1284 N NH2 . ARG A 1 156 ? -11.127 8.051   -0.209  1.00 26.84 ? 156 ARG A NH2 1 
ATOM   1285 N N   . LYS A 1 157 ? -17.748 4.375   -0.296  1.00 20.28 ? 157 LYS A N   1 
ATOM   1286 C CA  . LYS A 1 157 ? -19.192 4.509   -0.403  1.00 25.20 ? 157 LYS A CA  1 
ATOM   1287 C C   . LYS A 1 157 ? -19.584 5.914   -0.829  1.00 27.95 ? 157 LYS A C   1 
ATOM   1288 O O   . LYS A 1 157 ? -18.976 6.900   -0.413  1.00 29.20 ? 157 LYS A O   1 
ATOM   1289 C CB  . LYS A 1 157 ? -19.868 4.154   0.919   1.00 24.37 ? 157 LYS A CB  1 
ATOM   1290 C CG  . LYS A 1 157 ? -19.981 2.663   1.171   1.00 25.04 ? 157 LYS A CG  1 
ATOM   1291 C CD  . LYS A 1 157 ? -20.615 2.379   2.523   1.00 25.03 ? 157 LYS A CD  1 
ATOM   1292 C CE  . LYS A 1 157 ? -20.711 0.890   2.788   1.00 27.73 ? 157 LYS A CE  1 
ATOM   1293 N NZ  . LYS A 1 157 ? -21.241 0.614   4.150   1.00 26.78 ? 157 LYS A NZ  1 
ATOM   1294 N N   . LYS A 1 158 ? -20.604 5.992   -1.675  1.00 35.39 ? 158 LYS A N   1 
ATOM   1295 C CA  . LYS A 1 158 ? -21.156 7.269   -2.093  1.00 35.26 ? 158 LYS A CA  1 
ATOM   1296 C C   . LYS A 1 158 ? -22.020 7.848   -0.976  1.00 36.19 ? 158 LYS A C   1 
ATOM   1297 O O   . LYS A 1 158 ? -22.755 7.121   -0.309  1.00 33.01 ? 158 LYS A O   1 
ATOM   1298 C CB  . LYS A 1 158 ? -21.971 7.093   -3.377  1.00 34.82 ? 158 LYS A CB  1 
ATOM   1299 C CG  . LYS A 1 158 ? -22.719 8.328   -3.837  1.00 44.27 ? 158 LYS A CG  1 
ATOM   1300 C CD  . LYS A 1 158 ? -23.822 7.948   -4.815  1.00 50.34 ? 158 LYS A CD  1 
ATOM   1301 C CE  . LYS A 1 158 ? -23.593 8.536   -6.196  1.00 48.88 ? 158 LYS A CE  1 
ATOM   1302 N NZ  . LYS A 1 158 ? -24.879 8.925   -6.841  1.00 55.09 ? 158 LYS A NZ  1 
ATOM   1303 N N   . LEU A 1 159 ? -21.919 9.153   -0.755  1.00 33.52 ? 159 LEU A N   1 
ATOM   1304 C CA  . LEU A 1 159 ? -22.765 9.804   0.236   1.00 37.97 ? 159 LEU A CA  1 
ATOM   1305 C C   . LEU A 1 159 ? -24.083 10.228  -0.397  1.00 38.46 ? 159 LEU A C   1 
ATOM   1306 O O   . LEU A 1 159 ? -24.101 10.960  -1.386  1.00 36.90 ? 159 LEU A O   1 
ATOM   1307 C CB  . LEU A 1 159 ? -22.048 11.001  0.859   1.00 41.51 ? 159 LEU A CB  1 
ATOM   1308 C CG  . LEU A 1 159 ? -20.970 10.617  1.875   1.00 47.09 ? 159 LEU A CG  1 
ATOM   1309 C CD1 . LEU A 1 159 ? -19.671 11.375  1.624   1.00 48.99 ? 159 LEU A CD1 1 
ATOM   1310 C CD2 . LEU A 1 159 ? -21.479 10.848  3.295   1.00 44.85 ? 159 LEU A CD2 1 
ATOM   1311 N N   . VAL A 1 160 ? -25.180 9.745   0.174   1.00 33.24 ? 160 VAL A N   1 
ATOM   1312 C CA  . VAL A 1 160 ? -26.512 9.967   -0.377  1.00 31.22 ? 160 VAL A CA  1 
ATOM   1313 C C   . VAL A 1 160 ? -27.475 10.410  0.719   1.00 35.66 ? 160 VAL A C   1 
ATOM   1314 O O   . VAL A 1 160 ? -27.276 10.085  1.891   1.00 28.87 ? 160 VAL A O   1 
ATOM   1315 C CB  . VAL A 1 160 ? -27.064 8.692   -1.050  1.00 33.25 ? 160 VAL A CB  1 
ATOM   1316 C CG1 . VAL A 1 160 ? -26.282 8.368   -2.309  1.00 38.14 ? 160 VAL A CG1 1 
ATOM   1317 C CG2 . VAL A 1 160 ? -27.035 7.527   -0.082  1.00 40.72 ? 160 VAL A CG2 1 
ATOM   1318 N N   . PRO A 1 161 ? -28.524 11.158  0.345   1.00 28.07 ? 161 PRO A N   1 
ATOM   1319 C CA  . PRO A 1 161 ? -29.517 11.603  1.330   1.00 39.30 ? 161 PRO A CA  1 
ATOM   1320 C C   . PRO A 1 161 ? -30.416 10.468  1.802   1.00 33.32 ? 161 PRO A C   1 
ATOM   1321 O O   . PRO A 1 161 ? -30.968 9.750   0.971   1.00 36.35 ? 161 PRO A O   1 
ATOM   1322 C CB  . PRO A 1 161 ? -30.339 12.651  0.561   1.00 33.31 ? 161 PRO A CB  1 
ATOM   1323 C CG  . PRO A 1 161 ? -29.547 12.961  -0.675  1.00 37.39 ? 161 PRO A CG  1 
ATOM   1324 C CD  . PRO A 1 161 ? -28.790 11.718  -0.990  1.00 32.29 ? 161 PRO A CD  1 
ATOM   1325 N N   . ARG A 1 162 ? -30.556 10.311  3.115   1.00 36.03 ? 162 ARG A N   1 
ATOM   1326 C CA  . ARG A 1 162 ? -31.501 9.349   3.676   1.00 41.06 ? 162 ARG A CA  1 
ATOM   1327 C C   . ARG A 1 162 ? -32.420 10.008  4.703   1.00 46.18 ? 162 ARG A C   1 
ATOM   1328 O O   . ARG A 1 162 ? -31.976 10.423  5.777   1.00 45.77 ? 162 ARG A O   1 
ATOM   1329 C CB  . ARG A 1 162 ? -30.768 8.168   4.312   1.00 33.28 ? 162 ARG A CB  1 
ATOM   1330 C CG  . ARG A 1 162 ? -30.782 6.909   3.461   1.00 50.59 ? 162 ARG A CG  1 
ATOM   1331 C CD  . ARG A 1 162 ? -29.895 7.052   2.236   1.00 55.35 ? 162 ARG A CD  1 
ATOM   1332 N NE  . ARG A 1 162 ? -30.079 5.960   1.284   1.00 53.01 ? 162 ARG A NE  1 
ATOM   1333 C CZ  . ARG A 1 162 ? -30.709 6.091   0.122   1.00 57.31 ? 162 ARG A CZ  1 
ATOM   1334 N NH1 . ARG A 1 162 ? -31.206 7.269   -0.229  1.00 56.15 ? 162 ARG A NH1 1 
ATOM   1335 N NH2 . ARG A 1 162 ? -30.838 5.051   -0.692  1.00 67.61 ? 162 ARG A NH2 1 
HETATM 1336 C C1  . GOL B 2 .   ? -11.136 7.570   4.642   1.00 36.72 ? 401 GOL A C1  1 
HETATM 1337 O O1  . GOL B 2 .   ? -11.483 8.775   3.978   1.00 37.43 ? 401 GOL A O1  1 
HETATM 1338 C C2  . GOL B 2 .   ? -11.778 7.475   6.020   1.00 40.47 ? 401 GOL A C2  1 
HETATM 1339 O O2  . GOL B 2 .   ? -10.774 7.156   6.957   1.00 37.27 ? 401 GOL A O2  1 
HETATM 1340 C C3  . GOL B 2 .   ? -12.820 6.361   5.950   1.00 37.95 ? 401 GOL A C3  1 
HETATM 1341 O O3  . GOL B 2 .   ? -13.316 5.925   7.205   1.00 25.08 ? 401 GOL A O3  1 
HETATM 1342 C C1  . GOL C 2 .   ? -10.103 0.927   12.372  1.00 40.43 ? 402 GOL A C1  1 
HETATM 1343 O O1  . GOL C 2 .   ? -9.777  2.296   12.222  1.00 28.88 ? 402 GOL A O1  1 
HETATM 1344 C C2  . GOL C 2 .   ? -9.495  0.123   11.235  1.00 33.44 ? 402 GOL A C2  1 
HETATM 1345 O O2  . GOL C 2 .   ? -8.573  -0.796  11.776  1.00 41.93 ? 402 GOL A O2  1 
HETATM 1346 C C3  . GOL C 2 .   ? -10.589 -0.648  10.515  1.00 36.40 ? 402 GOL A C3  1 
HETATM 1347 O O3  . GOL C 2 .   ? -10.895 -1.807  11.266  1.00 46.32 ? 402 GOL A O3  1 
HETATM 1348 C C10 . OWG D 3 .   ? 8.521   -4.662  0.936   1.00 36.87 ? 403 OWG A C10 1 
HETATM 1349 C C12 . OWG D 3 .   ? 9.624   -6.305  2.101   1.00 32.34 ? 403 OWG A C12 1 
HETATM 1350 C C02 . OWG D 3 .   ? 2.216   -2.982  0.212   1.00 24.95 ? 403 OWG A C02 1 
HETATM 1351 C C03 . OWG D 3 .   ? 3.436   -3.467  0.597   1.00 29.35 ? 403 OWG A C03 1 
HETATM 1352 C C04 . OWG D 3 .   ? 4.697   -2.576  0.428   1.00 31.60 ? 403 OWG A C04 1 
HETATM 1353 C C05 . OWG D 3 .   ? 6.052   -3.338  0.597   1.00 29.00 ? 403 OWG A C05 1 
HETATM 1354 C C06 . OWG D 3 .   ? 6.957   -2.895  1.564   1.00 27.01 ? 403 OWG A C06 1 
HETATM 1355 C C07 . OWG D 3 .   ? 8.187   -3.553  1.751   1.00 27.04 ? 403 OWG A C07 1 
HETATM 1356 C C09 . OWG D 3 .   ? 8.627   -1.950  3.381   1.00 23.12 ? 403 OWG A C09 1 
HETATM 1357 C C13 . OWG D 3 .   ? 7.625   -5.100  -0.043  1.00 37.62 ? 403 OWG A C13 1 
HETATM 1358 C C14 . OWG D 3 .   ? 7.988   -6.342  -0.941  1.00 38.37 ? 403 OWG A C14 1 
HETATM 1359 C C15 . OWG D 3 .   ? 8.422   -5.939  -2.370  1.00 35.25 ? 403 OWG A C15 1 
HETATM 1360 C C16 . OWG D 3 .   ? 9.117   -7.210  -2.995  1.00 50.30 ? 403 OWG A C16 1 
HETATM 1361 C C19 . OWG D 3 .   ? 7.023   -7.952  -5.833  1.00 50.29 ? 403 OWG A C19 1 
HETATM 1362 C C20 . OWG D 3 .   ? 9.132   -9.187  -4.557  1.00 54.22 ? 403 OWG A C20 1 
HETATM 1363 C C24 . OWG D 3 .   ? 9.139   -9.163  -6.097  1.00 59.81 ? 403 OWG A C24 1 
HETATM 1364 C C25 . OWG D 3 .   ? 8.063   -8.540  -6.758  1.00 54.09 ? 403 OWG A C25 1 
HETATM 1365 C C26 . OWG D 3 .   ? 8.016   -8.495  -8.082  1.00 49.96 ? 403 OWG A C26 1 
HETATM 1366 C C27 . OWG D 3 .   ? 8.979   -9.036  -8.791  1.00 61.21 ? 403 OWG A C27 1 
HETATM 1367 C C28 . OWG D 3 .   ? 10.070  -9.668  -8.227  1.00 68.39 ? 403 OWG A C28 1 
HETATM 1368 C C29 . OWG D 3 .   ? 10.259  -9.798  -6.777  1.00 56.73 ? 403 OWG A C29 1 
HETATM 1369 C C31 . OWG D 3 .   ? 6.394   -4.447  -0.225  1.00 30.19 ? 403 OWG A C31 1 
HETATM 1370 C C32 . OWG D 3 .   ? 3.505   -4.715  1.132   1.00 28.92 ? 403 OWG A C32 1 
HETATM 1371 C C34 . OWG D 3 .   ? 1.199   -4.959  0.874   1.00 21.98 ? 403 OWG A C34 1 
HETATM 1372 C C46 . OWG D 3 .   ? 10.925  -11.628 -9.071  1.00 65.30 ? 403 OWG A C46 1 
HETATM 1373 C C48 . OWG D 3 .   ? 7.610   -9.110  -10.681 1.00 51.60 ? 403 OWG A C48 1 
HETATM 1374 C C69 . OWG D 3 .   ? 8.586   -10.552 -4.108  1.00 47.99 ? 403 OWG A C69 1 
HETATM 1375 C C72 . OWG D 3 .   ? 9.174   -11.224 -3.036  1.00 45.58 ? 403 OWG A C72 1 
HETATM 1376 C C75 . OWG D 3 .   ? 7.518   -11.150 -4.794  1.00 45.86 ? 403 OWG A C75 1 
HETATM 1377 C C78 . OWG D 3 .   ? 8.688   -12.475 -2.635  1.00 42.27 ? 403 OWG A C78 1 
HETATM 1378 C C80 . OWG D 3 .   ? 7.918   -14.929 -1.926  1.00 47.48 ? 403 OWG A C80 1 
HETATM 1379 C C81 . OWG D 3 .   ? 7.037   -12.400 -4.390  1.00 44.61 ? 403 OWG A C81 1 
HETATM 1380 C C84 . OWG D 3 .   ? 7.617   -13.069 -3.314  1.00 44.29 ? 403 OWG A C84 1 
HETATM 1381 N N01 . OWG D 3 .   ? 2.093   -1.654  -0.354  1.00 19.46 ? 403 OWG A N01 1 
HETATM 1382 N N17 . OWG D 3 .   ? 8.419   -8.024  -4.007  1.00 52.81 ? 403 OWG A N17 1 
HETATM 1383 N N18 . OWG D 3 .   ? 7.138   -7.666  -4.442  1.00 47.10 ? 403 OWG A N18 1 
HETATM 1384 N N33 . OWG D 3 .   ? 2.392   -5.459  1.268   1.00 23.96 ? 403 OWG A N33 1 
HETATM 1385 N N35 . OWG D 3 .   ? -0.016  -5.753  1.011   1.00 17.62 ? 403 OWG A N35 1 
HETATM 1386 N N36 . OWG D 3 .   ? 1.135   -3.727  0.356   1.00 21.31 ? 403 OWG A N36 1 
HETATM 1387 O O08 . OWG D 3 .   ? 9.098   -3.113  2.733   1.00 29.43 ? 403 OWG A O08 1 
HETATM 1388 O O11 . OWG D 3 .   ? 9.747   -5.328  1.111   1.00 37.79 ? 403 OWG A O11 1 
HETATM 1389 O O30 . OWG D 3 .   ? 10.210  -7.519  -2.638  1.00 55.34 ? 403 OWG A O30 1 
HETATM 1390 O O45 . OWG D 3 .   ? 11.049  -10.220 -9.078  1.00 66.79 ? 403 OWG A O45 1 
HETATM 1391 O O47 . OWG D 3 .   ? 8.929   -8.985  -10.203 1.00 60.65 ? 403 OWG A O47 1 
HETATM 1392 O O79 . OWG D 3 .   ? 7.105   -14.340 -2.920  1.00 46.26 ? 403 OWG A O79 1 
HETATM 1393 P PA  . NAP E 4 .   ? 7.224   7.029   3.678   1.00 25.18 ? 404 NAP A PA  1 
HETATM 1394 O O1A . NAP E 4 .   ? 5.846   7.593   3.603   1.00 21.21 ? 404 NAP A O1A 1 
HETATM 1395 O O2A . NAP E 4 .   ? 7.602   5.789   2.944   1.00 24.76 ? 404 NAP A O2A 1 
HETATM 1396 O O5B . NAP E 4 .   ? 8.314   8.146   3.273   1.00 26.17 ? 404 NAP A O5B 1 
HETATM 1397 C C5B . NAP E 4 .   ? 8.227   9.445   3.794   1.00 26.44 ? 404 NAP A C5B 1 
HETATM 1398 C C4B . NAP E 4 .   ? 8.948   10.367  2.842   1.00 24.94 ? 404 NAP A C4B 1 
HETATM 1399 O O4B . NAP E 4 .   ? 8.195   10.543  1.647   1.00 27.35 ? 404 NAP A O4B 1 
HETATM 1400 C C3B . NAP E 4 .   ? 9.062   11.786  3.376   1.00 26.89 ? 404 NAP A C3B 1 
HETATM 1401 O O3B . NAP E 4 .   ? 10.102  11.876  4.352   1.00 26.70 ? 404 NAP A O3B 1 
HETATM 1402 C C2B . NAP E 4 .   ? 9.366   12.533  2.110   1.00 30.88 ? 404 NAP A C2B 1 
HETATM 1403 O O2B . NAP E 4 .   ? 10.681  12.200  1.694   1.00 31.12 ? 404 NAP A O2B 1 
HETATM 1404 C C1B . NAP E 4 .   ? 8.460   11.830  1.117   1.00 28.74 ? 404 NAP A C1B 1 
HETATM 1405 N N9A . NAP E 4 .   ? 7.203   12.554  1.029   1.00 27.17 ? 404 NAP A N9A 1 
HETATM 1406 C C8A . NAP E 4 .   ? 6.020   12.168  1.579   1.00 32.86 ? 404 NAP A C8A 1 
HETATM 1407 N N7A . NAP E 4 .   ? 5.056   13.075  1.304   1.00 25.85 ? 404 NAP A N7A 1 
HETATM 1408 C C5A . NAP E 4 .   ? 5.625   14.054  0.553   1.00 28.07 ? 404 NAP A C5A 1 
HETATM 1409 C C6A . NAP E 4 .   ? 5.190   15.298  -0.116  1.00 31.08 ? 404 NAP A C6A 1 
HETATM 1410 N N6A . NAP E 4 .   ? 3.917   15.735  -0.031  1.00 33.34 ? 404 NAP A N6A 1 
HETATM 1411 N N1A . NAP E 4 .   ? 6.128   16.018  -0.798  1.00 33.62 ? 404 NAP A N1A 1 
HETATM 1412 C C2A . NAP E 4 .   ? 7.410   15.617  -0.904  1.00 28.44 ? 404 NAP A C2A 1 
HETATM 1413 N N3A . NAP E 4 .   ? 7.879   14.489  -0.345  1.00 30.41 ? 404 NAP A N3A 1 
HETATM 1414 C C4A . NAP E 4 .   ? 7.044   13.691  0.374   1.00 29.35 ? 404 NAP A C4A 1 
HETATM 1415 O O3  . NAP E 4 .   ? 7.732   6.827   5.204   1.00 27.87 ? 404 NAP A O3  1 
HETATM 1416 P PN  . NAP E 4 .   ? 6.922   6.537   6.573   1.00 27.74 ? 404 NAP A PN  1 
HETATM 1417 O O1N . NAP E 4 .   ? 5.699   7.351   6.677   1.00 26.71 ? 404 NAP A O1N 1 
HETATM 1418 O O2N . NAP E 4 .   ? 7.923   6.549   7.690   1.00 31.19 ? 404 NAP A O2N 1 
HETATM 1419 O O5D . NAP E 4 .   ? 6.503   4.981   6.394   1.00 23.51 ? 404 NAP A O5D 1 
HETATM 1420 C C5D . NAP E 4 .   ? 7.525   3.976   6.298   1.00 21.42 ? 404 NAP A C5D 1 
HETATM 1421 C C4D . NAP E 4 .   ? 7.073   2.645   6.889   1.00 30.43 ? 404 NAP A C4D 1 
HETATM 1422 O O4D . NAP E 4 .   ? 5.941   2.087   6.174   1.00 23.68 ? 404 NAP A O4D 1 
HETATM 1423 C C3D . NAP E 4 .   ? 8.197   1.593   6.819   1.00 21.60 ? 404 NAP A C3D 1 
HETATM 1424 O O3D . NAP E 4 .   ? 8.313   0.895   8.062   1.00 22.29 ? 404 NAP A O3D 1 
HETATM 1425 C C2D . NAP E 4 .   ? 7.730   0.527   5.863   1.00 19.37 ? 404 NAP A C2D 1 
HETATM 1426 O O2D . NAP E 4 .   ? 8.121   -0.748  6.377   1.00 23.05 ? 404 NAP A O2D 1 
HETATM 1427 C C1D . NAP E 4 .   ? 6.225   0.688   5.929   1.00 17.28 ? 404 NAP A C1D 1 
HETATM 1428 N N1N . NAP E 4 .   ? 5.437   0.273   4.772   1.00 23.68 ? 404 NAP A N1N 1 
HETATM 1429 C C2N . NAP E 4 .   ? 4.498   -0.653  5.006   1.00 19.37 ? 404 NAP A C2N 1 
HETATM 1430 C C3N . NAP E 4 .   ? 3.634   -1.067  4.017   1.00 22.96 ? 404 NAP A C3N 1 
HETATM 1431 C C7N . NAP E 4 .   ? 2.600   -2.109  4.329   1.00 22.11 ? 404 NAP A C7N 1 
HETATM 1432 O O7N . NAP E 4 .   ? 2.639   -2.743  5.379   1.00 20.90 ? 404 NAP A O7N 1 
HETATM 1433 N N7N . NAP E 4 .   ? 1.673   -2.303  3.418   1.00 16.41 ? 404 NAP A N7N 1 
HETATM 1434 C C4N . NAP E 4 .   ? 3.739   -0.506  2.751   1.00 25.62 ? 404 NAP A C4N 1 
HETATM 1435 C C5N . NAP E 4 .   ? 4.750   0.446   2.512   1.00 28.06 ? 404 NAP A C5N 1 
HETATM 1436 C C6N . NAP E 4 .   ? 5.584   0.846   3.560   1.00 23.83 ? 404 NAP A C6N 1 
HETATM 1437 P P2B . NAP E 4 .   ? 11.965  13.240  1.857   1.00 27.36 ? 404 NAP A P2B 1 
HETATM 1438 O O1X . NAP E 4 .   ? 13.045  12.423  1.154   1.00 27.77 ? 404 NAP A O1X 1 
HETATM 1439 O O2X . NAP E 4 .   ? 11.462  14.505  1.219   1.00 25.84 ? 404 NAP A O2X 1 
HETATM 1440 O O3X . NAP E 4 .   ? 12.104  13.271  3.366   1.00 26.52 ? 404 NAP A O3X 1 
HETATM 1441 O O   . HOH F 5 .   ? -32.701 11.439  7.664   1.00 40.30 ? 501 HOH A O   1 
HETATM 1442 O O   . HOH F 5 .   ? 3.036   -7.570  3.416   1.00 19.51 ? 502 HOH A O   1 
HETATM 1443 O O   . HOH F 5 .   ? 17.987  0.628   -10.026 1.00 41.90 ? 503 HOH A O   1 
HETATM 1444 O O   . HOH F 5 .   ? 14.915  8.599   -10.617 1.00 43.90 ? 504 HOH A O   1 
HETATM 1445 O O   . HOH F 5 .   ? 11.374  -4.489  11.407  1.00 34.19 ? 505 HOH A O   1 
HETATM 1446 O O   . HOH F 5 .   ? 15.078  -2.728  10.474  1.00 38.38 ? 506 HOH A O   1 
HETATM 1447 O O   . HOH F 5 .   ? -22.280 -0.512  -4.249  1.00 31.18 ? 507 HOH A O   1 
HETATM 1448 O O   . HOH F 5 .   ? 18.949  5.505   -2.712  1.00 37.00 ? 508 HOH A O   1 
HETATM 1449 O O   . HOH F 5 .   ? -22.497 3.140   5.385   1.00 40.86 ? 509 HOH A O   1 
HETATM 1450 O O   . HOH F 5 .   ? 9.815   4.686   9.069   1.00 32.40 ? 510 HOH A O   1 
HETATM 1451 O O   . HOH F 5 .   ? -8.002  -0.556  14.262  1.00 41.27 ? 511 HOH A O   1 
HETATM 1452 O O   . HOH F 5 .   ? 13.782  -6.680  -6.836  1.00 49.48 ? 512 HOH A O   1 
HETATM 1453 O O   . HOH F 5 .   ? -2.102  0.569   -15.511 1.00 32.64 ? 513 HOH A O   1 
HETATM 1454 O O   . HOH F 5 .   ? -0.106  -4.250  16.825  1.00 14.72 ? 514 HOH A O   1 
HETATM 1455 O O   . HOH F 5 .   ? -13.986 -9.574  5.957   1.00 37.61 ? 515 HOH A O   1 
HETATM 1456 O O   . HOH F 5 .   ? -3.055  -5.949  0.055   1.00 17.78 ? 516 HOH A O   1 
HETATM 1457 O O   . HOH F 5 .   ? -5.294  11.382  6.736   1.00 33.92 ? 517 HOH A O   1 
HETATM 1458 O O   . HOH F 5 .   ? -5.121  -22.253 4.895   1.00 37.80 ? 518 HOH A O   1 
HETATM 1459 O O   . HOH F 5 .   ? -9.030  -1.106  -8.547  1.00 27.27 ? 519 HOH A O   1 
HETATM 1460 O O   . HOH F 5 .   ? 7.887   -8.170  14.006  1.00 29.38 ? 520 HOH A O   1 
HETATM 1461 O O   . HOH F 5 .   ? -12.963 -7.055  -5.604  1.00 21.58 ? 521 HOH A O   1 
HETATM 1462 O O   . HOH F 5 .   ? 7.760   -5.806  15.053  1.00 26.68 ? 522 HOH A O   1 
HETATM 1463 O O   . HOH F 5 .   ? 10.844  2.381   16.215  1.00 19.70 ? 523 HOH A O   1 
HETATM 1464 O O   . HOH F 5 .   ? 9.272   2.267   10.280  1.00 19.55 ? 524 HOH A O   1 
HETATM 1465 O O   . HOH F 5 .   ? 17.098  11.325  -0.496  1.00 39.91 ? 525 HOH A O   1 
HETATM 1466 O O   . HOH F 5 .   ? -10.136 -9.451  11.810  1.00 37.14 ? 526 HOH A O   1 
HETATM 1467 O O   . HOH F 5 .   ? 1.675   5.712   -14.867 1.00 35.75 ? 527 HOH A O   1 
HETATM 1468 O O   . HOH F 5 .   ? 1.077   -20.028 -1.354  1.00 40.74 ? 528 HOH A O   1 
HETATM 1469 O O   . HOH F 5 .   ? -4.569  -5.119  -10.770 1.00 30.58 ? 529 HOH A O   1 
HETATM 1470 O O   . HOH F 5 .   ? 6.726   0.582   18.945  1.00 23.99 ? 530 HOH A O   1 
HETATM 1471 O O   . HOH F 5 .   ? -16.815 5.122   -4.994  1.00 30.72 ? 531 HOH A O   1 
HETATM 1472 O O   . HOH F 5 .   ? 10.189  15.999  3.085   1.00 38.29 ? 532 HOH A O   1 
HETATM 1473 O O   . HOH F 5 .   ? -5.771  -16.764 6.658   1.00 18.41 ? 533 HOH A O   1 
HETATM 1474 O O   . HOH F 5 .   ? -4.074  -12.588 -4.297  1.00 41.41 ? 534 HOH A O   1 
HETATM 1475 O O   . HOH F 5 .   ? -18.775 -8.371  0.747   1.00 22.31 ? 535 HOH A O   1 
HETATM 1476 O O   . HOH F 5 .   ? -18.151 6.701   2.180   1.00 31.56 ? 536 HOH A O   1 
HETATM 1477 O O   . HOH F 5 .   ? -9.889  -18.554 0.952   1.00 27.36 ? 537 HOH A O   1 
HETATM 1478 O O   . HOH F 5 .   ? -19.079 -2.015  4.655   1.00 27.56 ? 538 HOH A O   1 
HETATM 1479 O O   . HOH F 5 .   ? 0.383   2.305   -15.050 1.00 39.68 ? 539 HOH A O   1 
HETATM 1480 O O   . HOH F 5 .   ? -13.283 -13.150 4.997   1.00 34.43 ? 540 HOH A O   1 
HETATM 1481 O O   . HOH F 5 .   ? 2.839   6.518   13.785  1.00 32.42 ? 541 HOH A O   1 
HETATM 1482 O O   . HOH F 5 .   ? 15.270  9.926   6.772   1.00 33.75 ? 542 HOH A O   1 
HETATM 1483 O O   . HOH F 5 .   ? -11.356 -13.256 7.188   1.00 35.76 ? 543 HOH A O   1 
HETATM 1484 O O   . HOH F 5 .   ? 8.304   9.107   8.657   1.00 36.75 ? 544 HOH A O   1 
HETATM 1485 O O   . HOH F 5 .   ? -18.921 -0.094  -4.260  1.00 36.57 ? 545 HOH A O   1 
HETATM 1486 O O   . HOH F 5 .   ? -8.259  8.567   9.659   1.00 31.20 ? 546 HOH A O   1 
HETATM 1487 O O   . HOH F 5 .   ? 2.656   17.655  -2.013  1.00 36.39 ? 547 HOH A O   1 
HETATM 1488 O O   . HOH F 5 .   ? 4.729   -16.798 7.605   1.00 28.24 ? 548 HOH A O   1 
HETATM 1489 O O   . HOH F 5 .   ? 3.298   10.340  9.054   1.00 31.95 ? 549 HOH A O   1 
HETATM 1490 O O   . HOH F 5 .   ? -5.789  -2.753  -13.108 1.00 40.35 ? 550 HOH A O   1 
HETATM 1491 O O   . HOH F 5 .   ? -19.232 2.497   -3.833  1.00 36.00 ? 551 HOH A O   1 
HETATM 1492 O O   . HOH F 5 .   ? -3.664  -17.037 -0.981  1.00 35.43 ? 552 HOH A O   1 
HETATM 1493 O O   . HOH F 5 .   ? -9.923  -3.938  8.715   1.00 27.21 ? 553 HOH A O   1 
HETATM 1494 O O   . HOH F 5 .   ? 15.149  14.763  -8.868  1.00 38.74 ? 554 HOH A O   1 
HETATM 1495 O O   . HOH F 5 .   ? -10.190 -9.628  -1.885  1.00 16.00 ? 555 HOH A O   1 
HETATM 1496 O O   . HOH F 5 .   ? 7.501   6.503   14.370  1.00 35.11 ? 556 HOH A O   1 
HETATM 1497 O O   . HOH F 5 .   ? 11.905  -4.157  2.560   1.00 38.30 ? 557 HOH A O   1 
HETATM 1498 O O   . HOH F 5 .   ? 0.454   -21.321 11.075  1.00 24.76 ? 558 HOH A O   1 
HETATM 1499 O O   . HOH F 5 .   ? 18.468  9.468   0.140   1.00 43.32 ? 559 HOH A O   1 
HETATM 1500 O O   . HOH F 5 .   ? -17.803 9.325   -1.365  1.00 36.45 ? 560 HOH A O   1 
HETATM 1501 O O   . HOH F 5 .   ? -3.855  -4.517  22.465  1.00 39.87 ? 561 HOH A O   1 
HETATM 1502 O O   . HOH F 5 .   ? 13.679  -4.851  12.982  1.00 42.17 ? 562 HOH A O   1 
HETATM 1503 O O   . HOH F 5 .   ? 10.570  -5.335  4.974   1.00 29.36 ? 563 HOH A O   1 
HETATM 1504 O O   . HOH F 5 .   ? 13.735  2.913   5.006   1.00 33.96 ? 564 HOH A O   1 
HETATM 1505 O O   . HOH F 5 .   ? -6.165  11.845  3.161   1.00 30.31 ? 565 HOH A O   1 
HETATM 1506 O O   . HOH F 5 .   ? -3.322  9.293   -11.216 1.00 37.74 ? 566 HOH A O   1 
HETATM 1507 O O   . HOH F 5 .   ? -1.591  6.636   10.182  1.00 20.60 ? 567 HOH A O   1 
HETATM 1508 O O   . HOH F 5 .   ? -6.411  -7.054  -1.089  1.00 15.54 ? 568 HOH A O   1 
HETATM 1509 O O   . HOH F 5 .   ? -15.672 -7.467  -6.092  1.00 22.38 ? 569 HOH A O   1 
HETATM 1510 O O   . HOH F 5 .   ? 6.987   -10.238 4.408   1.00 32.00 ? 570 HOH A O   1 
HETATM 1511 O O   . HOH F 5 .   ? 6.051   -8.041  16.716  1.00 24.32 ? 571 HOH A O   1 
HETATM 1512 O O   . HOH F 5 .   ? -19.735 -3.970  2.708   1.00 20.76 ? 572 HOH A O   1 
HETATM 1513 O O   . HOH F 5 .   ? 0.271   -1.589  18.065  1.00 26.07 ? 573 HOH A O   1 
HETATM 1514 O O   . HOH F 5 .   ? -6.547  -17.358 -0.790  1.00 39.83 ? 574 HOH A O   1 
HETATM 1515 O O   . HOH F 5 .   ? 1.005   13.187  6.866   1.00 37.00 ? 575 HOH A O   1 
HETATM 1516 O O   . HOH F 5 .   ? 14.992  -1.022  5.838   1.00 45.76 ? 576 HOH A O   1 
HETATM 1517 O O   . HOH F 5 .   ? -14.597 8.650   4.709   1.00 37.63 ? 577 HOH A O   1 
HETATM 1518 O O   . HOH F 5 .   ? 4.428   -9.646  3.504   1.00 23.87 ? 578 HOH A O   1 
HETATM 1519 O O   . HOH F 5 .   ? 5.349   18.827  -1.642  1.00 46.72 ? 579 HOH A O   1 
HETATM 1520 O O   . HOH F 5 .   ? 16.024  10.243  -14.450 1.00 50.48 ? 580 HOH A O   1 
HETATM 1521 O O   . HOH F 5 .   ? -0.598  -3.668  -18.021 1.00 48.21 ? 581 HOH A O   1 
HETATM 1522 O O   . HOH F 5 .   ? 0.842   9.606   12.829  1.00 42.37 ? 582 HOH A O   1 
HETATM 1523 O O   . HOH F 5 .   ? -7.983  -15.119 7.664   1.00 26.30 ? 583 HOH A O   1 
HETATM 1524 O O   . HOH F 5 .   ? 3.785   10.577  -16.212 1.00 41.67 ? 584 HOH A O   1 
HETATM 1525 O O   . HOH F 5 .   ? 2.924   -1.038  18.222  1.00 22.06 ? 585 HOH A O   1 
HETATM 1526 O O   . HOH F 5 .   ? -15.030 -0.627  10.897  1.00 40.42 ? 586 HOH A O   1 
HETATM 1527 O O   . HOH F 5 .   ? 5.227   -10.084 -12.586 1.00 49.59 ? 587 HOH A O   1 
HETATM 1528 O O   . HOH F 5 .   ? 10.031  -6.299  17.176  1.00 40.31 ? 588 HOH A O   1 
HETATM 1529 O O   . HOH F 5 .   ? 16.369  2.273   7.426   1.00 40.33 ? 589 HOH A O   1 
HETATM 1530 O O   . HOH F 5 .   ? -7.995  -20.161 5.518   1.00 52.67 ? 590 HOH A O   1 
HETATM 1531 O O   . HOH F 5 .   ? -13.512 8.186   -4.327  1.00 36.27 ? 591 HOH A O   1 
HETATM 1532 O O   . HOH F 5 .   ? -16.002 8.493   2.133   1.00 33.86 ? 592 HOH A O   1 
HETATM 1533 O O   . HOH F 5 .   ? -6.877  -4.194  -10.006 1.00 40.73 ? 593 HOH A O   1 
HETATM 1534 O O   . HOH F 5 .   ? 19.950  19.496  -6.588  1.00 33.90 ? 594 HOH A O   1 
HETATM 1535 O O   . HOH F 5 .   ? 13.376  11.456  9.098   1.00 38.93 ? 595 HOH A O   1 
HETATM 1536 O O   . HOH F 5 .   ? -17.564 6.014   12.186  1.00 49.84 ? 596 HOH A O   1 
HETATM 1537 O O   . HOH F 5 .   ? -22.830 7.869   8.810   1.00 49.62 ? 597 HOH A O   1 
HETATM 1538 O O   . HOH F 5 .   ? -19.578 11.096  -2.230  1.00 45.51 ? 598 HOH A O   1 
HETATM 1539 O O   . HOH F 5 .   ? -6.654  2.862   -15.348 1.00 47.73 ? 599 HOH A O   1 
HETATM 1540 O O   . HOH F 5 .   ? -2.053  -14.460 -3.444  1.00 36.42 ? 600 HOH A O   1 
HETATM 1541 O O   . HOH F 5 .   ? 8.857   4.166   -16.418 1.00 45.63 ? 601 HOH A O   1 
HETATM 1542 O O   . HOH F 5 .   ? -12.616 8.063   9.813   1.00 40.50 ? 602 HOH A O   1 
HETATM 1543 O O   . HOH F 5 .   ? -12.890 0.202   -8.260  1.00 41.40 ? 603 HOH A O   1 
HETATM 1544 O O   . HOH F 5 .   ? 13.727  -5.758  1.843   1.00 43.12 ? 604 HOH A O   1 
HETATM 1545 O O   . HOH F 5 .   ? -12.571 6.121   10.979  1.00 35.56 ? 605 HOH A O   1 
HETATM 1546 O O   . HOH F 5 .   ? -18.087 4.109   13.257  1.00 45.82 ? 606 HOH A O   1 
HETATM 1547 O O   . HOH F 5 .   ? 2.618   1.233   -16.477 1.00 43.99 ? 607 HOH A O   1 
HETATM 1548 O O   . HOH F 5 .   ? -9.961  -20.559 3.078   1.00 30.75 ? 608 HOH A O   1 
HETATM 1549 O O   . HOH F 5 .   ? -8.203  -8.081  -2.822  1.00 23.68 ? 609 HOH A O   1 
HETATM 1550 O O   . HOH F 5 .   ? -14.556 -15.736 4.112   1.00 33.24 ? 610 HOH A O   1 
HETATM 1551 O O   . HOH F 5 .   ? -13.322 10.897  -3.451  1.00 43.80 ? 611 HOH A O   1 
HETATM 1552 O O   . HOH F 5 .   ? -2.397  -0.030  -17.669 1.00 45.51 ? 612 HOH A O   1 
HETATM 1553 O O   . HOH F 5 .   ? -1.601  14.260  5.824   1.00 40.56 ? 613 HOH A O   1 
HETATM 1554 O O   . HOH F 5 .   ? -7.678  -0.838  16.494  1.00 43.75 ? 614 HOH A O   1 
HETATM 1555 O O   . HOH F 5 .   ? -16.656 -9.547  5.054   1.00 34.47 ? 615 HOH A O   1 
HETATM 1556 O O   . HOH F 5 .   ? -2.003  0.157   18.757  1.00 30.32 ? 616 HOH A O   1 
HETATM 1557 O O   . HOH F 5 .   ? 15.894  1.173   5.494   1.00 38.95 ? 617 HOH A O   1 
HETATM 1558 O O   . HOH F 5 .   ? -10.271 -0.859  -10.975 1.00 42.45 ? 618 HOH A O   1 
HETATM 1559 O O   . HOH F 5 .   ? -15.048 -4.753  -7.940  1.00 40.67 ? 619 HOH A O   1 
HETATM 1560 O O   . HOH F 5 .   ? 6.449   3.759   -17.507 1.00 49.25 ? 620 HOH A O   1 
HETATM 1561 O O   . HOH F 5 .   ? 6.623   -9.393  18.673  1.00 28.73 ? 621 HOH A O   1 
HETATM 1562 O O   . HOH F 5 .   ? -5.720  9.076   -11.538 1.00 50.39 ? 622 HOH A O   1 
HETATM 1563 O O   . HOH F 5 .   ? -13.369 2.305   -7.725  1.00 43.46 ? 623 HOH A O   1 
HETATM 1564 O O   . HOH F 5 .   ? 19.313  22.824  -3.962  1.00 44.81 ? 624 HOH A O   1 
HETATM 1565 O O   . HOH F 5 .   ? -2.698  15.837  3.479   1.00 43.20 ? 625 HOH A O   1 
HETATM 1566 O O   . HOH F 5 .   ? 9.291   -9.723  3.312   1.00 45.14 ? 626 HOH A O   1 
HETATM 1567 O O   . HOH F 5 .   ? -9.583  -6.563  11.988  1.00 35.55 ? 627 HOH A O   1 
HETATM 1568 O O   . HOH F 5 .   ? -7.922  -8.898  -5.133  1.00 32.67 ? 628 HOH A O   1 
# 
loop_
_pdbx_poly_seq_scheme.asym_id 
_pdbx_poly_seq_scheme.entity_id 
_pdbx_poly_seq_scheme.seq_id 
_pdbx_poly_seq_scheme.mon_id 
_pdbx_poly_seq_scheme.ndb_seq_num 
_pdbx_poly_seq_scheme.pdb_seq_num 
_pdbx_poly_seq_scheme.auth_seq_num 
_pdbx_poly_seq_scheme.pdb_mon_id 
_pdbx_poly_seq_scheme.auth_mon_id 
_pdbx_poly_seq_scheme.pdb_strand_id 
_pdbx_poly_seq_scheme.pdb_ins_code 
_pdbx_poly_seq_scheme.hetero 
A 1 1   THR 1   1   1   THR THR A . n 
A 1 2   LEU 2   2   2   LEU LEU A . n 
A 1 3   SER 3   3   3   SER SER A . n 
A 1 4   ILE 4   4   4   ILE ILE A . n 
A 1 5   LEU 5   5   5   LEU LEU A . n 
A 1 6   VAL 6   6   6   VAL VAL A . n 
A 1 7   ALA 7   7   7   ALA ALA A . n 
A 1 8   HIS 8   8   8   HIS HIS A . n 
A 1 9   ASP 9   9   9   ASP ASP A . n 
A 1 10  LEU 10  10  10  LEU LEU A . n 
A 1 11  GLN 11  11  11  GLN GLN A . n 
A 1 12  ARG 12  12  12  ARG ARG A . n 
A 1 13  VAL 13  13  13  VAL VAL A . n 
A 1 14  ILE 14  14  14  ILE ILE A . n 
A 1 15  GLY 15  15  15  GLY GLY A . n 
A 1 16  PHE 16  16  16  PHE PHE A . n 
A 1 17  GLU 17  17  17  GLU GLU A . n 
A 1 18  ASN 18  18  18  ASN ASN A . n 
A 1 19  GLN 19  19  19  GLN GLN A . n 
A 1 20  LEU 20  20  20  LEU LEU A . n 
A 1 21  PRO 21  21  21  PRO PRO A . n 
A 1 22  TRP 22  22  22  TRP TRP A . n 
A 1 23  HIS 23  23  23  HIS HIS A . n 
A 1 24  LEU 24  24  24  LEU LEU A . n 
A 1 25  PRO 25  25  25  PRO PRO A . n 
A 1 26  ASN 26  26  26  ASN ASN A . n 
A 1 27  ASP 27  27  27  ASP ASP A . n 
A 1 28  LEU 28  28  28  LEU LEU A . n 
A 1 29  LYS 29  29  29  LYS LYS A . n 
A 1 30  HIS 30  30  30  HIS HIS A . n 
A 1 31  VAL 31  31  31  VAL VAL A . n 
A 1 32  LYS 32  32  32  LYS LYS A . n 
A 1 33  LYS 33  33  33  LYS LYS A . n 
A 1 34  LEU 34  34  34  LEU LEU A . n 
A 1 35  SER 35  35  35  SER SER A . n 
A 1 36  THR 36  36  36  THR THR A . n 
A 1 37  GLY 37  37  37  GLY GLY A . n 
A 1 38  HIS 38  38  38  HIS HIS A . n 
A 1 39  THR 39  39  39  THR THR A . n 
A 1 40  LEU 40  40  40  LEU LEU A . n 
A 1 41  VAL 41  41  41  VAL VAL A . n 
A 1 42  MET 42  42  42  MET MET A . n 
A 1 43  GLY 43  43  43  GLY GLY A . n 
A 1 44  ARG 44  44  44  ARG ARG A . n 
A 1 45  LYS 45  45  45  LYS LYS A . n 
A 1 46  THR 46  46  46  THR THR A . n 
A 1 47  PHE 47  47  47  PHE PHE A . n 
A 1 48  GLU 48  48  48  GLU GLU A . n 
A 1 49  SER 49  49  49  SER SER A . n 
A 1 50  ILE 50  50  50  ILE ILE A . n 
A 1 51  GLY 51  51  51  GLY GLY A . n 
A 1 52  LYS 52  52  52  LYS LYS A . n 
A 1 53  PRO 53  53  53  PRO PRO A . n 
A 1 54  LEU 54  54  54  LEU LEU A . n 
A 1 55  PRO 55  55  55  PRO PRO A . n 
A 1 56  ASN 56  56  56  ASN ASN A . n 
A 1 57  ARG 57  57  57  ARG ARG A . n 
A 1 58  ARG 58  58  58  ARG ARG A . n 
A 1 59  ASN 59  59  59  ASN ASN A . n 
A 1 60  VAL 60  60  60  VAL VAL A . n 
A 1 61  VAL 61  61  61  VAL VAL A . n 
A 1 62  LEU 62  62  62  LEU LEU A . n 
A 1 63  THR 63  63  63  THR THR A . n 
A 1 64  SER 64  64  64  SER SER A . n 
A 1 65  ASP 65  65  65  ASP ASP A . n 
A 1 66  THR 66  66  66  THR THR A . n 
A 1 67  SER 67  67  67  SER SER A . n 
A 1 68  PHE 68  68  68  PHE PHE A . n 
A 1 69  ASN 69  69  69  ASN ASN A . n 
A 1 70  VAL 70  70  70  VAL VAL A . n 
A 1 71  GLU 71  71  71  GLU GLU A . n 
A 1 72  GLY 72  72  72  GLY GLY A . n 
A 1 73  VAL 73  73  73  VAL VAL A . n 
A 1 74  ASP 74  74  74  ASP ASP A . n 
A 1 75  VAL 75  75  75  VAL VAL A . n 
A 1 76  ILE 76  76  76  ILE ILE A . n 
A 1 77  HIS 77  77  77  HIS HIS A . n 
A 1 78  SER 78  78  78  SER SER A . n 
A 1 79  ILE 79  79  79  ILE ILE A . n 
A 1 80  GLU 80  80  80  GLU GLU A . n 
A 1 81  ASP 81  81  81  ASP ASP A . n 
A 1 82  ILE 82  82  82  ILE ILE A . n 
A 1 83  TYR 83  83  83  TYR TYR A . n 
A 1 84  GLN 84  84  84  GLN GLN A . n 
A 1 85  LEU 85  85  85  LEU LEU A . n 
A 1 86  PRO 86  86  86  PRO PRO A . n 
A 1 87  GLY 87  87  87  GLY GLY A . n 
A 1 88  HIS 88  88  88  HIS HIS A . n 
A 1 89  VAL 89  89  89  VAL VAL A . n 
A 1 90  PHE 90  90  90  PHE PHE A . n 
A 1 91  ILE 91  91  91  ILE ILE A . n 
A 1 92  PHE 92  92  92  PHE PHE A . n 
A 1 93  GLY 93  93  93  GLY GLY A . n 
A 1 94  GLY 94  94  94  GLY GLY A . n 
A 1 95  GLN 95  95  95  GLN GLN A . n 
A 1 96  THR 96  96  96  THR THR A . n 
A 1 97  LEU 97  97  97  LEU LEU A . n 
A 1 98  PHE 98  98  98  PHE PHE A . n 
A 1 99  GLU 99  99  99  GLU GLU A . n 
A 1 100 GLU 100 100 100 GLU GLU A . n 
A 1 101 MET 101 101 101 MET MET A . n 
A 1 102 ILE 102 102 102 ILE ILE A . n 
A 1 103 ASP 103 103 103 ASP ASP A . n 
A 1 104 LYS 104 104 104 LYS LYS A . n 
A 1 105 VAL 105 105 105 VAL VAL A . n 
A 1 106 ASP 106 106 106 ASP ASP A . n 
A 1 107 ASP 107 107 107 ASP ASP A . n 
A 1 108 MET 108 108 108 MET MET A . n 
A 1 109 TYR 109 109 109 TYR TYR A . n 
A 1 110 ILE 110 110 110 ILE ILE A . n 
A 1 111 THR 111 111 111 THR THR A . n 
A 1 112 VAL 112 112 112 VAL VAL A . n 
A 1 113 ILE 113 113 113 ILE ILE A . n 
A 1 114 GLU 114 114 114 GLU GLU A . n 
A 1 115 GLY 115 115 115 GLY GLY A . n 
A 1 116 LYS 116 116 116 LYS LYS A . n 
A 1 117 PHE 117 117 117 PHE PHE A . n 
A 1 118 ARG 118 118 118 ARG ARG A . n 
A 1 119 GLY 119 119 119 GLY GLY A . n 
A 1 120 ASP 120 120 120 ASP ASP A . n 
A 1 121 THR 121 121 121 THR THR A . n 
A 1 122 PHE 122 122 122 PHE PHE A . n 
A 1 123 PHE 123 123 123 PHE PHE A . n 
A 1 124 PRO 124 124 124 PRO PRO A . n 
A 1 125 PRO 125 125 125 PRO PRO A . n 
A 1 126 TYR 126 126 126 TYR TYR A . n 
A 1 127 THR 127 127 127 THR THR A . n 
A 1 128 PHE 128 128 128 PHE PHE A . n 
A 1 129 GLU 129 129 129 GLU GLU A . n 
A 1 130 ASP 130 130 130 ASP ASP A . n 
A 1 131 TRP 131 131 131 TRP TRP A . n 
A 1 132 GLU 132 132 132 GLU GLU A . n 
A 1 133 VAL 133 133 133 VAL VAL A . n 
A 1 134 ALA 134 134 134 ALA ALA A . n 
A 1 135 SER 135 135 135 SER SER A . n 
A 1 136 SER 136 136 136 SER SER A . n 
A 1 137 VAL 137 137 137 VAL VAL A . n 
A 1 138 GLU 138 138 138 GLU GLU A . n 
A 1 139 GLY 139 139 139 GLY GLY A . n 
A 1 140 LYS 140 140 140 LYS LYS A . n 
A 1 141 LEU 141 141 141 LEU LEU A . n 
A 1 142 ASP 142 142 142 ASP ASP A . n 
A 1 143 GLU 143 143 143 GLU GLU A . n 
A 1 144 LYS 144 144 144 LYS LYS A . n 
A 1 145 ASN 145 145 145 ASN ASN A . n 
A 1 146 THR 146 146 146 THR THR A . n 
A 1 147 ILE 147 147 147 ILE ILE A . n 
A 1 148 PRO 148 148 148 PRO PRO A . n 
A 1 149 HIS 149 149 149 HIS HIS A . n 
A 1 150 THR 150 150 150 THR THR A . n 
A 1 151 PHE 151 151 151 PHE PHE A . n 
A 1 152 LEU 152 152 152 LEU LEU A . n 
A 1 153 HIS 153 153 153 HIS HIS A . n 
A 1 154 LEU 154 154 154 LEU LEU A . n 
A 1 155 ILE 155 155 155 ILE ILE A . n 
A 1 156 ARG 156 156 156 ARG ARG A . n 
A 1 157 LYS 157 157 157 LYS LYS A . n 
A 1 158 LYS 158 158 158 LYS LYS A . n 
A 1 159 LEU 159 159 159 LEU LEU A . n 
A 1 160 VAL 160 160 160 VAL VAL A . n 
A 1 161 PRO 161 161 161 PRO PRO A . n 
A 1 162 ARG 162 162 162 ARG ARG A . n 
# 
loop_
_pdbx_nonpoly_scheme.asym_id 
_pdbx_nonpoly_scheme.entity_id 
_pdbx_nonpoly_scheme.mon_id 
_pdbx_nonpoly_scheme.ndb_seq_num 
_pdbx_nonpoly_scheme.pdb_seq_num 
_pdbx_nonpoly_scheme.auth_seq_num 
_pdbx_nonpoly_scheme.pdb_mon_id 
_pdbx_nonpoly_scheme.auth_mon_id 
_pdbx_nonpoly_scheme.pdb_strand_id 
_pdbx_nonpoly_scheme.pdb_ins_code 
B 2 GOL 1   401 401 GOL GOL A . 
C 2 GOL 1   402 501 GOL GOL A . 
D 3 OWG 1   403 301 OWG 007 A . 
E 4 NAP 1   404 201 NAP NAP A . 
F 5 HOH 1   501 67  HOH HOH A . 
F 5 HOH 2   502 136 HOH HOH A . 
F 5 HOH 3   503 70  HOH HOH A . 
F 5 HOH 4   504 85  HOH HOH A . 
F 5 HOH 5   505 24  HOH HOH A . 
F 5 HOH 6   506 61  HOH HOH A . 
F 5 HOH 7   507 37  HOH HOH A . 
F 5 HOH 8   508 109 HOH HOH A . 
F 5 HOH 9   509 71  HOH HOH A . 
F 5 HOH 10  510 75  HOH HOH A . 
F 5 HOH 11  511 39  HOH HOH A . 
F 5 HOH 12  512 10  HOH HOH A . 
F 5 HOH 13  513 108 HOH HOH A . 
F 5 HOH 14  514 1   HOH HOH A . 
F 5 HOH 15  515 59  HOH HOH A . 
F 5 HOH 16  516 2   HOH HOH A . 
F 5 HOH 17  517 23  HOH HOH A . 
F 5 HOH 18  518 51  HOH HOH A . 
F 5 HOH 19  519 6   HOH HOH A . 
F 5 HOH 20  520 41  HOH HOH A . 
F 5 HOH 21  521 8   HOH HOH A . 
F 5 HOH 22  522 27  HOH HOH A . 
F 5 HOH 23  523 9   HOH HOH A . 
F 5 HOH 24  524 5   HOH HOH A . 
F 5 HOH 25  525 81  HOH HOH A . 
F 5 HOH 26  526 46  HOH HOH A . 
F 5 HOH 27  527 16  HOH HOH A . 
F 5 HOH 28  528 89  HOH HOH A . 
F 5 HOH 29  529 31  HOH HOH A . 
F 5 HOH 30  530 18  HOH HOH A . 
F 5 HOH 31  531 68  HOH HOH A . 
F 5 HOH 32  532 90  HOH HOH A . 
F 5 HOH 33  533 4   HOH HOH A . 
F 5 HOH 34  534 43  HOH HOH A . 
F 5 HOH 35  535 11  HOH HOH A . 
F 5 HOH 36  536 62  HOH HOH A . 
F 5 HOH 37  537 48  HOH HOH A . 
F 5 HOH 38  538 29  HOH HOH A . 
F 5 HOH 39  539 126 HOH HOH A . 
F 5 HOH 40  540 36  HOH HOH A . 
F 5 HOH 41  541 72  HOH HOH A . 
F 5 HOH 42  542 127 HOH HOH A . 
F 5 HOH 43  543 47  HOH HOH A . 
F 5 HOH 44  544 129 HOH HOH A . 
F 5 HOH 45  545 122 HOH HOH A . 
F 5 HOH 46  546 137 HOH HOH A . 
F 5 HOH 47  547 128 HOH HOH A . 
F 5 HOH 48  548 14  HOH HOH A . 
F 5 HOH 49  549 130 HOH HOH A . 
F 5 HOH 50  550 92  HOH HOH A . 
F 5 HOH 51  551 73  HOH HOH A . 
F 5 HOH 52  552 80  HOH HOH A . 
F 5 HOH 53  553 125 HOH HOH A . 
F 5 HOH 54  554 42  HOH HOH A . 
F 5 HOH 55  555 3   HOH HOH A . 
F 5 HOH 56  556 78  HOH HOH A . 
F 5 HOH 57  557 40  HOH HOH A . 
F 5 HOH 58  558 20  HOH HOH A . 
F 5 HOH 59  559 82  HOH HOH A . 
F 5 HOH 60  560 84  HOH HOH A . 
F 5 HOH 61  561 35  HOH HOH A . 
F 5 HOH 62  562 114 HOH HOH A . 
F 5 HOH 63  563 52  HOH HOH A . 
F 5 HOH 64  564 79  HOH HOH A . 
F 5 HOH 65  565 33  HOH HOH A . 
F 5 HOH 66  566 32  HOH HOH A . 
F 5 HOH 67  567 93  HOH HOH A . 
F 5 HOH 68  568 60  HOH HOH A . 
F 5 HOH 69  569 97  HOH HOH A . 
F 5 HOH 70  570 22  HOH HOH A . 
F 5 HOH 71  571 12  HOH HOH A . 
F 5 HOH 72  572 15  HOH HOH A . 
F 5 HOH 73  573 25  HOH HOH A . 
F 5 HOH 74  574 77  HOH HOH A . 
F 5 HOH 75  575 38  HOH HOH A . 
F 5 HOH 76  576 119 HOH HOH A . 
F 5 HOH 77  577 49  HOH HOH A . 
F 5 HOH 78  578 13  HOH HOH A . 
F 5 HOH 79  579 19  HOH HOH A . 
F 5 HOH 80  580 86  HOH HOH A . 
F 5 HOH 81  581 107 HOH HOH A . 
F 5 HOH 82  582 105 HOH HOH A . 
F 5 HOH 83  583 28  HOH HOH A . 
F 5 HOH 84  584 104 HOH HOH A . 
F 5 HOH 85  585 7   HOH HOH A . 
F 5 HOH 86  586 66  HOH HOH A . 
F 5 HOH 87  587 116 HOH HOH A . 
F 5 HOH 88  588 57  HOH HOH A . 
F 5 HOH 89  589 101 HOH HOH A . 
F 5 HOH 90  590 53  HOH HOH A . 
F 5 HOH 91  591 133 HOH HOH A . 
F 5 HOH 92  592 44  HOH HOH A . 
F 5 HOH 93  593 65  HOH HOH A . 
F 5 HOH 94  594 74  HOH HOH A . 
F 5 HOH 95  595 30  HOH HOH A . 
F 5 HOH 96  596 112 HOH HOH A . 
F 5 HOH 97  597 103 HOH HOH A . 
F 5 HOH 98  598 91  HOH HOH A . 
F 5 HOH 99  599 63  HOH HOH A . 
F 5 HOH 100 600 99  HOH HOH A . 
F 5 HOH 101 601 120 HOH HOH A . 
F 5 HOH 102 602 45  HOH HOH A . 
F 5 HOH 103 603 131 HOH HOH A . 
F 5 HOH 104 604 135 HOH HOH A . 
F 5 HOH 105 605 88  HOH HOH A . 
F 5 HOH 106 606 111 HOH HOH A . 
F 5 HOH 107 607 55  HOH HOH A . 
F 5 HOH 108 608 134 HOH HOH A . 
F 5 HOH 109 609 26  HOH HOH A . 
F 5 HOH 110 610 54  HOH HOH A . 
F 5 HOH 111 611 83  HOH HOH A . 
F 5 HOH 112 612 113 HOH HOH A . 
F 5 HOH 113 613 102 HOH HOH A . 
F 5 HOH 114 614 124 HOH HOH A . 
F 5 HOH 115 615 34  HOH HOH A . 
F 5 HOH 116 616 50  HOH HOH A . 
F 5 HOH 117 617 100 HOH HOH A . 
F 5 HOH 118 618 64  HOH HOH A . 
F 5 HOH 119 619 117 HOH HOH A . 
F 5 HOH 120 620 121 HOH HOH A . 
F 5 HOH 121 621 94  HOH HOH A . 
F 5 HOH 122 622 123 HOH HOH A . 
F 5 HOH 123 623 132 HOH HOH A . 
F 5 HOH 124 624 58  HOH HOH A . 
F 5 HOH 125 625 115 HOH HOH A . 
F 5 HOH 126 626 76  HOH HOH A . 
F 5 HOH 127 627 69  HOH HOH A . 
F 5 HOH 128 628 56  HOH HOH A . 
# 
_pdbx_struct_assembly.id                   1 
_pdbx_struct_assembly.details              author_and_software_defined_assembly 
_pdbx_struct_assembly.method_details       PISA 
_pdbx_struct_assembly.oligomeric_details   monomeric 
_pdbx_struct_assembly.oligomeric_count     1 
# 
_pdbx_struct_assembly_gen.assembly_id       1 
_pdbx_struct_assembly_gen.oper_expression   1 
_pdbx_struct_assembly_gen.asym_id_list      A,B,C,D,E,F 
# 
_pdbx_struct_oper_list.id                   1 
_pdbx_struct_oper_list.type                 'identity operation' 
_pdbx_struct_oper_list.name                 1_555 
_pdbx_struct_oper_list.symmetry_operation   x,y,z 
_pdbx_struct_oper_list.matrix[1][1]         1.0000000000 
_pdbx_struct_oper_list.matrix[1][2]         0.0000000000 
_pdbx_struct_oper_list.matrix[1][3]         0.0000000000 
_pdbx_struct_oper_list.vector[1]            0.0000000000 
_pdbx_struct_oper_list.matrix[2][1]         0.0000000000 
_pdbx_struct_oper_list.matrix[2][2]         1.0000000000 
_pdbx_struct_oper_list.matrix[2][3]         0.0000000000 
_pdbx_struct_oper_list.vector[2]            0.0000000000 
_pdbx_struct_oper_list.matrix[3][1]         0.0000000000 
_pdbx_struct_oper_list.matrix[3][2]         0.0000000000 
_pdbx_struct_oper_list.matrix[3][3]         1.0000000000 
_pdbx_struct_oper_list.vector[3]            0.0000000000 
# 
loop_
_pdbx_audit_revision_history.ordinal 
_pdbx_audit_revision_history.data_content_type 
_pdbx_audit_revision_history.major_revision 
_pdbx_audit_revision_history.minor_revision 
_pdbx_audit_revision_history.revision_date 
1 'Structure model' 1 0 2020-06-17 
2 'Structure model' 1 1 2023-10-11 
# 
_pdbx_audit_revision_details.ordinal             1 
_pdbx_audit_revision_details.revision_ordinal    1 
_pdbx_audit_revision_details.data_content_type   'Structure model' 
_pdbx_audit_revision_details.provider            repository 
_pdbx_audit_revision_details.type                'Initial release' 
_pdbx_audit_revision_details.description         ? 
_pdbx_audit_revision_details.details             ? 
# 
loop_
_pdbx_audit_revision_group.ordinal 
_pdbx_audit_revision_group.revision_ordinal 
_pdbx_audit_revision_group.data_content_type 
_pdbx_audit_revision_group.group 
1 2 'Structure model' 'Data collection'        
2 2 'Structure model' 'Database references'    
3 2 'Structure model' 'Refinement description' 
# 
loop_
_pdbx_audit_revision_category.ordinal 
_pdbx_audit_revision_category.revision_ordinal 
_pdbx_audit_revision_category.data_content_type 
_pdbx_audit_revision_category.category 
1 2 'Structure model' chem_comp_atom                
2 2 'Structure model' chem_comp_bond                
3 2 'Structure model' database_2                    
4 2 'Structure model' pdbx_initial_refinement_model 
# 
loop_
_pdbx_audit_revision_item.ordinal 
_pdbx_audit_revision_item.revision_ordinal 
_pdbx_audit_revision_item.data_content_type 
_pdbx_audit_revision_item.item 
1 2 'Structure model' '_database_2.pdbx_DOI'                
2 2 'Structure model' '_database_2.pdbx_database_accession' 
# 
loop_
_space_group_symop.id 
_space_group_symop.operation_xyz 
1  x,y,z          
2  x-y,x,z+1/6    
3  y,-x+y,z+5/6   
4  -y,x-y,z+1/3   
5  -x+y,-x,z+2/3  
6  x-y,-y,-z      
7  -x,-x+y,-z+2/3 
8  -x,-y,z+1/2    
9  y,x,-z+1/3     
10 -y,-x,-z+5/6   
11 -x+y,y,-z+1/2  
12 x,x-y,-z+1/6   
# 
loop_
_software.citation_id 
_software.classification 
_software.compiler_name 
_software.compiler_version 
_software.contact_author 
_software.contact_author_email 
_software.date 
_software.description 
_software.dependencies 
_software.hardware 
_software.language 
_software.location 
_software.mods 
_software.name 
_software.os 
_software.os_version 
_software.type 
_software.version 
_software.pdbx_ordinal 
? refinement        ? ? ? ? ? ? ? ? ? ? ? PHENIX    ? ? ? 1.8.4_1496 1 
? 'data collection' ? ? ? ? ? ? ? ? ? ? ? HKL-3000  ? ? ? .          2 
? 'data reduction'  ? ? ? ? ? ? ? ? ? ? ? DENZO     ? ? ? .          3 
? 'data scaling'    ? ? ? ? ? ? ? ? ? ? ? SCALEPACK ? ? ? .          4 
? phasing           ? ? ? ? ? ? ? ? ? ? ? PHASER    ? ? ? .          5 
# 
_pdbx_entry_details.entry_id                 6PRD 
_pdbx_entry_details.nonpolymer_details       ? 
_pdbx_entry_details.sequence_details         ? 
_pdbx_entry_details.compound_details         ? 
_pdbx_entry_details.source_details           ? 
_pdbx_entry_details.has_ligand_of_interest   Y 
# 
loop_
_pdbx_validate_torsion.id 
_pdbx_validate_torsion.PDB_model_num 
_pdbx_validate_torsion.auth_comp_id 
_pdbx_validate_torsion.auth_asym_id 
_pdbx_validate_torsion.auth_seq_id 
_pdbx_validate_torsion.PDB_ins_code 
_pdbx_validate_torsion.label_alt_id 
_pdbx_validate_torsion.phi 
_pdbx_validate_torsion.psi 
1 1 HIS A 38 ? ? -125.68 -164.61 
2 1 ASN A 69 ? ? -158.15 89.56   
# 
loop_
_chem_comp_atom.comp_id 
_chem_comp_atom.atom_id 
_chem_comp_atom.type_symbol 
_chem_comp_atom.pdbx_aromatic_flag 
_chem_comp_atom.pdbx_stereo_config 
_chem_comp_atom.pdbx_ordinal 
ALA N    N N N 1   
ALA CA   C N S 2   
ALA C    C N N 3   
ALA O    O N N 4   
ALA CB   C N N 5   
ALA OXT  O N N 6   
ALA H    H N N 7   
ALA H2   H N N 8   
ALA HA   H N N 9   
ALA HB1  H N N 10  
ALA HB2  H N N 11  
ALA HB3  H N N 12  
ALA HXT  H N N 13  
ARG N    N N N 14  
ARG CA   C N S 15  
ARG C    C N N 16  
ARG O    O N N 17  
ARG CB   C N N 18  
ARG CG   C N N 19  
ARG CD   C N N 20  
ARG NE   N N N 21  
ARG CZ   C N N 22  
ARG NH1  N N N 23  
ARG NH2  N N N 24  
ARG OXT  O N N 25  
ARG H    H N N 26  
ARG H2   H N N 27  
ARG HA   H N N 28  
ARG HB2  H N N 29  
ARG HB3  H N N 30  
ARG HG2  H N N 31  
ARG HG3  H N N 32  
ARG HD2  H N N 33  
ARG HD3  H N N 34  
ARG HE   H N N 35  
ARG HH11 H N N 36  
ARG HH12 H N N 37  
ARG HH21 H N N 38  
ARG HH22 H N N 39  
ARG HXT  H N N 40  
ASN N    N N N 41  
ASN CA   C N S 42  
ASN C    C N N 43  
ASN O    O N N 44  
ASN CB   C N N 45  
ASN CG   C N N 46  
ASN OD1  O N N 47  
ASN ND2  N N N 48  
ASN OXT  O N N 49  
ASN H    H N N 50  
ASN H2   H N N 51  
ASN HA   H N N 52  
ASN HB2  H N N 53  
ASN HB3  H N N 54  
ASN HD21 H N N 55  
ASN HD22 H N N 56  
ASN HXT  H N N 57  
ASP N    N N N 58  
ASP CA   C N S 59  
ASP C    C N N 60  
ASP O    O N N 61  
ASP CB   C N N 62  
ASP CG   C N N 63  
ASP OD1  O N N 64  
ASP OD2  O N N 65  
ASP OXT  O N N 66  
ASP H    H N N 67  
ASP H2   H N N 68  
ASP HA   H N N 69  
ASP HB2  H N N 70  
ASP HB3  H N N 71  
ASP HD2  H N N 72  
ASP HXT  H N N 73  
GLN N    N N N 74  
GLN CA   C N S 75  
GLN C    C N N 76  
GLN O    O N N 77  
GLN CB   C N N 78  
GLN CG   C N N 79  
GLN CD   C N N 80  
GLN OE1  O N N 81  
GLN NE2  N N N 82  
GLN OXT  O N N 83  
GLN H    H N N 84  
GLN H2   H N N 85  
GLN HA   H N N 86  
GLN HB2  H N N 87  
GLN HB3  H N N 88  
GLN HG2  H N N 89  
GLN HG3  H N N 90  
GLN HE21 H N N 91  
GLN HE22 H N N 92  
GLN HXT  H N N 93  
GLU N    N N N 94  
GLU CA   C N S 95  
GLU C    C N N 96  
GLU O    O N N 97  
GLU CB   C N N 98  
GLU CG   C N N 99  
GLU CD   C N N 100 
GLU OE1  O N N 101 
GLU OE2  O N N 102 
GLU OXT  O N N 103 
GLU H    H N N 104 
GLU H2   H N N 105 
GLU HA   H N N 106 
GLU HB2  H N N 107 
GLU HB3  H N N 108 
GLU HG2  H N N 109 
GLU HG3  H N N 110 
GLU HE2  H N N 111 
GLU HXT  H N N 112 
GLY N    N N N 113 
GLY CA   C N N 114 
GLY C    C N N 115 
GLY O    O N N 116 
GLY OXT  O N N 117 
GLY H    H N N 118 
GLY H2   H N N 119 
GLY HA2  H N N 120 
GLY HA3  H N N 121 
GLY HXT  H N N 122 
GOL C1   C N N 123 
GOL O1   O N N 124 
GOL C2   C N N 125 
GOL O2   O N N 126 
GOL C3   C N N 127 
GOL O3   O N N 128 
GOL H11  H N N 129 
GOL H12  H N N 130 
GOL HO1  H N N 131 
GOL H2   H N N 132 
GOL HO2  H N N 133 
GOL H31  H N N 134 
GOL H32  H N N 135 
GOL HO3  H N N 136 
HIS N    N N N 137 
HIS CA   C N S 138 
HIS C    C N N 139 
HIS O    O N N 140 
HIS CB   C N N 141 
HIS CG   C Y N 142 
HIS ND1  N Y N 143 
HIS CD2  C Y N 144 
HIS CE1  C Y N 145 
HIS NE2  N Y N 146 
HIS OXT  O N N 147 
HIS H    H N N 148 
HIS H2   H N N 149 
HIS HA   H N N 150 
HIS HB2  H N N 151 
HIS HB3  H N N 152 
HIS HD1  H N N 153 
HIS HD2  H N N 154 
HIS HE1  H N N 155 
HIS HE2  H N N 156 
HIS HXT  H N N 157 
HOH O    O N N 158 
HOH H1   H N N 159 
HOH H2   H N N 160 
ILE N    N N N 161 
ILE CA   C N S 162 
ILE C    C N N 163 
ILE O    O N N 164 
ILE CB   C N S 165 
ILE CG1  C N N 166 
ILE CG2  C N N 167 
ILE CD1  C N N 168 
ILE OXT  O N N 169 
ILE H    H N N 170 
ILE H2   H N N 171 
ILE HA   H N N 172 
ILE HB   H N N 173 
ILE HG12 H N N 174 
ILE HG13 H N N 175 
ILE HG21 H N N 176 
ILE HG22 H N N 177 
ILE HG23 H N N 178 
ILE HD11 H N N 179 
ILE HD12 H N N 180 
ILE HD13 H N N 181 
ILE HXT  H N N 182 
LEU N    N N N 183 
LEU CA   C N S 184 
LEU C    C N N 185 
LEU O    O N N 186 
LEU CB   C N N 187 
LEU CG   C N N 188 
LEU CD1  C N N 189 
LEU CD2  C N N 190 
LEU OXT  O N N 191 
LEU H    H N N 192 
LEU H2   H N N 193 
LEU HA   H N N 194 
LEU HB2  H N N 195 
LEU HB3  H N N 196 
LEU HG   H N N 197 
LEU HD11 H N N 198 
LEU HD12 H N N 199 
LEU HD13 H N N 200 
LEU HD21 H N N 201 
LEU HD22 H N N 202 
LEU HD23 H N N 203 
LEU HXT  H N N 204 
LYS N    N N N 205 
LYS CA   C N S 206 
LYS C    C N N 207 
LYS O    O N N 208 
LYS CB   C N N 209 
LYS CG   C N N 210 
LYS CD   C N N 211 
LYS CE   C N N 212 
LYS NZ   N N N 213 
LYS OXT  O N N 214 
LYS H    H N N 215 
LYS H2   H N N 216 
LYS HA   H N N 217 
LYS HB2  H N N 218 
LYS HB3  H N N 219 
LYS HG2  H N N 220 
LYS HG3  H N N 221 
LYS HD2  H N N 222 
LYS HD3  H N N 223 
LYS HE2  H N N 224 
LYS HE3  H N N 225 
LYS HZ1  H N N 226 
LYS HZ2  H N N 227 
LYS HZ3  H N N 228 
LYS HXT  H N N 229 
MET N    N N N 230 
MET CA   C N S 231 
MET C    C N N 232 
MET O    O N N 233 
MET CB   C N N 234 
MET CG   C N N 235 
MET SD   S N N 236 
MET CE   C N N 237 
MET OXT  O N N 238 
MET H    H N N 239 
MET H2   H N N 240 
MET HA   H N N 241 
MET HB2  H N N 242 
MET HB3  H N N 243 
MET HG2  H N N 244 
MET HG3  H N N 245 
MET HE1  H N N 246 
MET HE2  H N N 247 
MET HE3  H N N 248 
MET HXT  H N N 249 
NAP PA   P N R 250 
NAP O1A  O N N 251 
NAP O2A  O N N 252 
NAP O5B  O N N 253 
NAP C5B  C N N 254 
NAP C4B  C N R 255 
NAP O4B  O N N 256 
NAP C3B  C N R 257 
NAP O3B  O N N 258 
NAP C2B  C N R 259 
NAP O2B  O N N 260 
NAP C1B  C N R 261 
NAP N9A  N Y N 262 
NAP C8A  C Y N 263 
NAP N7A  N Y N 264 
NAP C5A  C Y N 265 
NAP C6A  C Y N 266 
NAP N6A  N N N 267 
NAP N1A  N Y N 268 
NAP C2A  C Y N 269 
NAP N3A  N Y N 270 
NAP C4A  C Y N 271 
NAP O3   O N N 272 
NAP PN   P N N 273 
NAP O1N  O N N 274 
NAP O2N  O N N 275 
NAP O5D  O N N 276 
NAP C5D  C N N 277 
NAP C4D  C N R 278 
NAP O4D  O N N 279 
NAP C3D  C N S 280 
NAP O3D  O N N 281 
NAP C2D  C N R 282 
NAP O2D  O N N 283 
NAP C1D  C N R 284 
NAP N1N  N Y N 285 
NAP C2N  C Y N 286 
NAP C3N  C Y N 287 
NAP C7N  C N N 288 
NAP O7N  O N N 289 
NAP N7N  N N N 290 
NAP C4N  C Y N 291 
NAP C5N  C Y N 292 
NAP C6N  C Y N 293 
NAP P2B  P N N 294 
NAP O1X  O N N 295 
NAP O2X  O N N 296 
NAP O3X  O N N 297 
NAP HOA2 H N N 298 
NAP H51A H N N 299 
NAP H52A H N N 300 
NAP H4B  H N N 301 
NAP H3B  H N N 302 
NAP HO3A H N N 303 
NAP H2B  H N N 304 
NAP H1B  H N N 305 
NAP H8A  H N N 306 
NAP H61A H N N 307 
NAP H62A H N N 308 
NAP H2A  H N N 309 
NAP H51N H N N 310 
NAP H52N H N N 311 
NAP H4D  H N N 312 
NAP H3D  H N N 313 
NAP HO3N H N N 314 
NAP H2D  H N N 315 
NAP HO2N H N N 316 
NAP H1D  H N N 317 
NAP H2N  H N N 318 
NAP H71N H N N 319 
NAP H72N H N N 320 
NAP H4N  H N N 321 
NAP H5N  H N N 322 
NAP H6N  H N N 323 
NAP HOP2 H N N 324 
NAP HOP3 H N N 325 
OWG C10  C Y N 326 
OWG C12  C N N 327 
OWG C02  C Y N 328 
OWG C03  C Y N 329 
OWG C04  C N N 330 
OWG C05  C Y N 331 
OWG C06  C Y N 332 
OWG C07  C Y N 333 
OWG C09  C N N 334 
OWG C13  C Y N 335 
OWG C14  C N N 336 
OWG C15  C N N 337 
OWG C16  C N N 338 
OWG C19  C N N 339 
OWG C20  C N S 340 
OWG C24  C Y N 341 
OWG C25  C Y N 342 
OWG C26  C Y N 343 
OWG C27  C Y N 344 
OWG C28  C Y N 345 
OWG C29  C Y N 346 
OWG C31  C Y N 347 
OWG C32  C Y N 348 
OWG C34  C Y N 349 
OWG C46  C N N 350 
OWG C48  C N N 351 
OWG C69  C Y N 352 
OWG C72  C Y N 353 
OWG C75  C Y N 354 
OWG C78  C Y N 355 
OWG C80  C N N 356 
OWG C81  C Y N 357 
OWG C84  C Y N 358 
OWG N01  N N N 359 
OWG N17  N N N 360 
OWG N18  N N N 361 
OWG N33  N Y N 362 
OWG N35  N N N 363 
OWG N36  N Y N 364 
OWG O08  O N N 365 
OWG O11  O N N 366 
OWG O30  O N N 367 
OWG O45  O N N 368 
OWG O47  O N N 369 
OWG O79  O N N 370 
OWG H1   H N N 371 
OWG H2   H N N 372 
OWG H3   H N N 373 
OWG H4   H N N 374 
OWG H5   H N N 375 
OWG H6   H N N 376 
OWG H7   H N N 377 
OWG H8   H N N 378 
OWG H9   H N N 379 
OWG H10  H N N 380 
OWG H11  H N N 381 
OWG H12  H N N 382 
OWG H13  H N N 383 
OWG H14  H N N 384 
OWG H15  H N N 385 
OWG H16  H N N 386 
OWG H17  H N N 387 
OWG H18  H N N 388 
OWG H19  H N N 389 
OWG H20  H N N 390 
OWG H21  H N N 391 
OWG H22  H N N 392 
OWG H23  H N N 393 
OWG H24  H N N 394 
OWG H25  H N N 395 
OWG H26  H N N 396 
OWG H27  H N N 397 
OWG H28  H N N 398 
OWG H29  H N N 399 
OWG H30  H N N 400 
OWG H31  H N N 401 
OWG H32  H N N 402 
OWG H33  H N N 403 
OWG H34  H N N 404 
OWG H35  H N N 405 
OWG H36  H N N 406 
OWG H37  H N N 407 
OWG H38  H N N 408 
PHE N    N N N 409 
PHE CA   C N S 410 
PHE C    C N N 411 
PHE O    O N N 412 
PHE CB   C N N 413 
PHE CG   C Y N 414 
PHE CD1  C Y N 415 
PHE CD2  C Y N 416 
PHE CE1  C Y N 417 
PHE CE2  C Y N 418 
PHE CZ   C Y N 419 
PHE OXT  O N N 420 
PHE H    H N N 421 
PHE H2   H N N 422 
PHE HA   H N N 423 
PHE HB2  H N N 424 
PHE HB3  H N N 425 
PHE HD1  H N N 426 
PHE HD2  H N N 427 
PHE HE1  H N N 428 
PHE HE2  H N N 429 
PHE HZ   H N N 430 
PHE HXT  H N N 431 
PRO N    N N N 432 
PRO CA   C N S 433 
PRO C    C N N 434 
PRO O    O N N 435 
PRO CB   C N N 436 
PRO CG   C N N 437 
PRO CD   C N N 438 
PRO OXT  O N N 439 
PRO H    H N N 440 
PRO HA   H N N 441 
PRO HB2  H N N 442 
PRO HB3  H N N 443 
PRO HG2  H N N 444 
PRO HG3  H N N 445 
PRO HD2  H N N 446 
PRO HD3  H N N 447 
PRO HXT  H N N 448 
SER N    N N N 449 
SER CA   C N S 450 
SER C    C N N 451 
SER O    O N N 452 
SER CB   C N N 453 
SER OG   O N N 454 
SER OXT  O N N 455 
SER H    H N N 456 
SER H2   H N N 457 
SER HA   H N N 458 
SER HB2  H N N 459 
SER HB3  H N N 460 
SER HG   H N N 461 
SER HXT  H N N 462 
THR N    N N N 463 
THR CA   C N S 464 
THR C    C N N 465 
THR O    O N N 466 
THR CB   C N R 467 
THR OG1  O N N 468 
THR CG2  C N N 469 
THR OXT  O N N 470 
THR H    H N N 471 
THR H2   H N N 472 
THR HA   H N N 473 
THR HB   H N N 474 
THR HG1  H N N 475 
THR HG21 H N N 476 
THR HG22 H N N 477 
THR HG23 H N N 478 
THR HXT  H N N 479 
TRP N    N N N 480 
TRP CA   C N S 481 
TRP C    C N N 482 
TRP O    O N N 483 
TRP CB   C N N 484 
TRP CG   C Y N 485 
TRP CD1  C Y N 486 
TRP CD2  C Y N 487 
TRP NE1  N Y N 488 
TRP CE2  C Y N 489 
TRP CE3  C Y N 490 
TRP CZ2  C Y N 491 
TRP CZ3  C Y N 492 
TRP CH2  C Y N 493 
TRP OXT  O N N 494 
TRP H    H N N 495 
TRP H2   H N N 496 
TRP HA   H N N 497 
TRP HB2  H N N 498 
TRP HB3  H N N 499 
TRP HD1  H N N 500 
TRP HE1  H N N 501 
TRP HE3  H N N 502 
TRP HZ2  H N N 503 
TRP HZ3  H N N 504 
TRP HH2  H N N 505 
TRP HXT  H N N 506 
TYR N    N N N 507 
TYR CA   C N S 508 
TYR C    C N N 509 
TYR O    O N N 510 
TYR CB   C N N 511 
TYR CG   C Y N 512 
TYR CD1  C Y N 513 
TYR CD2  C Y N 514 
TYR CE1  C Y N 515 
TYR CE2  C Y N 516 
TYR CZ   C Y N 517 
TYR OH   O N N 518 
TYR OXT  O N N 519 
TYR H    H N N 520 
TYR H2   H N N 521 
TYR HA   H N N 522 
TYR HB2  H N N 523 
TYR HB3  H N N 524 
TYR HD1  H N N 525 
TYR HD2  H N N 526 
TYR HE1  H N N 527 
TYR HE2  H N N 528 
TYR HH   H N N 529 
TYR HXT  H N N 530 
VAL N    N N N 531 
VAL CA   C N S 532 
VAL C    C N N 533 
VAL O    O N N 534 
VAL CB   C N N 535 
VAL CG1  C N N 536 
VAL CG2  C N N 537 
VAL OXT  O N N 538 
VAL H    H N N 539 
VAL H2   H N N 540 
VAL HA   H N N 541 
VAL HB   H N N 542 
VAL HG11 H N N 543 
VAL HG12 H N N 544 
VAL HG13 H N N 545 
VAL HG21 H N N 546 
VAL HG22 H N N 547 
VAL HG23 H N N 548 
VAL HXT  H N N 549 
# 
loop_
_chem_comp_bond.comp_id 
_chem_comp_bond.atom_id_1 
_chem_comp_bond.atom_id_2 
_chem_comp_bond.value_order 
_chem_comp_bond.pdbx_aromatic_flag 
_chem_comp_bond.pdbx_stereo_config 
_chem_comp_bond.pdbx_ordinal 
ALA N   CA   sing N N 1   
ALA N   H    sing N N 2   
ALA N   H2   sing N N 3   
ALA CA  C    sing N N 4   
ALA CA  CB   sing N N 5   
ALA CA  HA   sing N N 6   
ALA C   O    doub N N 7   
ALA C   OXT  sing N N 8   
ALA CB  HB1  sing N N 9   
ALA CB  HB2  sing N N 10  
ALA CB  HB3  sing N N 11  
ALA OXT HXT  sing N N 12  
ARG N   CA   sing N N 13  
ARG N   H    sing N N 14  
ARG N   H2   sing N N 15  
ARG CA  C    sing N N 16  
ARG CA  CB   sing N N 17  
ARG CA  HA   sing N N 18  
ARG C   O    doub N N 19  
ARG C   OXT  sing N N 20  
ARG CB  CG   sing N N 21  
ARG CB  HB2  sing N N 22  
ARG CB  HB3  sing N N 23  
ARG CG  CD   sing N N 24  
ARG CG  HG2  sing N N 25  
ARG CG  HG3  sing N N 26  
ARG CD  NE   sing N N 27  
ARG CD  HD2  sing N N 28  
ARG CD  HD3  sing N N 29  
ARG NE  CZ   sing N N 30  
ARG NE  HE   sing N N 31  
ARG CZ  NH1  sing N N 32  
ARG CZ  NH2  doub N N 33  
ARG NH1 HH11 sing N N 34  
ARG NH1 HH12 sing N N 35  
ARG NH2 HH21 sing N N 36  
ARG NH2 HH22 sing N N 37  
ARG OXT HXT  sing N N 38  
ASN N   CA   sing N N 39  
ASN N   H    sing N N 40  
ASN N   H2   sing N N 41  
ASN CA  C    sing N N 42  
ASN CA  CB   sing N N 43  
ASN CA  HA   sing N N 44  
ASN C   O    doub N N 45  
ASN C   OXT  sing N N 46  
ASN CB  CG   sing N N 47  
ASN CB  HB2  sing N N 48  
ASN CB  HB3  sing N N 49  
ASN CG  OD1  doub N N 50  
ASN CG  ND2  sing N N 51  
ASN ND2 HD21 sing N N 52  
ASN ND2 HD22 sing N N 53  
ASN OXT HXT  sing N N 54  
ASP N   CA   sing N N 55  
ASP N   H    sing N N 56  
ASP N   H2   sing N N 57  
ASP CA  C    sing N N 58  
ASP CA  CB   sing N N 59  
ASP CA  HA   sing N N 60  
ASP C   O    doub N N 61  
ASP C   OXT  sing N N 62  
ASP CB  CG   sing N N 63  
ASP CB  HB2  sing N N 64  
ASP CB  HB3  sing N N 65  
ASP CG  OD1  doub N N 66  
ASP CG  OD2  sing N N 67  
ASP OD2 HD2  sing N N 68  
ASP OXT HXT  sing N N 69  
GLN N   CA   sing N N 70  
GLN N   H    sing N N 71  
GLN N   H2   sing N N 72  
GLN CA  C    sing N N 73  
GLN CA  CB   sing N N 74  
GLN CA  HA   sing N N 75  
GLN C   O    doub N N 76  
GLN C   OXT  sing N N 77  
GLN CB  CG   sing N N 78  
GLN CB  HB2  sing N N 79  
GLN CB  HB3  sing N N 80  
GLN CG  CD   sing N N 81  
GLN CG  HG2  sing N N 82  
GLN CG  HG3  sing N N 83  
GLN CD  OE1  doub N N 84  
GLN CD  NE2  sing N N 85  
GLN NE2 HE21 sing N N 86  
GLN NE2 HE22 sing N N 87  
GLN OXT HXT  sing N N 88  
GLU N   CA   sing N N 89  
GLU N   H    sing N N 90  
GLU N   H2   sing N N 91  
GLU CA  C    sing N N 92  
GLU CA  CB   sing N N 93  
GLU CA  HA   sing N N 94  
GLU C   O    doub N N 95  
GLU C   OXT  sing N N 96  
GLU CB  CG   sing N N 97  
GLU CB  HB2  sing N N 98  
GLU CB  HB3  sing N N 99  
GLU CG  CD   sing N N 100 
GLU CG  HG2  sing N N 101 
GLU CG  HG3  sing N N 102 
GLU CD  OE1  doub N N 103 
GLU CD  OE2  sing N N 104 
GLU OE2 HE2  sing N N 105 
GLU OXT HXT  sing N N 106 
GLY N   CA   sing N N 107 
GLY N   H    sing N N 108 
GLY N   H2   sing N N 109 
GLY CA  C    sing N N 110 
GLY CA  HA2  sing N N 111 
GLY CA  HA3  sing N N 112 
GLY C   O    doub N N 113 
GLY C   OXT  sing N N 114 
GLY OXT HXT  sing N N 115 
GOL C1  O1   sing N N 116 
GOL C1  C2   sing N N 117 
GOL C1  H11  sing N N 118 
GOL C1  H12  sing N N 119 
GOL O1  HO1  sing N N 120 
GOL C2  O2   sing N N 121 
GOL C2  C3   sing N N 122 
GOL C2  H2   sing N N 123 
GOL O2  HO2  sing N N 124 
GOL C3  O3   sing N N 125 
GOL C3  H31  sing N N 126 
GOL C3  H32  sing N N 127 
GOL O3  HO3  sing N N 128 
HIS N   CA   sing N N 129 
HIS N   H    sing N N 130 
HIS N   H2   sing N N 131 
HIS CA  C    sing N N 132 
HIS CA  CB   sing N N 133 
HIS CA  HA   sing N N 134 
HIS C   O    doub N N 135 
HIS C   OXT  sing N N 136 
HIS CB  CG   sing N N 137 
HIS CB  HB2  sing N N 138 
HIS CB  HB3  sing N N 139 
HIS CG  ND1  sing Y N 140 
HIS CG  CD2  doub Y N 141 
HIS ND1 CE1  doub Y N 142 
HIS ND1 HD1  sing N N 143 
HIS CD2 NE2  sing Y N 144 
HIS CD2 HD2  sing N N 145 
HIS CE1 NE2  sing Y N 146 
HIS CE1 HE1  sing N N 147 
HIS NE2 HE2  sing N N 148 
HIS OXT HXT  sing N N 149 
HOH O   H1   sing N N 150 
HOH O   H2   sing N N 151 
ILE N   CA   sing N N 152 
ILE N   H    sing N N 153 
ILE N   H2   sing N N 154 
ILE CA  C    sing N N 155 
ILE CA  CB   sing N N 156 
ILE CA  HA   sing N N 157 
ILE C   O    doub N N 158 
ILE C   OXT  sing N N 159 
ILE CB  CG1  sing N N 160 
ILE CB  CG2  sing N N 161 
ILE CB  HB   sing N N 162 
ILE CG1 CD1  sing N N 163 
ILE CG1 HG12 sing N N 164 
ILE CG1 HG13 sing N N 165 
ILE CG2 HG21 sing N N 166 
ILE CG2 HG22 sing N N 167 
ILE CG2 HG23 sing N N 168 
ILE CD1 HD11 sing N N 169 
ILE CD1 HD12 sing N N 170 
ILE CD1 HD13 sing N N 171 
ILE OXT HXT  sing N N 172 
LEU N   CA   sing N N 173 
LEU N   H    sing N N 174 
LEU N   H2   sing N N 175 
LEU CA  C    sing N N 176 
LEU CA  CB   sing N N 177 
LEU CA  HA   sing N N 178 
LEU C   O    doub N N 179 
LEU C   OXT  sing N N 180 
LEU CB  CG   sing N N 181 
LEU CB  HB2  sing N N 182 
LEU CB  HB3  sing N N 183 
LEU CG  CD1  sing N N 184 
LEU CG  CD2  sing N N 185 
LEU CG  HG   sing N N 186 
LEU CD1 HD11 sing N N 187 
LEU CD1 HD12 sing N N 188 
LEU CD1 HD13 sing N N 189 
LEU CD2 HD21 sing N N 190 
LEU CD2 HD22 sing N N 191 
LEU CD2 HD23 sing N N 192 
LEU OXT HXT  sing N N 193 
LYS N   CA   sing N N 194 
LYS N   H    sing N N 195 
LYS N   H2   sing N N 196 
LYS CA  C    sing N N 197 
LYS CA  CB   sing N N 198 
LYS CA  HA   sing N N 199 
LYS C   O    doub N N 200 
LYS C   OXT  sing N N 201 
LYS CB  CG   sing N N 202 
LYS CB  HB2  sing N N 203 
LYS CB  HB3  sing N N 204 
LYS CG  CD   sing N N 205 
LYS CG  HG2  sing N N 206 
LYS CG  HG3  sing N N 207 
LYS CD  CE   sing N N 208 
LYS CD  HD2  sing N N 209 
LYS CD  HD3  sing N N 210 
LYS CE  NZ   sing N N 211 
LYS CE  HE2  sing N N 212 
LYS CE  HE3  sing N N 213 
LYS NZ  HZ1  sing N N 214 
LYS NZ  HZ2  sing N N 215 
LYS NZ  HZ3  sing N N 216 
LYS OXT HXT  sing N N 217 
MET N   CA   sing N N 218 
MET N   H    sing N N 219 
MET N   H2   sing N N 220 
MET CA  C    sing N N 221 
MET CA  CB   sing N N 222 
MET CA  HA   sing N N 223 
MET C   O    doub N N 224 
MET C   OXT  sing N N 225 
MET CB  CG   sing N N 226 
MET CB  HB2  sing N N 227 
MET CB  HB3  sing N N 228 
MET CG  SD   sing N N 229 
MET CG  HG2  sing N N 230 
MET CG  HG3  sing N N 231 
MET SD  CE   sing N N 232 
MET CE  HE1  sing N N 233 
MET CE  HE2  sing N N 234 
MET CE  HE3  sing N N 235 
MET OXT HXT  sing N N 236 
NAP PA  O1A  doub N N 237 
NAP PA  O2A  sing N N 238 
NAP PA  O5B  sing N N 239 
NAP PA  O3   sing N N 240 
NAP O2A HOA2 sing N N 241 
NAP O5B C5B  sing N N 242 
NAP C5B C4B  sing N N 243 
NAP C5B H51A sing N N 244 
NAP C5B H52A sing N N 245 
NAP C4B O4B  sing N N 246 
NAP C4B C3B  sing N N 247 
NAP C4B H4B  sing N N 248 
NAP O4B C1B  sing N N 249 
NAP C3B O3B  sing N N 250 
NAP C3B C2B  sing N N 251 
NAP C3B H3B  sing N N 252 
NAP O3B HO3A sing N N 253 
NAP C2B O2B  sing N N 254 
NAP C2B C1B  sing N N 255 
NAP C2B H2B  sing N N 256 
NAP O2B P2B  sing N N 257 
NAP C1B N9A  sing N N 258 
NAP C1B H1B  sing N N 259 
NAP N9A C8A  sing Y N 260 
NAP N9A C4A  sing Y N 261 
NAP C8A N7A  doub Y N 262 
NAP C8A H8A  sing N N 263 
NAP N7A C5A  sing Y N 264 
NAP C5A C6A  sing Y N 265 
NAP C5A C4A  doub Y N 266 
NAP C6A N6A  sing N N 267 
NAP C6A N1A  doub Y N 268 
NAP N6A H61A sing N N 269 
NAP N6A H62A sing N N 270 
NAP N1A C2A  sing Y N 271 
NAP C2A N3A  doub Y N 272 
NAP C2A H2A  sing N N 273 
NAP N3A C4A  sing Y N 274 
NAP O3  PN   sing N N 275 
NAP PN  O1N  doub N N 276 
NAP PN  O2N  sing N N 277 
NAP PN  O5D  sing N N 278 
NAP O5D C5D  sing N N 279 
NAP C5D C4D  sing N N 280 
NAP C5D H51N sing N N 281 
NAP C5D H52N sing N N 282 
NAP C4D O4D  sing N N 283 
NAP C4D C3D  sing N N 284 
NAP C4D H4D  sing N N 285 
NAP O4D C1D  sing N N 286 
NAP C3D O3D  sing N N 287 
NAP C3D C2D  sing N N 288 
NAP C3D H3D  sing N N 289 
NAP O3D HO3N sing N N 290 
NAP C2D O2D  sing N N 291 
NAP C2D C1D  sing N N 292 
NAP C2D H2D  sing N N 293 
NAP O2D HO2N sing N N 294 
NAP C1D N1N  sing N N 295 
NAP C1D H1D  sing N N 296 
NAP N1N C2N  sing Y N 297 
NAP N1N C6N  doub Y N 298 
NAP C2N C3N  doub Y N 299 
NAP C2N H2N  sing N N 300 
NAP C3N C7N  sing N N 301 
NAP C3N C4N  sing Y N 302 
NAP C7N O7N  doub N N 303 
NAP C7N N7N  sing N N 304 
NAP N7N H71N sing N N 305 
NAP N7N H72N sing N N 306 
NAP C4N C5N  doub Y N 307 
NAP C4N H4N  sing N N 308 
NAP C5N C6N  sing Y N 309 
NAP C5N H5N  sing N N 310 
NAP C6N H6N  sing N N 311 
NAP P2B O1X  doub N N 312 
NAP P2B O2X  sing N N 313 
NAP P2B O3X  sing N N 314 
NAP O2X HOP2 sing N N 315 
NAP O3X HOP3 sing N N 316 
OWG C12 O11  sing N N 317 
OWG C09 O08  sing N N 318 
OWG O08 C07  sing N N 319 
OWG O11 C10  sing N N 320 
OWG C07 C10  doub Y N 321 
OWG C07 C06  sing Y N 322 
OWG C10 C13  sing Y N 323 
OWG C80 O79  sing N N 324 
OWG C06 C05  doub Y N 325 
OWG C78 C72  doub Y N 326 
OWG C78 C84  sing Y N 327 
OWG C13 C14  sing N N 328 
OWG C13 C31  doub Y N 329 
OWG C14 C15  sing N N 330 
OWG O79 C84  sing N N 331 
OWG C72 C69  sing Y N 332 
OWG C05 C31  sing Y N 333 
OWG C05 C04  sing N N 334 
OWG O30 C16  doub N N 335 
OWG C32 N33  doub Y N 336 
OWG C32 C03  sing Y N 337 
OWG C84 C81  doub Y N 338 
OWG N33 C34  sing Y N 339 
OWG C16 C15  sing N N 340 
OWG C16 N17  sing N N 341 
OWG C04 C03  sing N N 342 
OWG C03 C02  doub Y N 343 
OWG C34 N35  sing N N 344 
OWG C34 N36  doub Y N 345 
OWG C69 C20  sing N N 346 
OWG C69 C75  doub Y N 347 
OWG C81 C75  sing Y N 348 
OWG C20 N17  sing N N 349 
OWG C20 C24  sing N N 350 
OWG N17 N18  sing N N 351 
OWG C02 N36  sing Y N 352 
OWG C02 N01  sing N N 353 
OWG N18 C19  sing N N 354 
OWG C29 C24  doub Y N 355 
OWG C29 C28  sing Y N 356 
OWG C24 C25  sing Y N 357 
OWG C19 C25  sing N N 358 
OWG C25 C26  doub Y N 359 
OWG C46 O45  sing N N 360 
OWG C28 O45  sing N N 361 
OWG C28 C27  doub Y N 362 
OWG C26 C27  sing Y N 363 
OWG C27 O47  sing N N 364 
OWG O47 C48  sing N N 365 
OWG C12 H1   sing N N 366 
OWG C12 H2   sing N N 367 
OWG C12 H3   sing N N 368 
OWG C04 H4   sing N N 369 
OWG C04 H5   sing N N 370 
OWG C06 H6   sing N N 371 
OWG C09 H7   sing N N 372 
OWG C09 H8   sing N N 373 
OWG C09 H9   sing N N 374 
OWG C14 H10  sing N N 375 
OWG C14 H11  sing N N 376 
OWG C15 H12  sing N N 377 
OWG C15 H13  sing N N 378 
OWG C19 H14  sing N N 379 
OWG C19 H15  sing N N 380 
OWG C20 H16  sing N N 381 
OWG C26 H17  sing N N 382 
OWG C29 H18  sing N N 383 
OWG C31 H19  sing N N 384 
OWG C32 H20  sing N N 385 
OWG C46 H21  sing N N 386 
OWG C46 H22  sing N N 387 
OWG C46 H23  sing N N 388 
OWG C48 H24  sing N N 389 
OWG C48 H25  sing N N 390 
OWG C48 H26  sing N N 391 
OWG C72 H27  sing N N 392 
OWG C75 H28  sing N N 393 
OWG C78 H29  sing N N 394 
OWG C80 H30  sing N N 395 
OWG C80 H31  sing N N 396 
OWG C80 H32  sing N N 397 
OWG C81 H33  sing N N 398 
OWG N01 H34  sing N N 399 
OWG N01 H35  sing N N 400 
OWG N18 H36  sing N N 401 
OWG N35 H37  sing N N 402 
OWG N35 H38  sing N N 403 
PHE N   CA   sing N N 404 
PHE N   H    sing N N 405 
PHE N   H2   sing N N 406 
PHE CA  C    sing N N 407 
PHE CA  CB   sing N N 408 
PHE CA  HA   sing N N 409 
PHE C   O    doub N N 410 
PHE C   OXT  sing N N 411 
PHE CB  CG   sing N N 412 
PHE CB  HB2  sing N N 413 
PHE CB  HB3  sing N N 414 
PHE CG  CD1  doub Y N 415 
PHE CG  CD2  sing Y N 416 
PHE CD1 CE1  sing Y N 417 
PHE CD1 HD1  sing N N 418 
PHE CD2 CE2  doub Y N 419 
PHE CD2 HD2  sing N N 420 
PHE CE1 CZ   doub Y N 421 
PHE CE1 HE1  sing N N 422 
PHE CE2 CZ   sing Y N 423 
PHE CE2 HE2  sing N N 424 
PHE CZ  HZ   sing N N 425 
PHE OXT HXT  sing N N 426 
PRO N   CA   sing N N 427 
PRO N   CD   sing N N 428 
PRO N   H    sing N N 429 
PRO CA  C    sing N N 430 
PRO CA  CB   sing N N 431 
PRO CA  HA   sing N N 432 
PRO C   O    doub N N 433 
PRO C   OXT  sing N N 434 
PRO CB  CG   sing N N 435 
PRO CB  HB2  sing N N 436 
PRO CB  HB3  sing N N 437 
PRO CG  CD   sing N N 438 
PRO CG  HG2  sing N N 439 
PRO CG  HG3  sing N N 440 
PRO CD  HD2  sing N N 441 
PRO CD  HD3  sing N N 442 
PRO OXT HXT  sing N N 443 
SER N   CA   sing N N 444 
SER N   H    sing N N 445 
SER N   H2   sing N N 446 
SER CA  C    sing N N 447 
SER CA  CB   sing N N 448 
SER CA  HA   sing N N 449 
SER C   O    doub N N 450 
SER C   OXT  sing N N 451 
SER CB  OG   sing N N 452 
SER CB  HB2  sing N N 453 
SER CB  HB3  sing N N 454 
SER OG  HG   sing N N 455 
SER OXT HXT  sing N N 456 
THR N   CA   sing N N 457 
THR N   H    sing N N 458 
THR N   H2   sing N N 459 
THR CA  C    sing N N 460 
THR CA  CB   sing N N 461 
THR CA  HA   sing N N 462 
THR C   O    doub N N 463 
THR C   OXT  sing N N 464 
THR CB  OG1  sing N N 465 
THR CB  CG2  sing N N 466 
THR CB  HB   sing N N 467 
THR OG1 HG1  sing N N 468 
THR CG2 HG21 sing N N 469 
THR CG2 HG22 sing N N 470 
THR CG2 HG23 sing N N 471 
THR OXT HXT  sing N N 472 
TRP N   CA   sing N N 473 
TRP N   H    sing N N 474 
TRP N   H2   sing N N 475 
TRP CA  C    sing N N 476 
TRP CA  CB   sing N N 477 
TRP CA  HA   sing N N 478 
TRP C   O    doub N N 479 
TRP C   OXT  sing N N 480 
TRP CB  CG   sing N N 481 
TRP CB  HB2  sing N N 482 
TRP CB  HB3  sing N N 483 
TRP CG  CD1  doub Y N 484 
TRP CG  CD2  sing Y N 485 
TRP CD1 NE1  sing Y N 486 
TRP CD1 HD1  sing N N 487 
TRP CD2 CE2  doub Y N 488 
TRP CD2 CE3  sing Y N 489 
TRP NE1 CE2  sing Y N 490 
TRP NE1 HE1  sing N N 491 
TRP CE2 CZ2  sing Y N 492 
TRP CE3 CZ3  doub Y N 493 
TRP CE3 HE3  sing N N 494 
TRP CZ2 CH2  doub Y N 495 
TRP CZ2 HZ2  sing N N 496 
TRP CZ3 CH2  sing Y N 497 
TRP CZ3 HZ3  sing N N 498 
TRP CH2 HH2  sing N N 499 
TRP OXT HXT  sing N N 500 
TYR N   CA   sing N N 501 
TYR N   H    sing N N 502 
TYR N   H2   sing N N 503 
TYR CA  C    sing N N 504 
TYR CA  CB   sing N N 505 
TYR CA  HA   sing N N 506 
TYR C   O    doub N N 507 
TYR C   OXT  sing N N 508 
TYR CB  CG   sing N N 509 
TYR CB  HB2  sing N N 510 
TYR CB  HB3  sing N N 511 
TYR CG  CD1  doub Y N 512 
TYR CG  CD2  sing Y N 513 
TYR CD1 CE1  sing Y N 514 
TYR CD1 HD1  sing N N 515 
TYR CD2 CE2  doub Y N 516 
TYR CD2 HD2  sing N N 517 
TYR CE1 CZ   doub Y N 518 
TYR CE1 HE1  sing N N 519 
TYR CE2 CZ   sing Y N 520 
TYR CE2 HE2  sing N N 521 
TYR CZ  OH   sing N N 522 
TYR OH  HH   sing N N 523 
TYR OXT HXT  sing N N 524 
VAL N   CA   sing N N 525 
VAL N   H    sing N N 526 
VAL N   H2   sing N N 527 
VAL CA  C    sing N N 528 
VAL CA  CB   sing N N 529 
VAL CA  HA   sing N N 530 
VAL C   O    doub N N 531 
VAL C   OXT  sing N N 532 
VAL CB  CG1  sing N N 533 
VAL CB  CG2  sing N N 534 
VAL CB  HB   sing N N 535 
VAL CG1 HG11 sing N N 536 
VAL CG1 HG12 sing N N 537 
VAL CG1 HG13 sing N N 538 
VAL CG2 HG21 sing N N 539 
VAL CG2 HG22 sing N N 540 
VAL CG2 HG23 sing N N 541 
VAL OXT HXT  sing N N 542 
# 
_pdbx_audit_support.funding_organization   
'National Institutes of Health/National Institute Of Allergy and Infectious Diseases (NIH/NIAID)' 
_pdbx_audit_support.country                'United States' 
_pdbx_audit_support.grant_number           R01-AI090685-01 
_pdbx_audit_support.ordinal                1 
# 
_pdbx_entity_instance_feature.ordinal        1 
_pdbx_entity_instance_feature.comp_id        OWG 
_pdbx_entity_instance_feature.asym_id        ? 
_pdbx_entity_instance_feature.seq_num        ? 
_pdbx_entity_instance_feature.auth_comp_id   OWG 
_pdbx_entity_instance_feature.auth_asym_id   ? 
_pdbx_entity_instance_feature.auth_seq_num   ? 
_pdbx_entity_instance_feature.feature_type   'SUBJECT OF INVESTIGATION' 
_pdbx_entity_instance_feature.details        ? 
# 
loop_
_pdbx_entity_nonpoly.entity_id 
_pdbx_entity_nonpoly.name 
_pdbx_entity_nonpoly.comp_id 
2 GLYCEROL GOL 
3 
;3-{5-[(2,4-diaminopyrimidin-5-yl)methyl]-2,3-dimethoxyphenyl}-1-[(1S)-6,7-dimethoxy-1-(4-methoxyphenyl)-3,4-dihydrophthalazin-2(1H)-yl]propan-1-one
;
OWG 
4 'NADP NICOTINAMIDE-ADENINE-DINUCLEOTIDE PHOSPHATE' NAP 
5 water HOH 
# 
_pdbx_initial_refinement_model.id               1 
_pdbx_initial_refinement_model.entity_id_list   ? 
_pdbx_initial_refinement_model.type             'experimental model' 
_pdbx_initial_refinement_model.source_name      PDB 
_pdbx_initial_refinement_model.accession_code   3M08 
_pdbx_initial_refinement_model.details          ? 
# 
_pdbx_struct_assembly_auth_evidence.id                     1 
_pdbx_struct_assembly_auth_evidence.assembly_id            1 
_pdbx_struct_assembly_auth_evidence.experimental_support   none 
_pdbx_struct_assembly_auth_evidence.details                ? 
# 
_space_group.name_H-M_alt     'P 61 2 2' 
_space_group.name_Hall        'P 61 2 (x,y,z+5/12)' 
_space_group.IT_number        178 
_space_group.crystal_system   hexagonal 
_space_group.id               1 
# 
